data_5GOO
#
_entry.id   5GOO
#
_cell.length_a   96.772
_cell.length_b   177.927
_cell.length_c   181.557
_cell.angle_alpha   90.00
_cell.angle_beta   90.00
_cell.angle_gamma   90.00
#
_symmetry.space_group_name_H-M   'C 2 2 21'
#
loop_
_entity.id
_entity.type
_entity.pdbx_description
1 polymer 'Alkaline Invertase'
2 non-polymer beta-D-fructofuranose
3 non-polymer GLYCEROL
4 water water
#
_entity_poly.entity_id   1
_entity_poly.type   'polypeptide(L)'
_entity_poly.pdbx_seq_one_letter_code
;(MSE)GHHHHHH(MSE)KSLRETESWKLLESSIIYYEGNPIGTVAAQDPELAALNYDQCFLRDFVPSAFVFL(MSE)DGQ
TDIVRNFLIETLTLQSHEKE(MSE)DCFQPGAGL(MSE)PASFKVESDGSKEYLVADFGEKAIARVPPVDSC(MSE)WWI
LLLRAYEKATGDLTLAREPKFQAGIKLILDLCLAHRFS(MSE)YPT(MSE)LVPDGAF(MSE)IDRR(MSE)GVYEHPLE
IQVLFYAALRAARELLLPDGDGEQYLNKVHGRLGALQYHIRNYYWVDLKRLREIYRYKGNEFGKEIANKFNIFSQSIPDW
VIEWLPEKGGYLAGNLGPGR(MSE)DFRFFALGNL(MSE)AILAGLASEEESQRI(MSE)NLFAHRWEDLIGY(MSE)PV
KICYPALQGLEWQIVTGCDPKNIPWSYHNGGNWPVLLWLFTAAALKTGKVELAHEAIAIAEGRLSNDKFPEYYDGNNGRL
IGKEARIYQTWSIAGLLVAKQFLANPDHVEFISFPDT
;
_entity_poly.pdbx_strand_id   A,B,C
#
loop_
_chem_comp.id
_chem_comp.type
_chem_comp.name
_chem_comp.formula
FRU D-saccharide, beta linking beta-D-fructofuranose 'C6 H12 O6'
GOL non-polymer GLYCEROL 'C3 H8 O3'
#
# COMPACT_ATOMS: atom_id res chain seq x y z
N SER A 11 -49.60 -6.57 -36.05
CA SER A 11 -50.89 -6.11 -35.43
C SER A 11 -50.77 -6.05 -33.92
N LEU A 12 -50.59 -4.85 -33.40
CA LEU A 12 -50.42 -4.60 -31.95
C LEU A 12 -51.56 -5.21 -31.12
N ARG A 13 -52.79 -4.91 -31.50
CA ARG A 13 -53.96 -5.23 -30.68
C ARG A 13 -54.29 -6.73 -30.57
N GLU A 14 -53.60 -7.54 -31.37
CA GLU A 14 -53.80 -8.99 -31.37
C GLU A 14 -52.82 -9.76 -30.47
N THR A 15 -51.71 -9.13 -30.09
CA THR A 15 -50.67 -9.82 -29.32
C THR A 15 -51.09 -10.13 -27.89
N GLU A 16 -50.39 -11.10 -27.28
CA GLU A 16 -50.57 -11.46 -25.87
C GLU A 16 -50.35 -10.24 -24.96
N SER A 17 -49.26 -9.51 -25.20
CA SER A 17 -48.87 -8.38 -24.34
C SER A 17 -49.94 -7.29 -24.29
N TRP A 18 -50.54 -6.99 -25.44
CA TRP A 18 -51.61 -6.02 -25.50
C TRP A 18 -52.75 -6.38 -24.56
N LYS A 19 -53.17 -7.64 -24.58
CA LYS A 19 -54.26 -8.09 -23.69
C LYS A 19 -53.80 -8.13 -22.23
N LEU A 20 -52.56 -8.51 -21.99
CA LEU A 20 -51.99 -8.43 -20.64
C LEU A 20 -52.05 -6.99 -20.12
N LEU A 21 -51.69 -6.04 -20.98
CA LEU A 21 -51.78 -4.61 -20.63
C LEU A 21 -53.22 -4.18 -20.32
N GLU A 22 -54.16 -4.57 -21.17
CA GLU A 22 -55.57 -4.25 -20.94
C GLU A 22 -56.08 -4.77 -19.61
N SER A 23 -55.64 -5.98 -19.26
CA SER A 23 -56.03 -6.63 -18.01
C SER A 23 -55.61 -5.80 -16.78
N SER A 24 -54.58 -4.98 -16.93
CA SER A 24 -54.05 -4.17 -15.82
C SER A 24 -54.80 -2.87 -15.59
N ILE A 25 -55.68 -2.51 -16.52
CA ILE A 25 -56.35 -1.21 -16.49
C ILE A 25 -57.26 -1.06 -15.28
N ILE A 26 -57.20 0.12 -14.66
CA ILE A 26 -58.03 0.47 -13.51
C ILE A 26 -59.17 1.37 -13.98
N TYR A 27 -60.40 0.98 -13.68
CA TYR A 27 -61.57 1.75 -14.07
C TYR A 27 -62.12 2.56 -12.91
N TYR A 28 -62.54 3.78 -13.19
CA TYR A 28 -63.10 4.68 -12.17
C TYR A 28 -64.36 5.33 -12.74
N GLU A 29 -65.48 5.07 -12.08
CA GLU A 29 -66.81 5.49 -12.56
C GLU A 29 -67.00 5.15 -14.03
N GLY A 30 -66.66 3.91 -14.38
CA GLY A 30 -66.83 3.38 -15.73
C GLY A 30 -65.78 3.78 -16.76
N ASN A 31 -64.86 4.67 -16.36
CA ASN A 31 -63.81 5.15 -17.28
C ASN A 31 -62.41 4.64 -16.89
N PRO A 32 -61.56 4.38 -17.89
CA PRO A 32 -60.19 3.93 -17.63
C PRO A 32 -59.31 5.12 -17.23
N ILE A 33 -58.60 4.99 -16.10
CA ILE A 33 -57.80 6.11 -15.56
C ILE A 33 -56.34 5.77 -15.24
N GLY A 34 -55.94 4.52 -15.46
CA GLY A 34 -54.60 4.08 -15.10
C GLY A 34 -54.45 2.58 -15.17
N THR A 35 -53.27 2.11 -14.75
CA THR A 35 -52.94 0.68 -14.74
C THR A 35 -52.29 0.32 -13.41
N VAL A 36 -52.61 -0.86 -12.87
CA VAL A 36 -51.94 -1.35 -11.67
C VAL A 36 -50.46 -1.58 -11.95
N ALA A 37 -49.63 -1.55 -10.90
CA ALA A 37 -48.19 -1.79 -11.05
C ALA A 37 -47.92 -3.24 -11.47
N ALA A 38 -48.71 -4.17 -10.94
CA ALA A 38 -48.54 -5.59 -11.23
C ALA A 38 -49.83 -6.37 -11.01
N GLN A 39 -49.97 -7.46 -11.76
CA GLN A 39 -51.11 -8.36 -11.63
C GLN A 39 -50.67 -9.68 -10.99
N ASP A 40 -49.71 -9.59 -10.08
CA ASP A 40 -49.20 -10.76 -9.39
C ASP A 40 -50.34 -11.34 -8.56
N PRO A 41 -50.66 -12.63 -8.78
CA PRO A 41 -51.77 -13.22 -8.04
C PRO A 41 -51.46 -13.49 -6.57
N GLU A 42 -50.20 -13.71 -6.24
CA GLU A 42 -49.83 -14.28 -4.93
C GLU A 42 -49.24 -13.30 -3.92
N LEU A 43 -48.26 -12.50 -4.34
CA LEU A 43 -47.57 -11.63 -3.40
C LEU A 43 -48.51 -10.64 -2.74
N ALA A 44 -48.19 -10.25 -1.51
CA ALA A 44 -49.01 -9.30 -0.77
C ALA A 44 -49.16 -8.08 -1.65
N ALA A 45 -50.39 -7.58 -1.73
CA ALA A 45 -50.65 -6.46 -2.62
C ALA A 45 -49.69 -5.32 -2.29
N LEU A 46 -49.56 -4.99 -1.00
CA LEU A 46 -48.69 -3.90 -0.58
C LEU A 46 -49.16 -2.66 -1.34
N ASN A 47 -48.28 -2.00 -2.09
CA ASN A 47 -48.69 -0.89 -2.93
C ASN A 47 -48.65 -1.23 -4.43
N TYR A 48 -48.52 -2.52 -4.75
CA TYR A 48 -48.45 -2.96 -6.15
C TYR A 48 -49.83 -3.00 -6.85
N ASP A 49 -50.89 -2.81 -6.09
CA ASP A 49 -52.24 -2.68 -6.65
C ASP A 49 -52.60 -1.21 -6.97
N GLN A 50 -51.59 -0.33 -6.97
CA GLN A 50 -51.80 1.07 -7.27
C GLN A 50 -51.22 1.47 -8.62
N CYS A 51 -51.76 2.55 -9.18
CA CYS A 51 -51.20 3.14 -10.38
C CYS A 51 -50.14 4.17 -9.99
N PHE A 52 -48.88 3.85 -10.26
CA PHE A 52 -47.77 4.78 -10.02
C PHE A 52 -47.64 5.70 -11.20
N LEU A 53 -47.37 6.97 -10.94
CA LEU A 53 -47.21 7.94 -12.00
C LEU A 53 -46.04 7.58 -12.92
N ARG A 54 -44.89 7.22 -12.34
CA ARG A 54 -43.74 6.77 -13.15
C ARG A 54 -44.06 5.51 -13.96
N ASP A 55 -44.73 4.55 -13.34
CA ASP A 55 -45.05 3.29 -14.04
C ASP A 55 -46.00 3.50 -15.20
N PHE A 56 -46.93 4.44 -15.05
CA PHE A 56 -47.94 4.66 -16.09
C PHE A 56 -47.36 5.18 -17.39
N VAL A 57 -46.18 5.80 -17.35
CA VAL A 57 -45.61 6.45 -18.54
C VAL A 57 -45.44 5.47 -19.73
N PRO A 58 -44.80 4.31 -19.51
CA PRO A 58 -44.72 3.38 -20.63
C PRO A 58 -46.09 2.84 -21.07
N SER A 59 -46.99 2.58 -20.12
CA SER A 59 -48.36 2.20 -20.45
C SER A 59 -48.99 3.26 -21.36
N ALA A 60 -48.95 4.51 -20.90
CA ALA A 60 -49.46 5.64 -21.66
C ALA A 60 -48.99 5.61 -23.10
N PHE A 61 -47.68 5.47 -23.28
CA PHE A 61 -47.06 5.44 -24.61
C PHE A 61 -47.64 4.38 -25.54
N VAL A 62 -47.92 3.20 -25.00
CA VAL A 62 -48.57 2.14 -25.76
C VAL A 62 -49.94 2.62 -26.26
N PHE A 63 -50.73 3.21 -25.35
CA PHE A 63 -52.07 3.68 -25.70
C PHE A 63 -52.06 4.89 -26.63
N LEU A 64 -51.05 5.73 -26.53
CA LEU A 64 -50.90 6.87 -27.44
C LEU A 64 -50.52 6.43 -28.86
N MSE A 65 -49.61 5.47 -28.96
CA MSE A 65 -49.17 4.97 -30.28
C MSE A 65 -50.23 4.08 -30.90
O MSE A 65 -50.27 3.93 -32.12
CB MSE A 65 -47.81 4.31 -30.14
CG MSE A 65 -46.75 5.39 -29.93
SE MSE A 65 -44.91 4.69 -30.00
CE MSE A 65 -45.20 3.47 -28.49
N ASP A 66 -51.09 3.50 -30.07
CA ASP A 66 -52.24 2.75 -30.57
C ASP A 66 -53.33 3.66 -31.14
N GLY A 67 -53.44 4.87 -30.59
CA GLY A 67 -54.43 5.86 -31.05
C GLY A 67 -55.64 6.01 -30.16
N GLN A 68 -55.82 5.05 -29.26
CA GLN A 68 -56.91 5.10 -28.29
C GLN A 68 -56.20 5.90 -27.22
N THR A 69 -56.81 6.98 -26.76
CA THR A 69 -56.10 7.81 -25.78
C THR A 69 -56.93 8.39 -24.63
N ASP A 70 -58.18 7.96 -24.49
CA ASP A 70 -59.02 8.42 -23.38
C ASP A 70 -58.37 8.14 -22.01
N ILE A 71 -57.73 6.99 -21.89
CA ILE A 71 -57.11 6.58 -20.62
C ILE A 71 -56.01 7.55 -20.18
N VAL A 72 -55.20 8.03 -21.12
CA VAL A 72 -54.09 8.93 -20.83
C VAL A 72 -54.65 10.30 -20.44
N ARG A 73 -55.59 10.78 -21.22
CA ARG A 73 -56.32 12.00 -20.91
C ARG A 73 -56.94 11.94 -19.50
N ASN A 74 -57.64 10.84 -19.22
CA ASN A 74 -58.29 10.66 -17.91
C ASN A 74 -57.28 10.63 -16.77
N PHE A 75 -56.19 9.92 -16.98
CA PHE A 75 -55.07 9.88 -16.02
C PHE A 75 -54.58 11.28 -15.68
N LEU A 76 -54.33 12.08 -16.70
CA LEU A 76 -53.80 13.44 -16.50
C LEU A 76 -54.78 14.33 -15.74
N ILE A 77 -56.07 14.22 -16.06
CA ILE A 77 -57.11 14.96 -15.35
C ILE A 77 -57.17 14.58 -13.87
N GLU A 78 -57.25 13.28 -13.60
CA GLU A 78 -57.41 12.80 -12.23
C GLU A 78 -56.18 13.03 -11.36
N THR A 79 -54.99 12.90 -11.94
CA THR A 79 -53.76 13.21 -11.20
C THR A 79 -53.63 14.70 -10.92
N LEU A 80 -54.13 15.55 -11.83
CA LEU A 80 -54.16 16.99 -11.60
C LEU A 80 -55.09 17.33 -10.44
N THR A 81 -56.26 16.67 -10.41
CA THR A 81 -57.18 16.83 -9.29
C THR A 81 -56.51 16.42 -7.97
N LEU A 82 -55.76 15.31 -7.99
CA LEU A 82 -55.06 14.83 -6.79
C LEU A 82 -54.04 15.87 -6.28
N GLN A 83 -53.38 16.58 -7.18
CA GLN A 83 -52.47 17.67 -6.79
C GLN A 83 -53.10 18.67 -5.81
N SER A 84 -54.41 18.90 -5.95
CA SER A 84 -55.13 19.83 -5.06
C SER A 84 -55.74 19.14 -3.82
N HIS A 85 -55.50 17.83 -3.69
CA HIS A 85 -55.96 17.08 -2.51
C HIS A 85 -55.21 17.48 -1.26
N GLU A 86 -55.81 17.19 -0.11
CA GLU A 86 -55.16 17.43 1.18
C GLU A 86 -54.11 16.37 1.38
N LYS A 87 -52.93 16.81 1.83
CA LYS A 87 -51.80 15.92 2.05
C LYS A 87 -51.12 16.37 3.34
N GLU A 88 -50.99 15.46 4.29
CA GLU A 88 -50.28 15.82 5.52
C GLU A 88 -49.75 14.63 6.31
N MSE A 89 -48.73 14.91 7.10
CA MSE A 89 -48.18 13.98 8.08
C MSE A 89 -47.97 14.77 9.34
O MSE A 89 -47.28 15.79 9.31
CB MSE A 89 -46.88 13.39 7.57
CG MSE A 89 -46.31 12.35 8.55
SE MSE A 89 -44.80 11.42 7.70
CE MSE A 89 -43.34 12.54 8.42
N ASP A 90 -48.59 14.33 10.42
CA ASP A 90 -48.52 15.02 11.73
C ASP A 90 -48.86 16.51 11.60
N CYS A 91 -49.85 16.81 10.76
CA CYS A 91 -50.34 18.17 10.55
C CYS A 91 -49.25 19.13 10.03
N PHE A 92 -48.50 18.66 9.03
CA PHE A 92 -47.61 19.52 8.26
C PHE A 92 -47.82 19.19 6.77
N GLN A 93 -47.84 20.24 5.95
CA GLN A 93 -48.10 20.09 4.52
C GLN A 93 -46.85 20.37 3.69
N PRO A 94 -46.65 19.59 2.63
CA PRO A 94 -45.61 19.87 1.64
C PRO A 94 -46.03 20.96 0.64
N GLY A 95 -45.17 21.23 -0.34
CA GLY A 95 -45.47 22.20 -1.40
C GLY A 95 -46.71 21.80 -2.18
N ALA A 96 -47.52 22.78 -2.54
CA ALA A 96 -48.82 22.53 -3.19
C ALA A 96 -48.71 21.83 -4.55
N GLY A 97 -47.60 22.03 -5.25
CA GLY A 97 -47.40 21.42 -6.58
C GLY A 97 -47.11 19.93 -6.59
N LEU A 98 -46.83 19.35 -5.42
CA LEU A 98 -46.44 17.95 -5.30
C LEU A 98 -47.43 16.98 -5.95
N MSE A 99 -46.92 16.13 -6.85
CA MSE A 99 -47.70 15.04 -7.44
C MSE A 99 -47.47 13.79 -6.64
O MSE A 99 -46.39 13.60 -6.06
CB MSE A 99 -47.29 14.83 -8.89
CG MSE A 99 -47.84 15.94 -9.79
SE MSE A 99 -49.78 15.69 -10.04
CE MSE A 99 -50.01 17.27 -11.20
N PRO A 100 -48.48 12.90 -6.59
CA PRO A 100 -48.34 11.68 -5.78
C PRO A 100 -47.47 10.61 -6.42
N ALA A 101 -47.01 9.66 -5.59
CA ALA A 101 -46.28 8.50 -6.08
C ALA A 101 -47.23 7.59 -6.86
N SER A 102 -48.37 7.31 -6.23
CA SER A 102 -49.33 6.37 -6.76
C SER A 102 -50.74 6.67 -6.27
N PHE A 103 -51.72 6.01 -6.87
CA PHE A 103 -53.11 6.11 -6.44
C PHE A 103 -53.88 4.83 -6.76
N LYS A 104 -55.02 4.66 -6.09
CA LYS A 104 -55.94 3.56 -6.40
C LYS A 104 -57.38 3.96 -6.10
N VAL A 105 -58.31 3.21 -6.67
CA VAL A 105 -59.73 3.43 -6.47
C VAL A 105 -60.21 2.64 -5.26
N GLU A 106 -60.98 3.28 -4.41
CA GLU A 106 -61.57 2.63 -3.24
C GLU A 106 -63.07 2.85 -3.29
N SER A 107 -63.81 1.98 -2.61
CA SER A 107 -65.27 2.07 -2.63
C SER A 107 -65.88 2.17 -1.23
N ASP A 108 -66.64 3.25 -1.05
CA ASP A 108 -67.48 3.42 0.12
C ASP A 108 -68.87 3.03 -0.34
N GLY A 109 -69.26 1.79 -0.07
CA GLY A 109 -70.54 1.29 -0.56
C GLY A 109 -70.57 1.43 -2.07
N SER A 110 -71.63 2.07 -2.58
CA SER A 110 -71.77 2.28 -4.02
C SER A 110 -70.76 3.26 -4.61
N LYS A 111 -70.48 4.33 -3.87
CA LYS A 111 -69.63 5.42 -4.37
C LYS A 111 -68.13 5.09 -4.43
N GLU A 112 -67.49 5.51 -5.51
CA GLU A 112 -66.05 5.33 -5.70
C GLU A 112 -65.30 6.63 -5.42
N TYR A 113 -64.05 6.49 -4.98
CA TYR A 113 -63.18 7.65 -4.76
C TYR A 113 -61.70 7.27 -4.87
N LEU A 114 -60.87 8.27 -5.18
CA LEU A 114 -59.43 8.06 -5.33
C LEU A 114 -58.66 8.31 -4.04
N VAL A 115 -57.80 7.36 -3.68
CA VAL A 115 -56.88 7.50 -2.56
C VAL A 115 -55.46 7.52 -3.14
N ALA A 116 -54.65 8.44 -2.62
CA ALA A 116 -53.32 8.71 -3.17
C ALA A 116 -52.26 8.56 -2.10
N ASP A 117 -51.04 8.28 -2.55
CA ASP A 117 -49.83 8.29 -1.73
C ASP A 117 -48.92 9.42 -2.22
N PHE A 118 -48.80 10.47 -1.42
CA PHE A 118 -47.88 11.57 -1.72
C PHE A 118 -46.55 11.41 -0.99
N GLY A 119 -46.34 10.27 -0.34
CA GLY A 119 -45.17 10.06 0.51
C GLY A 119 -45.51 9.87 1.98
N GLU A 120 -46.78 10.14 2.32
CA GLU A 120 -47.26 9.98 3.70
C GLU A 120 -47.71 8.55 4.02
N LYS A 121 -47.90 7.73 2.99
CA LYS A 121 -48.18 6.29 3.15
C LYS A 121 -46.96 5.45 2.78
N ALA A 122 -46.11 6.01 1.92
CA ALA A 122 -44.96 5.33 1.35
C ALA A 122 -44.03 4.69 2.39
N ILE A 123 -43.46 3.56 2.00
CA ILE A 123 -42.41 2.90 2.78
C ILE A 123 -41.24 3.88 2.91
N ALA A 124 -40.77 4.07 4.13
CA ALA A 124 -39.69 5.02 4.47
C ALA A 124 -40.05 6.50 4.27
N ARG A 125 -41.32 6.79 3.98
CA ARG A 125 -41.79 8.15 3.68
C ARG A 125 -40.95 8.85 2.59
N VAL A 126 -40.57 8.10 1.57
CA VAL A 126 -39.79 8.66 0.46
C VAL A 126 -40.65 9.62 -0.35
N PRO A 127 -40.07 10.75 -0.79
CA PRO A 127 -40.83 11.71 -1.59
C PRO A 127 -40.79 11.34 -3.07
N PRO A 128 -41.95 11.38 -3.76
CA PRO A 128 -41.99 11.01 -5.17
C PRO A 128 -41.61 12.19 -6.05
N VAL A 129 -40.35 12.59 -5.99
CA VAL A 129 -39.90 13.81 -6.63
C VAL A 129 -40.00 13.72 -8.17
N ASP A 130 -39.71 12.54 -8.70
CA ASP A 130 -39.77 12.31 -10.14
C ASP A 130 -41.21 12.31 -10.70
N SER A 131 -42.20 12.08 -9.85
CA SER A 131 -43.60 12.00 -10.29
C SER A 131 -44.07 13.26 -11.03
N CYS A 132 -43.78 14.43 -10.47
CA CYS A 132 -44.22 15.68 -11.07
C CYS A 132 -43.50 15.96 -12.38
N MSE A 133 -42.25 15.52 -12.47
CA MSE A 133 -41.49 15.66 -13.72
C MSE A 133 -42.07 14.75 -14.79
O MSE A 133 -42.30 15.20 -15.91
CB MSE A 133 -40.01 15.39 -13.48
CG MSE A 133 -39.40 16.60 -12.78
SE MSE A 133 -37.84 16.02 -11.75
CE MSE A 133 -38.14 17.33 -10.32
N TRP A 134 -42.34 13.49 -14.45
CA TRP A 134 -42.96 12.56 -15.41
C TRP A 134 -44.34 13.05 -15.85
N TRP A 135 -45.09 13.65 -14.93
CA TRP A 135 -46.41 14.19 -15.24
C TRP A 135 -46.31 15.23 -16.36
N ILE A 136 -45.41 16.19 -16.20
CA ILE A 136 -45.17 17.21 -17.23
C ILE A 136 -44.74 16.57 -18.56
N LEU A 137 -43.81 15.62 -18.48
CA LEU A 137 -43.31 14.97 -19.69
C LEU A 137 -44.41 14.19 -20.40
N LEU A 138 -45.29 13.58 -19.61
CA LEU A 138 -46.41 12.84 -20.18
C LEU A 138 -47.45 13.78 -20.81
N LEU A 139 -47.72 14.89 -20.13
CA LEU A 139 -48.65 15.89 -20.68
C LEU A 139 -48.16 16.36 -22.06
N ARG A 140 -46.87 16.68 -22.17
CA ARG A 140 -46.29 17.03 -23.46
C ARG A 140 -46.41 15.87 -24.46
N ALA A 141 -46.11 14.65 -24.01
CA ALA A 141 -46.17 13.50 -24.89
C ALA A 141 -47.59 13.26 -25.43
N TYR A 142 -48.57 13.37 -24.55
CA TYR A 142 -49.98 13.21 -24.88
C TYR A 142 -50.44 14.23 -25.94
N GLU A 143 -50.00 15.47 -25.74
CA GLU A 143 -50.36 16.58 -26.61
C GLU A 143 -49.79 16.40 -28.03
N LYS A 144 -48.52 16.03 -28.10
CA LYS A 144 -47.86 15.80 -29.38
C LYS A 144 -48.41 14.58 -30.11
N ALA A 145 -48.75 13.53 -29.35
CA ALA A 145 -49.29 12.30 -29.93
C ALA A 145 -50.71 12.46 -30.48
N THR A 146 -51.54 13.21 -29.75
CA THR A 146 -52.97 13.32 -30.05
C THR A 146 -53.37 14.61 -30.78
N GLY A 147 -52.56 15.66 -30.68
CA GLY A 147 -52.96 16.99 -31.14
C GLY A 147 -53.96 17.70 -30.22
N ASP A 148 -54.24 17.12 -29.06
CA ASP A 148 -55.17 17.73 -28.11
C ASP A 148 -54.45 18.84 -27.35
N LEU A 149 -54.62 20.08 -27.81
CA LEU A 149 -53.97 21.24 -27.22
C LEU A 149 -54.81 21.92 -26.13
N THR A 150 -56.06 21.49 -25.95
CA THR A 150 -56.95 22.15 -24.99
C THR A 150 -56.62 21.77 -23.56
N LEU A 151 -56.26 20.51 -23.35
CA LEU A 151 -56.05 19.99 -22.01
C LEU A 151 -55.02 20.81 -21.23
N ALA A 152 -53.80 20.90 -21.76
CA ALA A 152 -52.72 21.60 -21.07
C ALA A 152 -52.96 23.11 -20.92
N ARG A 153 -53.73 23.68 -21.84
CA ARG A 153 -53.95 25.13 -21.90
C ARG A 153 -55.20 25.62 -21.18
N GLU A 154 -55.94 24.71 -20.56
CA GLU A 154 -57.02 25.11 -19.67
C GLU A 154 -56.41 25.76 -18.43
N PRO A 155 -57.16 26.67 -17.77
CA PRO A 155 -56.67 27.34 -16.56
C PRO A 155 -56.13 26.39 -15.48
N LYS A 156 -56.84 25.30 -15.21
CA LYS A 156 -56.43 24.33 -14.18
C LYS A 156 -55.07 23.69 -14.47
N PHE A 157 -54.82 23.37 -15.73
CA PHE A 157 -53.57 22.72 -16.12
C PHE A 157 -52.41 23.71 -16.10
N GLN A 158 -52.65 24.92 -16.59
CA GLN A 158 -51.65 25.97 -16.53
C GLN A 158 -51.22 26.24 -15.09
N ALA A 159 -52.19 26.36 -14.20
CA ALA A 159 -51.94 26.50 -12.76
C ALA A 159 -51.16 25.31 -12.21
N GLY A 160 -51.56 24.10 -12.61
CA GLY A 160 -50.89 22.87 -12.17
C GLY A 160 -49.42 22.81 -12.56
N ILE A 161 -49.14 23.12 -13.83
CA ILE A 161 -47.76 23.18 -14.33
C ILE A 161 -46.96 24.18 -13.51
N LYS A 162 -47.57 25.34 -13.26
CA LYS A 162 -46.90 26.42 -12.54
C LYS A 162 -46.58 26.07 -11.08
N LEU A 163 -47.48 25.37 -10.41
CA LEU A 163 -47.20 24.91 -9.04
C LEU A 163 -46.00 23.94 -9.01
N ILE A 164 -45.87 23.07 -10.02
CA ILE A 164 -44.73 22.18 -10.12
C ILE A 164 -43.44 22.96 -10.33
N LEU A 165 -43.47 23.95 -11.23
CA LEU A 165 -42.30 24.79 -11.48
C LEU A 165 -41.89 25.58 -10.23
N ASP A 166 -42.86 26.07 -9.46
CA ASP A 166 -42.58 26.76 -8.19
C ASP A 166 -41.77 25.87 -7.26
N LEU A 167 -42.19 24.62 -7.12
CA LEU A 167 -41.45 23.63 -6.33
C LEU A 167 -40.05 23.38 -6.88
N CYS A 168 -39.97 23.09 -8.18
CA CYS A 168 -38.72 22.73 -8.83
C CYS A 168 -37.70 23.87 -8.84
N LEU A 169 -38.19 25.11 -8.96
CA LEU A 169 -37.31 26.29 -9.03
C LEU A 169 -37.22 27.06 -7.72
N ALA A 170 -37.72 26.46 -6.63
CA ALA A 170 -37.63 27.10 -5.31
C ALA A 170 -36.18 27.35 -4.93
N HIS A 171 -35.94 28.43 -4.19
CA HIS A 171 -34.59 28.88 -3.88
C HIS A 171 -33.80 27.92 -2.99
N ARG A 172 -32.51 27.81 -3.30
CA ARG A 172 -31.59 26.94 -2.57
C ARG A 172 -30.54 27.77 -1.82
N PHE A 173 -29.91 27.15 -0.84
CA PHE A 173 -28.73 27.72 -0.17
C PHE A 173 -27.47 27.50 -1.00
N SER A 174 -27.52 26.49 -1.87
CA SER A 174 -26.35 26.05 -2.64
C SER A 174 -26.03 26.92 -3.86
N MSE A 175 -24.76 26.86 -4.26
CA MSE A 175 -24.25 27.65 -5.39
C MSE A 175 -24.43 27.02 -6.74
O MSE A 175 -24.01 27.61 -7.74
CB MSE A 175 -22.74 27.82 -5.23
CG MSE A 175 -22.36 28.84 -4.18
SE MSE A 175 -23.03 30.63 -4.67
CE MSE A 175 -23.48 31.13 -2.84
N TYR A 176 -25.03 25.83 -6.82
CA TYR A 176 -25.20 25.16 -8.12
C TYR A 176 -26.66 24.79 -8.43
N PRO A 177 -27.00 24.75 -9.73
CA PRO A 177 -28.39 24.74 -10.18
C PRO A 177 -29.10 23.38 -10.13
N THR A 178 -28.45 22.36 -9.60
CA THR A 178 -29.08 21.06 -9.45
C THR A 178 -30.12 21.09 -8.34
N MSE A 179 -30.96 20.07 -8.34
CA MSE A 179 -32.03 19.93 -7.38
C MSE A 179 -31.60 19.03 -6.25
O MSE A 179 -31.07 17.94 -6.49
CB MSE A 179 -33.19 19.32 -8.15
CG MSE A 179 -34.50 19.65 -7.50
SE MSE A 179 -35.93 19.15 -8.75
CE MSE A 179 -36.84 18.32 -7.24
N LEU A 180 -31.83 19.48 -5.03
CA LEU A 180 -31.43 18.75 -3.82
C LEU A 180 -32.55 17.84 -3.36
N VAL A 181 -32.25 16.56 -3.13
CA VAL A 181 -33.26 15.59 -2.68
C VAL A 181 -32.76 14.70 -1.54
N PRO A 182 -33.69 14.14 -0.74
CA PRO A 182 -33.25 13.07 0.16
C PRO A 182 -32.96 11.80 -0.63
N ASP A 183 -32.52 10.76 0.07
CA ASP A 183 -32.33 9.47 -0.56
C ASP A 183 -33.70 8.92 -1.02
N GLY A 184 -33.67 8.02 -2.00
CA GLY A 184 -34.87 7.31 -2.47
C GLY A 184 -35.95 8.15 -3.12
N ALA A 185 -35.56 9.16 -3.89
CA ALA A 185 -36.51 10.16 -4.40
C ALA A 185 -36.95 9.97 -5.86
N PHE A 186 -36.58 8.85 -6.48
CA PHE A 186 -36.99 8.57 -7.87
C PHE A 186 -37.40 7.11 -8.08
N MSE A 187 -37.21 6.56 -9.28
CA MSE A 187 -37.49 5.14 -9.54
C MSE A 187 -36.81 4.30 -8.49
O MSE A 187 -37.38 3.31 -7.99
CB MSE A 187 -36.98 4.77 -10.93
CG MSE A 187 -37.00 3.26 -11.17
SE MSE A 187 -36.43 2.94 -13.03
CE MSE A 187 -36.51 0.96 -13.02
N ILE A 188 -35.58 4.67 -8.13
CA ILE A 188 -34.95 4.13 -6.93
C ILE A 188 -35.57 4.85 -5.75
N ASP A 189 -36.50 4.15 -5.09
CA ASP A 189 -37.31 4.74 -4.03
C ASP A 189 -37.02 4.10 -2.68
N ARG A 190 -35.78 3.63 -2.52
CA ARG A 190 -35.28 3.14 -1.24
C ARG A 190 -33.88 3.71 -1.01
N ARG A 191 -33.37 3.51 0.20
CA ARG A 191 -32.07 4.09 0.58
C ARG A 191 -30.91 3.43 -0.17
N MSE A 192 -30.32 4.15 -1.12
CA MSE A 192 -29.32 3.57 -2.02
C MSE A 192 -28.13 4.46 -2.26
O MSE A 192 -27.37 4.26 -3.21
CB MSE A 192 -30.03 3.29 -3.35
CG MSE A 192 -30.69 1.92 -3.39
SE MSE A 192 -29.33 0.51 -3.38
CE MSE A 192 -28.33 0.96 -5.00
N GLY A 193 -27.93 5.44 -1.39
CA GLY A 193 -26.87 6.43 -1.57
C GLY A 193 -27.14 7.34 -2.76
N VAL A 194 -28.42 7.57 -3.06
CA VAL A 194 -28.82 8.44 -4.19
C VAL A 194 -29.43 9.74 -3.68
N TYR A 195 -29.07 10.11 -2.47
CA TYR A 195 -29.39 11.40 -1.88
C TYR A 195 -28.56 12.50 -2.55
N GLU A 196 -28.91 13.75 -2.26
CA GLU A 196 -28.16 14.94 -2.68
C GLU A 196 -28.52 15.36 -4.13
N HIS A 197 -27.70 15.03 -5.12
CA HIS A 197 -27.89 15.50 -6.51
C HIS A 197 -27.84 14.37 -7.53
N PRO A 198 -28.70 13.35 -7.36
CA PRO A 198 -28.67 12.18 -8.23
C PRO A 198 -28.96 12.54 -9.67
N LEU A 199 -28.23 11.91 -10.59
CA LEU A 199 -28.34 12.20 -12.03
C LEU A 199 -29.77 12.16 -12.53
N GLU A 200 -30.51 11.12 -12.15
CA GLU A 200 -31.86 10.92 -12.67
C GLU A 200 -32.77 12.11 -12.38
N ILE A 201 -32.69 12.64 -11.17
CA ILE A 201 -33.47 13.83 -10.80
C ILE A 201 -33.09 15.02 -11.67
N GLN A 202 -31.78 15.18 -11.95
CA GLN A 202 -31.28 16.33 -12.71
C GLN A 202 -31.69 16.26 -14.19
N VAL A 203 -31.64 15.06 -14.74
CA VAL A 203 -32.02 14.85 -16.15
C VAL A 203 -33.54 14.99 -16.34
N LEU A 204 -34.31 14.45 -15.40
CA LEU A 204 -35.77 14.61 -15.45
C LEU A 204 -36.18 16.08 -15.22
N PHE A 205 -35.46 16.76 -14.34
CA PHE A 205 -35.62 18.20 -14.10
C PHE A 205 -35.40 18.98 -15.41
N TYR A 206 -34.24 18.76 -16.03
CA TYR A 206 -33.90 19.38 -17.32
C TYR A 206 -34.97 19.10 -18.37
N ALA A 207 -35.34 17.83 -18.52
CA ALA A 207 -36.32 17.42 -19.52
C ALA A 207 -37.69 18.04 -19.28
N ALA A 208 -38.12 18.05 -18.01
CA ALA A 208 -39.41 18.65 -17.66
C ALA A 208 -39.43 20.16 -17.94
N LEU A 209 -38.34 20.84 -17.61
CA LEU A 209 -38.21 22.26 -17.91
C LEU A 209 -38.36 22.52 -19.42
N ARG A 210 -37.67 21.72 -20.23
CA ARG A 210 -37.80 21.81 -21.69
C ARG A 210 -39.24 21.61 -22.14
N ALA A 211 -39.89 20.58 -21.62
CA ALA A 211 -41.30 20.33 -21.93
C ALA A 211 -42.19 21.51 -21.53
N ALA A 212 -41.91 22.07 -20.36
CA ALA A 212 -42.70 23.19 -19.85
C ALA A 212 -42.71 24.42 -20.77
N ARG A 213 -41.66 24.60 -21.56
CA ARG A 213 -41.59 25.72 -22.50
C ARG A 213 -42.75 25.74 -23.49
N GLU A 214 -43.07 24.59 -24.08
CA GLU A 214 -44.14 24.49 -25.06
C GLU A 214 -45.53 24.50 -24.43
N LEU A 215 -45.62 24.22 -23.14
CA LEU A 215 -46.90 24.10 -22.46
C LEU A 215 -47.43 25.44 -21.92
N LEU A 216 -46.53 26.28 -21.46
CA LEU A 216 -46.90 27.57 -20.87
C LEU A 216 -47.46 28.55 -21.91
N LEU A 217 -48.61 29.15 -21.60
CA LEU A 217 -49.16 30.21 -22.43
C LEU A 217 -48.31 31.47 -22.33
N PRO A 218 -48.08 32.15 -23.47
CA PRO A 218 -47.16 33.29 -23.50
C PRO A 218 -47.79 34.62 -23.07
N ASP A 219 -48.60 34.59 -22.01
CA ASP A 219 -49.12 35.83 -21.41
C ASP A 219 -48.06 36.40 -20.47
N GLY A 220 -48.42 37.46 -19.74
CA GLY A 220 -47.49 38.12 -18.83
C GLY A 220 -46.92 37.19 -17.78
N ASP A 221 -47.80 36.47 -17.10
CA ASP A 221 -47.40 35.52 -16.06
C ASP A 221 -46.54 34.37 -16.63
N GLY A 222 -47.04 33.75 -17.70
CA GLY A 222 -46.32 32.67 -18.37
C GLY A 222 -44.92 33.06 -18.85
N GLU A 223 -44.78 34.31 -19.27
CA GLU A 223 -43.48 34.85 -19.69
C GLU A 223 -42.47 34.86 -18.53
N GLN A 224 -42.92 35.25 -17.34
CA GLN A 224 -42.06 35.26 -16.15
C GLN A 224 -41.52 33.86 -15.83
N TYR A 225 -42.38 32.85 -15.95
CA TYR A 225 -41.96 31.46 -15.77
C TYR A 225 -40.97 31.02 -16.85
N LEU A 226 -41.29 31.34 -18.11
CA LEU A 226 -40.44 30.99 -19.24
C LEU A 226 -39.04 31.56 -19.11
N ASN A 227 -38.94 32.77 -18.57
CA ASN A 227 -37.65 33.39 -18.32
C ASN A 227 -36.83 32.61 -17.29
N LYS A 228 -37.46 32.25 -16.18
CA LYS A 228 -36.80 31.45 -15.15
C LYS A 228 -36.38 30.08 -15.71
N VAL A 229 -37.30 29.44 -16.43
CA VAL A 229 -37.04 28.15 -17.05
C VAL A 229 -35.83 28.21 -17.99
N HIS A 230 -35.82 29.20 -18.88
CA HIS A 230 -34.72 29.37 -19.83
C HIS A 230 -33.39 29.54 -19.09
N GLY A 231 -33.42 30.36 -18.04
CA GLY A 231 -32.24 30.61 -17.22
C GLY A 231 -31.73 29.35 -16.54
N ARG A 232 -32.63 28.62 -15.90
CA ARG A 232 -32.23 27.40 -15.19
C ARG A 232 -31.72 26.33 -16.15
N LEU A 233 -32.34 26.21 -17.32
CA LEU A 233 -31.93 25.21 -18.32
C LEU A 233 -30.46 25.37 -18.71
N GLY A 234 -30.07 26.59 -19.04
CA GLY A 234 -28.68 26.89 -19.40
C GLY A 234 -27.70 26.58 -18.30
N ALA A 235 -28.01 27.03 -17.08
CA ALA A 235 -27.16 26.72 -15.93
C ALA A 235 -27.07 25.22 -15.68
N LEU A 236 -28.21 24.53 -15.79
CA LEU A 236 -28.27 23.11 -15.49
C LEU A 236 -27.49 22.27 -16.51
N GLN A 237 -27.67 22.55 -17.81
CA GLN A 237 -26.92 21.87 -18.86
C GLN A 237 -25.42 22.08 -18.69
N TYR A 238 -25.01 23.31 -18.41
CA TYR A 238 -23.59 23.61 -18.23
C TYR A 238 -23.01 22.83 -17.06
N HIS A 239 -23.71 22.83 -15.94
CA HIS A 239 -23.24 22.16 -14.73
C HIS A 239 -23.08 20.66 -14.96
N ILE A 240 -24.10 20.02 -15.52
CA ILE A 240 -24.11 18.56 -15.71
C ILE A 240 -23.02 18.13 -16.70
N ARG A 241 -22.97 18.80 -17.85
CA ARG A 241 -22.00 18.47 -18.89
C ARG A 241 -20.55 18.67 -18.41
N ASN A 242 -20.30 19.73 -17.66
CA ASN A 242 -18.94 20.05 -17.22
C ASN A 242 -18.45 19.28 -16.00
N TYR A 243 -19.34 18.99 -15.04
CA TYR A 243 -18.94 18.34 -13.79
C TYR A 243 -19.36 16.88 -13.63
N TYR A 244 -20.40 16.44 -14.32
CA TYR A 244 -20.85 15.04 -14.25
C TYR A 244 -20.24 14.15 -15.34
N TRP A 245 -19.76 14.74 -16.44
CA TRP A 245 -19.24 13.93 -17.54
C TRP A 245 -17.99 13.17 -17.13
N VAL A 246 -18.01 11.84 -17.33
CA VAL A 246 -16.85 10.99 -17.07
C VAL A 246 -16.40 10.31 -18.36
N ASP A 247 -15.11 10.49 -18.67
CA ASP A 247 -14.41 9.66 -19.65
C ASP A 247 -12.94 9.56 -19.19
N LEU A 248 -12.09 8.87 -19.95
CA LEU A 248 -10.71 8.65 -19.51
C LEU A 248 -9.92 9.94 -19.36
N LYS A 249 -10.14 10.87 -20.29
CA LYS A 249 -9.47 12.18 -20.25
C LYS A 249 -9.88 12.95 -18.99
N ARG A 250 -11.17 12.99 -18.69
CA ARG A 250 -11.65 13.65 -17.49
C ARG A 250 -11.16 12.93 -16.22
N LEU A 251 -11.21 11.61 -16.24
CA LEU A 251 -10.77 10.83 -15.10
C LEU A 251 -9.29 11.07 -14.79
N ARG A 252 -8.47 11.21 -15.84
CA ARG A 252 -7.06 11.56 -15.66
C ARG A 252 -6.87 12.91 -14.95
N GLU A 253 -7.66 13.91 -15.35
CA GLU A 253 -7.63 15.23 -14.70
C GLU A 253 -8.04 15.13 -13.24
N ILE A 254 -9.18 14.49 -12.99
CA ILE A 254 -9.71 14.37 -11.62
C ILE A 254 -8.73 13.65 -10.70
N TYR A 255 -8.14 12.57 -11.21
CA TYR A 255 -7.18 11.76 -10.45
C TYR A 255 -5.97 12.58 -9.99
N ARG A 256 -5.59 13.56 -10.80
CA ARG A 256 -4.47 14.45 -10.49
C ARG A 256 -4.86 15.73 -9.73
N TYR A 257 -6.13 15.87 -9.36
CA TYR A 257 -6.56 17.00 -8.52
C TYR A 257 -5.84 17.01 -7.18
N LYS A 258 -5.43 18.20 -6.75
CA LYS A 258 -4.93 18.39 -5.38
C LYS A 258 -6.09 18.57 -4.42
N GLY A 259 -5.92 18.13 -3.18
CA GLY A 259 -6.94 18.26 -2.15
C GLY A 259 -6.94 19.64 -1.50
N ASN A 260 -8.05 19.96 -0.84
CA ASN A 260 -8.18 21.15 0.01
C ASN A 260 -7.89 22.49 -0.67
N GLU A 261 -8.34 22.64 -1.91
CA GLU A 261 -8.20 23.89 -2.63
C GLU A 261 -9.29 24.88 -2.20
N PHE A 262 -8.86 26.09 -1.84
CA PHE A 262 -9.79 27.18 -1.47
C PHE A 262 -9.67 28.33 -2.48
N GLY A 263 -10.81 28.79 -2.99
CA GLY A 263 -10.85 29.94 -3.89
C GLY A 263 -11.85 29.76 -5.01
N LYS A 264 -12.16 30.87 -5.67
CA LYS A 264 -13.14 30.90 -6.75
C LYS A 264 -12.60 30.18 -7.97
N GLU A 265 -11.34 30.45 -8.30
CA GLU A 265 -10.71 29.84 -9.47
C GLU A 265 -9.80 28.71 -9.00
N ILE A 266 -10.38 27.52 -8.95
CA ILE A 266 -9.66 26.31 -8.57
C ILE A 266 -10.19 25.20 -9.46
N ALA A 267 -9.41 24.13 -9.58
CA ALA A 267 -9.83 23.00 -10.41
C ALA A 267 -10.75 22.07 -9.64
N ASN A 268 -10.32 21.70 -8.44
CA ASN A 268 -11.01 20.68 -7.63
C ASN A 268 -12.07 21.34 -6.75
N LYS A 269 -13.12 21.83 -7.38
CA LYS A 269 -14.14 22.63 -6.67
C LYS A 269 -14.87 21.85 -5.58
N PHE A 270 -15.13 20.58 -5.83
CA PHE A 270 -15.90 19.74 -4.91
C PHE A 270 -15.03 18.93 -3.95
N ASN A 271 -13.72 19.21 -4.00
CA ASN A 271 -12.74 18.60 -3.11
C ASN A 271 -12.79 17.07 -3.11
N ILE A 272 -12.69 16.50 -4.31
CA ILE A 272 -12.59 15.05 -4.45
C ILE A 272 -11.17 14.64 -4.12
N PHE A 273 -11.01 13.69 -3.19
CA PHE A 273 -9.70 13.12 -2.91
C PHE A 273 -9.53 11.88 -3.79
N SER A 274 -8.52 11.93 -4.66
CA SER A 274 -8.37 10.93 -5.73
C SER A 274 -8.10 9.51 -5.21
N GLN A 275 -7.45 9.41 -4.05
CA GLN A 275 -7.23 8.10 -3.41
C GLN A 275 -8.54 7.32 -3.12
N SER A 276 -9.67 8.03 -3.11
CA SER A 276 -10.98 7.41 -2.92
C SER A 276 -11.71 7.06 -4.22
N ILE A 277 -11.12 7.37 -5.38
CA ILE A 277 -11.72 6.98 -6.66
C ILE A 277 -11.62 5.46 -6.76
N PRO A 278 -12.76 4.76 -6.92
CA PRO A 278 -12.72 3.30 -6.90
C PRO A 278 -11.96 2.71 -8.08
N ASP A 279 -11.33 1.56 -7.85
CA ASP A 279 -10.47 0.88 -8.83
C ASP A 279 -11.22 0.47 -10.11
N TRP A 280 -12.48 0.07 -9.96
CA TRP A 280 -13.22 -0.51 -11.07
C TRP A 280 -13.36 0.45 -12.26
N VAL A 281 -13.44 1.74 -11.97
CA VAL A 281 -13.76 2.75 -12.99
C VAL A 281 -12.70 2.82 -14.09
N ILE A 282 -11.43 2.91 -13.69
CA ILE A 282 -10.33 3.05 -14.63
C ILE A 282 -10.24 1.87 -15.59
N GLU A 283 -10.50 0.68 -15.09
CA GLU A 283 -10.48 -0.52 -15.92
C GLU A 283 -11.77 -0.71 -16.72
N TRP A 284 -12.88 -0.18 -16.22
CA TRP A 284 -14.18 -0.40 -16.85
C TRP A 284 -14.38 0.40 -18.15
N LEU A 285 -13.94 1.66 -18.16
CA LEU A 285 -14.14 2.53 -19.32
C LEU A 285 -13.31 2.12 -20.53
N PRO A 286 -13.95 2.01 -21.70
CA PRO A 286 -13.17 1.88 -22.93
C PRO A 286 -12.61 3.22 -23.36
N GLU A 287 -11.67 3.18 -24.31
CA GLU A 287 -11.02 4.39 -24.81
C GLU A 287 -12.02 5.38 -25.44
N LYS A 288 -13.04 4.84 -26.10
CA LYS A 288 -14.02 5.66 -26.84
C LYS A 288 -15.37 5.78 -26.12
N GLY A 289 -15.38 5.49 -24.82
CA GLY A 289 -16.62 5.49 -24.05
C GLY A 289 -16.71 6.61 -23.04
N GLY A 290 -17.89 6.79 -22.47
CA GLY A 290 -18.09 7.77 -21.42
C GLY A 290 -19.51 7.77 -20.91
N TYR A 291 -19.73 8.42 -19.78
CA TYR A 291 -21.06 8.52 -19.19
C TYR A 291 -21.15 9.69 -18.22
N LEU A 292 -22.37 10.03 -17.83
CA LEU A 292 -22.60 11.00 -16.79
C LEU A 292 -22.62 10.30 -15.43
N ALA A 293 -21.89 10.87 -14.47
CA ALA A 293 -21.79 10.32 -13.12
C ALA A 293 -23.15 10.27 -12.42
N GLY A 294 -23.26 9.38 -11.46
CA GLY A 294 -24.51 9.18 -10.73
C GLY A 294 -24.87 10.31 -9.77
N ASN A 295 -23.87 11.05 -9.30
CA ASN A 295 -24.09 12.05 -8.25
C ASN A 295 -22.87 12.94 -8.07
N LEU A 296 -23.11 14.16 -7.61
CA LEU A 296 -22.03 15.10 -7.27
C LEU A 296 -22.48 15.97 -6.08
N GLY A 297 -21.55 16.24 -5.18
CA GLY A 297 -21.82 17.07 -4.00
C GLY A 297 -20.55 17.36 -3.25
N PRO A 298 -20.65 18.03 -2.08
CA PRO A 298 -19.44 18.36 -1.33
C PRO A 298 -18.63 17.13 -0.97
N GLY A 299 -17.42 17.04 -1.50
CA GLY A 299 -16.50 15.93 -1.22
C GLY A 299 -16.93 14.60 -1.81
N ARG A 300 -17.83 14.63 -2.78
CA ARG A 300 -18.42 13.39 -3.30
C ARG A 300 -18.69 13.41 -4.79
N MSE A 301 -18.26 12.34 -5.43
CA MSE A 301 -18.58 12.06 -6.82
C MSE A 301 -18.89 10.59 -6.88
O MSE A 301 -18.03 9.75 -6.59
CB MSE A 301 -17.38 12.49 -7.65
CG MSE A 301 -17.64 12.36 -9.13
SE MSE A 301 -16.31 13.41 -10.12
CE MSE A 301 -17.05 12.81 -11.84
N ASP A 302 -20.15 10.25 -7.18
CA ASP A 302 -20.58 8.87 -7.31
C ASP A 302 -20.35 8.42 -8.75
N PHE A 303 -19.41 7.50 -8.91
CA PHE A 303 -18.99 7.05 -10.24
C PHE A 303 -19.85 5.91 -10.79
N ARG A 304 -20.77 5.40 -9.99
CA ARG A 304 -21.71 4.41 -10.48
C ARG A 304 -22.39 4.92 -11.74
N PHE A 305 -22.54 4.02 -12.71
CA PHE A 305 -23.31 4.27 -13.93
C PHE A 305 -24.79 4.00 -13.68
N PHE A 306 -25.62 5.02 -13.90
CA PHE A 306 -27.07 4.89 -13.79
C PHE A 306 -27.70 5.01 -15.18
N ALA A 307 -28.44 3.97 -15.56
CA ALA A 307 -28.90 3.80 -16.93
C ALA A 307 -29.98 4.79 -17.33
N LEU A 308 -30.99 4.97 -16.49
CA LEU A 308 -32.11 5.85 -16.82
C LEU A 308 -31.62 7.27 -17.04
N GLY A 309 -30.85 7.78 -16.07
CA GLY A 309 -30.28 9.12 -16.15
C GLY A 309 -29.50 9.33 -17.44
N ASN A 310 -28.65 8.38 -17.78
CA ASN A 310 -27.83 8.48 -18.98
C ASN A 310 -28.62 8.38 -20.29
N LEU A 311 -29.59 7.46 -20.32
CA LEU A 311 -30.44 7.29 -21.50
C LEU A 311 -31.36 8.49 -21.71
N MSE A 312 -31.96 8.99 -20.63
CA MSE A 312 -32.81 10.18 -20.74
C MSE A 312 -32.00 11.39 -21.13
O MSE A 312 -32.52 12.30 -21.77
CB MSE A 312 -33.57 10.50 -19.45
CG MSE A 312 -34.90 9.76 -19.32
SE MSE A 312 -36.24 10.29 -20.68
CE MSE A 312 -36.30 12.23 -20.43
N ALA A 313 -30.71 11.42 -20.74
CA ALA A 313 -29.84 12.54 -21.10
C ALA A 313 -29.60 12.59 -22.61
N ILE A 314 -29.57 11.42 -23.24
CA ILE A 314 -29.48 11.35 -24.70
C ILE A 314 -30.79 11.84 -25.30
N LEU A 315 -31.90 11.33 -24.80
CA LEU A 315 -33.21 11.64 -25.37
C LEU A 315 -33.62 13.11 -25.24
N ALA A 316 -33.24 13.75 -24.13
CA ALA A 316 -33.64 15.13 -23.88
C ALA A 316 -32.67 16.15 -24.49
N GLY A 317 -31.57 15.66 -25.06
CA GLY A 317 -30.55 16.53 -25.64
C GLY A 317 -29.66 17.19 -24.60
N LEU A 318 -29.68 16.66 -23.37
CA LEU A 318 -28.82 17.17 -22.30
C LEU A 318 -27.37 16.83 -22.64
N ALA A 319 -27.12 15.57 -22.96
CA ALA A 319 -25.84 15.15 -23.47
C ALA A 319 -25.68 15.66 -24.90
N SER A 320 -24.47 16.09 -25.24
CA SER A 320 -24.17 16.51 -26.61
C SER A 320 -24.23 15.31 -27.55
N GLU A 321 -24.16 15.61 -28.85
CA GLU A 321 -24.18 14.58 -29.87
C GLU A 321 -23.07 13.55 -29.68
N GLU A 322 -21.84 14.03 -29.46
CA GLU A 322 -20.68 13.17 -29.22
C GLU A 322 -20.78 12.41 -27.90
N GLU A 323 -21.34 13.06 -26.87
CA GLU A 323 -21.52 12.42 -25.58
C GLU A 323 -22.49 11.26 -25.67
N SER A 324 -23.55 11.46 -26.43
CA SER A 324 -24.54 10.42 -26.71
C SER A 324 -23.90 9.22 -27.39
N GLN A 325 -23.06 9.49 -28.39
CA GLN A 325 -22.33 8.43 -29.08
C GLN A 325 -21.41 7.66 -28.12
N ARG A 326 -20.76 8.38 -27.22
CA ARG A 326 -19.85 7.77 -26.26
C ARG A 326 -20.58 6.94 -25.17
N ILE A 327 -21.76 7.38 -24.77
CA ILE A 327 -22.62 6.57 -23.89
C ILE A 327 -22.99 5.25 -24.59
N MSE A 328 -23.45 5.34 -25.82
CA MSE A 328 -23.82 4.14 -26.58
C MSE A 328 -22.60 3.27 -26.86
O MSE A 328 -22.73 2.05 -26.93
CB MSE A 328 -24.56 4.47 -27.88
CG MSE A 328 -25.86 5.25 -27.65
SE MSE A 328 -27.20 4.36 -26.49
CE MSE A 328 -27.15 2.61 -27.38
N ASN A 329 -21.43 3.87 -27.00
CA ASN A 329 -20.19 3.09 -27.13
C ASN A 329 -19.87 2.29 -25.87
N LEU A 330 -20.21 2.86 -24.71
CA LEU A 330 -20.05 2.17 -23.43
C LEU A 330 -20.96 0.93 -23.33
N PHE A 331 -22.22 1.09 -23.73
CA PHE A 331 -23.16 -0.03 -23.78
C PHE A 331 -22.65 -1.14 -24.70
N ALA A 332 -22.12 -0.76 -25.86
CA ALA A 332 -21.55 -1.72 -26.81
C ALA A 332 -20.38 -2.48 -26.18
N HIS A 333 -19.42 -1.75 -25.67
CA HIS A 333 -18.23 -2.30 -25.05
C HIS A 333 -18.45 -3.11 -23.78
N ARG A 334 -19.41 -2.70 -22.97
CA ARG A 334 -19.70 -3.34 -21.69
C ARG A 334 -21.08 -3.99 -21.71
N TRP A 335 -21.44 -4.52 -22.87
CA TRP A 335 -22.75 -5.13 -23.10
C TRP A 335 -23.10 -6.14 -22.02
N GLU A 336 -22.14 -6.97 -21.63
CA GLU A 336 -22.39 -8.03 -20.64
C GLU A 336 -22.79 -7.47 -19.27
N ASP A 337 -22.14 -6.37 -18.87
CA ASP A 337 -22.44 -5.71 -17.60
C ASP A 337 -23.77 -4.95 -17.61
N LEU A 338 -24.09 -4.29 -18.72
CA LEU A 338 -25.20 -3.35 -18.75
C LEU A 338 -26.49 -3.91 -19.37
N ILE A 339 -26.36 -5.01 -20.12
CA ILE A 339 -27.50 -5.68 -20.72
C ILE A 339 -27.56 -7.14 -20.25
N GLY A 340 -26.48 -7.88 -20.49
CA GLY A 340 -26.38 -9.27 -20.05
C GLY A 340 -27.50 -10.10 -20.61
N TYR A 341 -28.16 -10.86 -19.75
CA TYR A 341 -29.31 -11.68 -20.14
C TYR A 341 -30.66 -10.98 -19.97
N MSE A 342 -30.66 -9.70 -19.62
CA MSE A 342 -31.89 -8.92 -19.59
C MSE A 342 -31.58 -7.43 -19.59
O MSE A 342 -31.03 -6.92 -18.62
CB MSE A 342 -32.72 -9.28 -18.35
CG MSE A 342 -34.01 -8.46 -18.19
SE MSE A 342 -35.22 -8.57 -19.74
CE MSE A 342 -35.28 -10.54 -19.89
N PRO A 343 -31.94 -6.71 -20.67
CA PRO A 343 -31.83 -5.26 -20.60
C PRO A 343 -32.85 -4.71 -19.58
N VAL A 344 -32.54 -3.68 -18.80
CA VAL A 344 -31.24 -3.01 -18.73
C VAL A 344 -30.83 -2.97 -17.27
N LYS A 345 -29.53 -3.11 -17.02
CA LYS A 345 -28.95 -2.94 -15.70
C LYS A 345 -29.25 -1.52 -15.19
N ILE A 346 -29.89 -1.42 -14.03
CA ILE A 346 -30.34 -0.12 -13.50
C ILE A 346 -29.17 0.76 -13.05
N CYS A 347 -28.19 0.15 -12.39
CA CYS A 347 -26.93 0.82 -12.12
C CYS A 347 -25.81 -0.18 -11.92
N TYR A 348 -24.59 0.30 -12.18
CA TYR A 348 -23.41 -0.56 -12.14
C TYR A 348 -22.25 0.18 -11.47
N PRO A 349 -21.52 -0.51 -10.57
CA PRO A 349 -21.73 -1.86 -10.05
C PRO A 349 -22.57 -1.84 -8.78
N ALA A 350 -22.89 -3.02 -8.26
CA ALA A 350 -23.63 -3.16 -7.00
C ALA A 350 -22.77 -2.75 -5.81
N LEU A 351 -23.41 -2.23 -4.77
CA LEU A 351 -22.77 -2.03 -3.48
C LEU A 351 -22.66 -3.40 -2.79
N GLN A 352 -21.49 -3.76 -2.30
CA GLN A 352 -21.26 -5.07 -1.69
C GLN A 352 -20.72 -4.97 -0.28
N GLY A 353 -20.92 -6.05 0.48
CA GLY A 353 -20.33 -6.19 1.80
C GLY A 353 -20.69 -5.07 2.74
N LEU A 354 -19.68 -4.51 3.39
CA LEU A 354 -19.87 -3.45 4.38
C LEU A 354 -20.42 -2.18 3.71
N GLU A 355 -20.06 -1.96 2.45
CA GLU A 355 -20.60 -0.82 1.71
C GLU A 355 -22.13 -0.94 1.57
N TRP A 356 -22.62 -2.12 1.25
CA TRP A 356 -24.06 -2.39 1.25
C TRP A 356 -24.69 -2.08 2.62
N GLN A 357 -24.06 -2.59 3.68
CA GLN A 357 -24.56 -2.36 5.05
C GLN A 357 -24.65 -0.87 5.38
N ILE A 358 -23.56 -0.16 5.17
CA ILE A 358 -23.48 1.26 5.51
C ILE A 358 -24.40 2.12 4.62
N VAL A 359 -24.35 1.92 3.32
CA VAL A 359 -25.07 2.82 2.39
C VAL A 359 -26.59 2.57 2.40
N THR A 360 -27.01 1.31 2.46
CA THR A 360 -28.45 1.00 2.43
C THR A 360 -29.08 0.80 3.80
N GLY A 361 -28.26 0.74 4.84
CA GLY A 361 -28.75 0.41 6.18
C GLY A 361 -29.19 -1.04 6.30
N CYS A 362 -28.45 -1.94 5.65
CA CYS A 362 -28.76 -3.37 5.60
C CYS A 362 -30.15 -3.69 5.05
N ASP A 363 -30.50 -3.05 3.92
CA ASP A 363 -31.81 -3.22 3.31
C ASP A 363 -31.89 -4.56 2.59
N PRO A 364 -32.70 -5.49 3.11
CA PRO A 364 -32.75 -6.85 2.52
C PRO A 364 -33.32 -6.94 1.09
N LYS A 365 -34.07 -5.94 0.64
CA LYS A 365 -34.56 -5.95 -0.74
C LYS A 365 -33.49 -5.51 -1.73
N ASN A 366 -32.45 -4.83 -1.24
CA ASN A 366 -31.39 -4.31 -2.10
C ASN A 366 -30.01 -4.92 -1.85
N ILE A 367 -29.99 -6.24 -1.63
CA ILE A 367 -28.73 -7.00 -1.53
C ILE A 367 -27.99 -6.91 -2.87
N PRO A 368 -26.68 -7.24 -2.88
CA PRO A 368 -25.89 -7.01 -4.10
C PRO A 368 -26.44 -7.69 -5.34
N TRP A 369 -26.48 -6.94 -6.43
CA TRP A 369 -27.00 -7.38 -7.73
C TRP A 369 -28.49 -7.71 -7.69
N SER A 370 -29.21 -7.10 -6.75
CA SER A 370 -30.66 -7.26 -6.66
C SER A 370 -31.39 -5.91 -6.69
N TYR A 371 -32.51 -5.88 -7.41
CA TYR A 371 -33.47 -4.79 -7.37
C TYR A 371 -32.79 -3.47 -7.77
N HIS A 372 -32.79 -2.46 -6.91
CA HIS A 372 -32.13 -1.18 -7.22
C HIS A 372 -30.61 -1.30 -7.23
N ASN A 373 -30.10 -2.26 -6.47
CA ASN A 373 -28.66 -2.41 -6.26
C ASN A 373 -28.02 -3.31 -7.31
N GLY A 374 -28.13 -2.88 -8.56
CA GLY A 374 -27.53 -3.60 -9.69
C GLY A 374 -28.38 -4.70 -10.29
N GLY A 375 -29.69 -4.61 -10.09
CA GLY A 375 -30.64 -5.51 -10.77
C GLY A 375 -30.85 -5.07 -12.22
N ASN A 376 -31.47 -5.94 -13.02
CA ASN A 376 -31.80 -5.63 -14.41
C ASN A 376 -33.30 -5.44 -14.56
N TRP A 377 -33.70 -4.33 -15.17
CA TRP A 377 -35.11 -3.92 -15.22
C TRP A 377 -35.61 -3.87 -16.66
N PRO A 378 -36.51 -4.80 -17.02
CA PRO A 378 -37.08 -4.84 -18.38
C PRO A 378 -37.67 -3.52 -18.87
N VAL A 379 -38.25 -2.74 -17.96
CA VAL A 379 -38.89 -1.49 -18.36
C VAL A 379 -37.92 -0.59 -19.12
N LEU A 380 -36.67 -0.53 -18.69
CA LEU A 380 -35.68 0.37 -19.25
C LEU A 380 -35.37 0.13 -20.74
N LEU A 381 -35.83 -1.00 -21.25
CA LEU A 381 -35.71 -1.33 -22.67
C LEU A 381 -36.33 -0.25 -23.56
N TRP A 382 -37.43 0.38 -23.13
CA TRP A 382 -38.09 1.38 -23.98
C TRP A 382 -37.21 2.63 -24.15
N LEU A 383 -36.54 3.02 -23.08
CA LEU A 383 -35.57 4.13 -23.12
C LEU A 383 -34.31 3.76 -23.89
N PHE A 384 -33.80 2.56 -23.65
CA PHE A 384 -32.63 2.09 -24.39
C PHE A 384 -32.89 2.06 -25.88
N THR A 385 -34.09 1.60 -26.27
CA THR A 385 -34.47 1.52 -27.67
C THR A 385 -34.63 2.91 -28.29
N ALA A 386 -35.32 3.81 -27.59
CA ALA A 386 -35.47 5.19 -28.05
C ALA A 386 -34.11 5.84 -28.27
N ALA A 387 -33.20 5.63 -27.32
CA ALA A 387 -31.85 6.21 -27.39
C ALA A 387 -30.99 5.58 -28.49
N ALA A 388 -31.11 4.26 -28.64
CA ALA A 388 -30.42 3.53 -29.71
C ALA A 388 -30.82 4.08 -31.07
N LEU A 389 -32.13 4.26 -31.27
CA LEU A 389 -32.65 4.86 -32.51
C LEU A 389 -32.15 6.27 -32.72
N LYS A 390 -32.22 7.10 -31.69
CA LYS A 390 -31.78 8.50 -31.78
C LYS A 390 -30.31 8.63 -32.18
N THR A 391 -29.47 7.72 -31.70
CA THR A 391 -28.03 7.76 -31.97
C THR A 391 -27.60 6.96 -33.21
N GLY A 392 -28.56 6.39 -33.93
CA GLY A 392 -28.28 5.58 -35.13
C GLY A 392 -27.59 4.25 -34.81
N LYS A 393 -28.01 3.64 -33.72
CA LYS A 393 -27.45 2.35 -33.27
C LYS A 393 -28.55 1.29 -33.23
N VAL A 394 -29.34 1.22 -34.29
CA VAL A 394 -30.54 0.37 -34.34
C VAL A 394 -30.23 -1.09 -34.00
N GLU A 395 -29.08 -1.59 -34.47
CA GLU A 395 -28.69 -2.99 -34.24
C GLU A 395 -28.62 -3.34 -32.74
N LEU A 396 -28.20 -2.39 -31.91
CA LEU A 396 -28.20 -2.58 -30.46
C LEU A 396 -29.63 -2.75 -29.93
N ALA A 397 -30.55 -1.95 -30.45
CA ALA A 397 -31.96 -2.06 -30.09
C ALA A 397 -32.53 -3.43 -30.49
N HIS A 398 -32.17 -3.91 -31.67
CA HIS A 398 -32.58 -5.22 -32.14
C HIS A 398 -32.13 -6.33 -31.18
N GLU A 399 -30.84 -6.33 -30.85
CA GLU A 399 -30.25 -7.35 -30.00
C GLU A 399 -30.86 -7.34 -28.58
N ALA A 400 -30.97 -6.14 -28.01
CA ALA A 400 -31.59 -5.97 -26.69
C ALA A 400 -33.02 -6.49 -26.67
N ILE A 401 -33.79 -6.12 -27.68
CA ILE A 401 -35.17 -6.57 -27.81
C ILE A 401 -35.22 -8.10 -27.91
N ALA A 402 -34.31 -8.68 -28.69
CA ALA A 402 -34.27 -10.14 -28.88
C ALA A 402 -33.99 -10.88 -27.58
N ILE A 403 -33.06 -10.37 -26.79
CA ILE A 403 -32.75 -10.94 -25.47
C ILE A 403 -33.99 -10.91 -24.56
N ALA A 404 -34.65 -9.76 -24.48
CA ALA A 404 -35.84 -9.61 -23.63
C ALA A 404 -37.00 -10.50 -24.10
N GLU A 405 -37.26 -10.47 -25.39
CA GLU A 405 -38.34 -11.24 -26.00
C GLU A 405 -38.21 -12.73 -25.76
N GLY A 406 -36.96 -13.21 -25.69
CA GLY A 406 -36.68 -14.62 -25.43
C GLY A 406 -36.98 -15.11 -24.03
N ARG A 407 -37.20 -14.21 -23.07
CA ARG A 407 -37.40 -14.59 -21.66
C ARG A 407 -38.69 -14.11 -21.01
N LEU A 408 -39.10 -12.88 -21.30
CA LEU A 408 -40.16 -12.21 -20.52
C LEU A 408 -41.50 -12.93 -20.52
N SER A 409 -41.96 -13.38 -21.67
CA SER A 409 -43.26 -14.07 -21.74
C SER A 409 -43.23 -15.40 -20.99
N ASN A 410 -42.18 -16.18 -21.19
CA ASN A 410 -42.00 -17.45 -20.46
C ASN A 410 -41.91 -17.26 -18.95
N ASP A 411 -41.22 -16.19 -18.53
CA ASP A 411 -41.08 -15.85 -17.13
C ASP A 411 -42.28 -15.09 -16.55
N LYS A 412 -43.28 -14.82 -17.39
CA LYS A 412 -44.47 -14.06 -16.99
C LYS A 412 -44.16 -12.60 -16.60
N PHE A 413 -43.26 -11.99 -17.37
CA PHE A 413 -42.95 -10.56 -17.26
C PHE A 413 -42.62 -10.11 -15.83
N PRO A 414 -41.48 -10.58 -15.28
CA PRO A 414 -41.10 -10.14 -13.94
C PRO A 414 -40.75 -8.66 -13.86
N GLU A 415 -40.96 -8.09 -12.69
CA GLU A 415 -40.60 -6.72 -12.36
C GLU A 415 -39.12 -6.43 -12.54
N TYR A 416 -38.27 -7.39 -12.16
CA TYR A 416 -36.82 -7.26 -12.30
C TYR A 416 -36.09 -8.59 -12.27
N TYR A 417 -34.85 -8.55 -12.73
CA TYR A 417 -33.95 -9.69 -12.73
C TYR A 417 -32.71 -9.36 -11.91
N ASP A 418 -32.09 -10.39 -11.34
CA ASP A 418 -30.94 -10.24 -10.45
C ASP A 418 -29.68 -10.91 -11.00
N GLY A 419 -28.56 -10.59 -10.37
CA GLY A 419 -27.26 -11.17 -10.72
C GLY A 419 -26.41 -10.22 -11.52
N ASN A 420 -25.09 -10.49 -11.55
CA ASN A 420 -24.15 -9.69 -12.33
C ASN A 420 -24.64 -9.44 -13.75
N ASN A 421 -25.23 -10.46 -14.35
CA ASN A 421 -25.64 -10.42 -15.74
C ASN A 421 -27.14 -10.66 -15.91
N GLY A 422 -27.89 -10.54 -14.82
CA GLY A 422 -29.35 -10.66 -14.88
C GLY A 422 -29.87 -12.06 -15.17
N ARG A 423 -29.11 -13.09 -14.78
CA ARG A 423 -29.51 -14.50 -14.98
C ARG A 423 -30.69 -14.93 -14.13
N LEU A 424 -30.80 -14.37 -12.92
CA LEU A 424 -31.86 -14.75 -11.99
C LEU A 424 -33.10 -13.90 -12.17
N ILE A 425 -34.27 -14.51 -12.03
CA ILE A 425 -35.50 -13.76 -11.89
C ILE A 425 -35.39 -13.08 -10.51
N GLY A 426 -35.89 -11.84 -10.42
CA GLY A 426 -35.71 -11.03 -9.23
C GLY A 426 -36.17 -11.70 -7.95
N LYS A 427 -35.32 -11.62 -6.93
CA LYS A 427 -35.55 -12.24 -5.61
C LYS A 427 -36.97 -12.10 -5.08
N GLU A 428 -37.51 -10.88 -5.10
CA GLU A 428 -38.88 -10.61 -4.68
C GLU A 428 -39.71 -10.00 -5.81
N ALA A 429 -39.26 -10.19 -7.06
CA ALA A 429 -39.94 -9.61 -8.22
C ALA A 429 -41.40 -10.08 -8.33
N ARG A 430 -42.31 -9.12 -8.41
CA ARG A 430 -43.69 -9.42 -8.79
C ARG A 430 -43.72 -9.92 -10.23
N ILE A 431 -44.62 -10.85 -10.52
CA ILE A 431 -44.84 -11.27 -11.90
C ILE A 431 -45.96 -10.43 -12.52
N TYR A 432 -46.01 -10.44 -13.85
CA TYR A 432 -46.91 -9.58 -14.62
C TYR A 432 -46.80 -8.12 -14.18
N GLN A 433 -45.56 -7.64 -14.08
CA GLN A 433 -45.29 -6.22 -13.80
C GLN A 433 -45.65 -5.42 -15.06
N THR A 434 -46.58 -4.49 -14.91
CA THR A 434 -47.16 -3.77 -16.06
C THR A 434 -46.10 -3.06 -16.90
N TRP A 435 -45.15 -2.36 -16.28
CA TRP A 435 -44.16 -1.63 -17.08
C TRP A 435 -43.11 -2.52 -17.74
N SER A 436 -43.00 -3.78 -17.30
CA SER A 436 -42.20 -4.77 -18.01
C SER A 436 -42.91 -5.16 -19.31
N ILE A 437 -44.21 -5.38 -19.25
CA ILE A 437 -45.02 -5.65 -20.44
C ILE A 437 -44.98 -4.42 -21.35
N ALA A 438 -45.34 -3.26 -20.81
CA ALA A 438 -45.38 -2.02 -21.61
C ALA A 438 -44.02 -1.64 -22.19
N GLY A 439 -42.97 -1.83 -21.41
CA GLY A 439 -41.61 -1.53 -21.86
C GLY A 439 -41.26 -2.22 -23.16
N LEU A 440 -41.57 -3.51 -23.25
CA LEU A 440 -41.30 -4.30 -24.44
C LEU A 440 -42.17 -3.85 -25.63
N LEU A 441 -43.44 -3.60 -25.38
CA LEU A 441 -44.36 -3.13 -26.43
C LEU A 441 -43.93 -1.79 -27.00
N VAL A 442 -43.59 -0.84 -26.12
CA VAL A 442 -43.10 0.48 -26.56
C VAL A 442 -41.85 0.34 -27.42
N ALA A 443 -40.93 -0.51 -26.99
CA ALA A 443 -39.68 -0.72 -27.72
C ALA A 443 -39.96 -1.19 -29.16
N LYS A 444 -40.88 -2.13 -29.29
CA LYS A 444 -41.25 -2.69 -30.60
C LYS A 444 -42.04 -1.67 -31.44
N GLN A 445 -42.88 -0.88 -30.78
CA GLN A 445 -43.60 0.21 -31.44
C GLN A 445 -42.65 1.28 -31.97
N PHE A 446 -41.67 1.68 -31.15
CA PHE A 446 -40.62 2.60 -31.61
C PHE A 446 -39.84 2.04 -32.80
N LEU A 447 -39.58 0.75 -32.78
CA LEU A 447 -38.77 0.13 -33.82
C LEU A 447 -39.53 0.14 -35.16
N ALA A 448 -40.83 -0.12 -35.10
CA ALA A 448 -41.70 -0.08 -36.27
C ALA A 448 -41.98 1.35 -36.77
N ASN A 449 -41.77 2.34 -35.90
CA ASN A 449 -41.99 3.75 -36.27
C ASN A 449 -41.09 4.71 -35.48
N PRO A 450 -39.82 4.85 -35.90
CA PRO A 450 -38.83 5.70 -35.23
C PRO A 450 -39.27 7.15 -34.94
N ASP A 451 -40.18 7.68 -35.74
CA ASP A 451 -40.71 9.04 -35.54
C ASP A 451 -41.43 9.25 -34.21
N HIS A 452 -42.02 8.19 -33.67
CA HIS A 452 -42.72 8.29 -32.38
C HIS A 452 -41.80 8.58 -31.19
N VAL A 453 -40.49 8.44 -31.39
CA VAL A 453 -39.49 8.81 -30.38
C VAL A 453 -39.55 10.32 -30.06
N GLU A 454 -40.06 11.11 -31.00
CA GLU A 454 -40.26 12.55 -30.80
C GLU A 454 -41.15 12.86 -29.58
N PHE A 455 -42.05 11.94 -29.24
CA PHE A 455 -42.94 12.11 -28.08
C PHE A 455 -42.15 12.28 -26.77
N ILE A 456 -41.03 11.58 -26.68
CA ILE A 456 -40.19 11.62 -25.48
C ILE A 456 -38.86 12.37 -25.68
N SER A 457 -38.69 13.03 -26.83
CA SER A 457 -37.42 13.70 -27.17
C SER A 457 -37.59 15.11 -27.73
N THR B 15 18.66 -26.21 47.31
CA THR B 15 17.33 -25.95 46.69
C THR B 15 17.14 -26.76 45.42
N GLU B 16 15.89 -26.89 44.98
CA GLU B 16 15.58 -27.57 43.72
C GLU B 16 16.26 -26.90 42.54
N SER B 17 16.26 -25.57 42.54
CA SER B 17 16.75 -24.78 41.41
C SER B 17 18.25 -24.93 41.19
N TRP B 18 19.01 -24.97 42.28
CA TRP B 18 20.45 -25.15 42.20
C TRP B 18 20.81 -26.50 41.59
N LYS B 19 20.14 -27.54 42.05
CA LYS B 19 20.38 -28.90 41.54
C LYS B 19 20.07 -28.96 40.03
N LEU B 20 19.00 -28.28 39.62
CA LEU B 20 18.65 -28.21 38.20
C LEU B 20 19.72 -27.46 37.40
N LEU B 21 20.19 -26.34 37.95
CA LEU B 21 21.22 -25.54 37.28
C LEU B 21 22.51 -26.33 37.13
N GLU B 22 22.87 -27.08 38.17
CA GLU B 22 24.05 -27.95 38.17
C GLU B 22 23.98 -29.01 37.08
N SER B 23 22.85 -29.70 36.97
CA SER B 23 22.70 -30.76 35.97
C SER B 23 22.68 -30.23 34.53
N SER B 24 22.50 -28.92 34.36
CA SER B 24 22.52 -28.30 33.03
C SER B 24 23.93 -27.99 32.53
N ILE B 25 24.93 -28.10 33.41
CA ILE B 25 26.29 -27.74 33.04
C ILE B 25 26.84 -28.66 31.96
N ILE B 26 27.45 -28.07 30.93
CA ILE B 26 28.18 -28.81 29.92
C ILE B 26 29.63 -28.89 30.36
N TYR B 27 30.21 -30.09 30.33
CA TYR B 27 31.63 -30.29 30.64
C TYR B 27 32.42 -30.59 29.38
N TYR B 28 33.65 -30.10 29.34
CA TYR B 28 34.52 -30.24 28.17
C TYR B 28 35.94 -30.54 28.64
N GLU B 29 36.43 -31.73 28.30
CA GLU B 29 37.71 -32.23 28.79
C GLU B 29 37.81 -32.08 30.31
N GLY B 30 36.74 -32.47 31.00
CA GLY B 30 36.69 -32.44 32.47
C GLY B 30 36.36 -31.11 33.14
N ASN B 31 36.25 -30.03 32.36
CA ASN B 31 35.99 -28.69 32.90
C ASN B 31 34.62 -28.15 32.48
N PRO B 32 33.92 -27.43 33.40
CA PRO B 32 32.63 -26.84 33.04
C PRO B 32 32.84 -25.62 32.14
N ILE B 33 32.09 -25.54 31.04
CA ILE B 33 32.27 -24.45 30.07
C ILE B 33 30.98 -23.72 29.65
N GLY B 34 29.84 -24.14 30.20
CA GLY B 34 28.57 -23.54 29.85
C GLY B 34 27.40 -24.34 30.37
N THR B 35 26.19 -23.92 29.97
CA THR B 35 24.96 -24.59 30.39
C THR B 35 24.04 -24.79 29.18
N VAL B 36 23.37 -25.94 29.12
CA VAL B 36 22.39 -26.22 28.05
C VAL B 36 21.20 -25.28 28.15
N ALA B 37 20.52 -25.05 27.03
CA ALA B 37 19.37 -24.14 27.02
C ALA B 37 18.18 -24.71 27.79
N ALA B 38 17.94 -26.01 27.64
CA ALA B 38 16.85 -26.67 28.37
C ALA B 38 17.12 -28.14 28.57
N GLN B 39 16.44 -28.72 29.54
CA GLN B 39 16.52 -30.15 29.81
C GLN B 39 15.11 -30.73 29.75
N ASP B 40 14.50 -30.62 28.59
CA ASP B 40 13.15 -31.11 28.40
C ASP B 40 13.23 -32.62 28.17
N PRO B 41 12.54 -33.41 29.01
CA PRO B 41 12.64 -34.86 28.86
C PRO B 41 12.04 -35.43 27.57
N GLU B 42 11.17 -34.69 26.89
CA GLU B 42 10.31 -35.26 25.86
C GLU B 42 10.45 -34.66 24.45
N LEU B 43 10.58 -33.34 24.37
CA LEU B 43 10.65 -32.66 23.08
C LEU B 43 11.94 -32.96 22.32
N ALA B 44 11.89 -32.74 21.00
CA ALA B 44 13.06 -32.89 20.13
C ALA B 44 14.15 -31.93 20.57
N ALA B 45 15.40 -32.39 20.52
CA ALA B 45 16.53 -31.60 21.00
C ALA B 45 16.59 -30.30 20.23
N LEU B 46 16.58 -30.41 18.90
CA LEU B 46 16.66 -29.25 18.03
C LEU B 46 17.98 -28.55 18.40
N ASN B 47 17.95 -27.27 18.75
CA ASN B 47 19.16 -26.59 19.23
C ASN B 47 19.12 -26.28 20.73
N TYR B 48 18.17 -26.90 21.44
CA TYR B 48 18.00 -26.67 22.88
C TYR B 48 19.00 -27.45 23.75
N ASP B 49 19.75 -28.38 23.13
CA ASP B 49 20.85 -29.05 23.83
C ASP B 49 22.17 -28.28 23.74
N GLN B 50 22.12 -27.03 23.28
CA GLN B 50 23.31 -26.19 23.16
C GLN B 50 23.34 -25.10 24.21
N CYS B 51 24.54 -24.57 24.45
CA CYS B 51 24.74 -23.39 25.27
C CYS B 51 24.70 -22.15 24.39
N PHE B 52 23.67 -21.32 24.57
CA PHE B 52 23.56 -20.06 23.85
C PHE B 52 24.30 -18.98 24.63
N LEU B 53 25.00 -18.11 23.92
CA LEU B 53 25.75 -17.04 24.56
C LEU B 53 24.82 -16.13 25.35
N ARG B 54 23.65 -15.80 24.78
CA ARG B 54 22.67 -14.96 25.46
C ARG B 54 22.07 -15.66 26.69
N ASP B 55 21.78 -16.96 26.56
CA ASP B 55 21.20 -17.74 27.66
C ASP B 55 22.17 -17.91 28.83
N PHE B 56 23.47 -18.02 28.54
CA PHE B 56 24.45 -18.27 29.59
C PHE B 56 24.63 -17.11 30.56
N VAL B 57 24.27 -15.90 30.14
CA VAL B 57 24.48 -14.70 30.95
C VAL B 57 23.89 -14.80 32.37
N PRO B 58 22.59 -15.11 32.50
CA PRO B 58 22.04 -15.25 33.85
C PRO B 58 22.62 -16.43 34.62
N SER B 59 22.92 -17.53 33.95
CA SER B 59 23.61 -18.64 34.59
C SER B 59 24.93 -18.15 35.15
N ALA B 60 25.72 -17.48 34.32
CA ALA B 60 27.01 -16.91 34.74
C ALA B 60 26.88 -16.05 36.00
N PHE B 61 25.86 -15.19 36.05
CA PHE B 61 25.63 -14.34 37.22
C PHE B 61 25.40 -15.15 38.48
N VAL B 62 24.63 -16.24 38.37
CA VAL B 62 24.40 -17.12 39.52
C VAL B 62 25.73 -17.65 40.04
N PHE B 63 26.56 -18.12 39.12
CA PHE B 63 27.85 -18.72 39.48
C PHE B 63 28.83 -17.68 40.03
N LEU B 64 28.85 -16.49 39.44
CA LEU B 64 29.69 -15.39 39.95
C LEU B 64 29.32 -15.01 41.37
N MSE B 65 28.03 -14.83 41.63
CA MSE B 65 27.55 -14.41 42.95
C MSE B 65 27.71 -15.51 43.98
O MSE B 65 27.92 -15.23 45.15
CB MSE B 65 26.10 -13.95 42.87
CG MSE B 65 26.07 -12.62 42.11
SE MSE B 65 24.32 -11.71 42.26
CE MSE B 65 23.35 -12.96 41.10
N ASP B 66 27.65 -16.76 43.55
CA ASP B 66 27.89 -17.90 44.45
C ASP B 66 29.38 -18.02 44.79
N GLY B 67 30.25 -17.74 43.83
CA GLY B 67 31.69 -17.79 44.04
C GLY B 67 32.45 -18.80 43.19
N GLN B 68 31.73 -19.70 42.53
CA GLN B 68 32.38 -20.67 41.62
C GLN B 68 32.52 -20.08 40.22
N THR B 69 33.63 -19.39 39.98
CA THR B 69 33.80 -18.57 38.79
C THR B 69 34.55 -19.25 37.64
N ASP B 70 35.00 -20.49 37.87
CA ASP B 70 35.74 -21.23 36.85
C ASP B 70 34.93 -21.41 35.56
N ILE B 71 33.67 -21.80 35.72
CA ILE B 71 32.78 -22.03 34.57
C ILE B 71 32.67 -20.78 33.67
N VAL B 72 32.64 -19.60 34.28
CA VAL B 72 32.51 -18.34 33.56
C VAL B 72 33.81 -18.00 32.84
N ARG B 73 34.93 -18.13 33.55
CA ARG B 73 36.25 -17.95 32.94
C ARG B 73 36.44 -18.91 31.75
N ASN B 74 36.10 -20.18 31.94
CA ASN B 74 36.24 -21.19 30.89
C ASN B 74 35.34 -20.90 29.68
N PHE B 75 34.11 -20.51 29.96
CA PHE B 75 33.18 -20.07 28.93
C PHE B 75 33.76 -18.94 28.07
N LEU B 76 34.23 -17.89 28.73
CA LEU B 76 34.82 -16.75 28.05
C LEU B 76 36.02 -17.17 27.17
N ILE B 77 36.84 -18.08 27.68
CA ILE B 77 38.00 -18.57 26.93
C ILE B 77 37.56 -19.40 25.72
N GLU B 78 36.64 -20.34 25.92
CA GLU B 78 36.25 -21.22 24.81
C GLU B 78 35.51 -20.49 23.69
N THR B 79 34.66 -19.52 24.05
CA THR B 79 33.96 -18.72 23.03
C THR B 79 34.92 -17.82 22.25
N LEU B 80 35.95 -17.30 22.93
CA LEU B 80 37.00 -16.55 22.25
C LEU B 80 37.68 -17.41 21.19
N THR B 81 38.09 -18.61 21.58
CA THR B 81 38.62 -19.59 20.63
C THR B 81 37.66 -19.83 19.46
N LEU B 82 36.37 -20.00 19.75
CA LEU B 82 35.37 -20.20 18.68
C LEU B 82 35.32 -19.03 17.70
N GLN B 83 35.47 -17.82 18.21
CA GLN B 83 35.53 -16.63 17.36
C GLN B 83 36.51 -16.81 16.20
N SER B 84 37.58 -17.57 16.43
CA SER B 84 38.59 -17.82 15.38
C SER B 84 38.29 -19.05 14.50
N HIS B 85 37.22 -19.78 14.80
CA HIS B 85 36.80 -20.91 13.96
C HIS B 85 36.44 -20.43 12.56
N GLU B 86 36.54 -21.35 11.59
CA GLU B 86 36.13 -21.04 10.23
C GLU B 86 34.62 -21.13 10.14
N LYS B 87 34.01 -20.02 9.70
CA LYS B 87 32.58 -19.89 9.57
C LYS B 87 32.30 -19.67 8.09
N GLU B 88 31.37 -20.43 7.53
CA GLU B 88 31.12 -20.34 6.09
C GLU B 88 29.73 -20.84 5.67
N MSE B 89 29.21 -20.22 4.63
CA MSE B 89 28.00 -20.70 3.93
C MSE B 89 28.19 -20.31 2.48
O MSE B 89 28.32 -19.13 2.17
CB MSE B 89 26.73 -20.05 4.49
CG MSE B 89 25.46 -20.47 3.74
SE MSE B 89 23.83 -19.76 4.61
CE MSE B 89 23.45 -18.29 3.37
N ASP B 90 28.24 -21.30 1.60
CA ASP B 90 28.39 -21.05 0.16
C ASP B 90 29.53 -20.06 -0.15
N CYS B 91 30.69 -20.29 0.45
CA CYS B 91 31.92 -19.50 0.17
C CYS B 91 31.96 -18.10 0.74
N PHE B 92 30.92 -17.66 1.44
CA PHE B 92 30.94 -16.32 2.03
C PHE B 92 31.32 -16.38 3.51
N GLN B 93 32.20 -15.47 3.92
CA GLN B 93 32.63 -15.33 5.31
C GLN B 93 32.04 -14.05 5.90
N PRO B 94 31.47 -14.13 7.11
CA PRO B 94 31.18 -12.89 7.83
C PRO B 94 32.46 -12.26 8.41
N GLY B 95 32.29 -11.12 9.08
CA GLY B 95 33.40 -10.49 9.78
C GLY B 95 33.99 -11.43 10.82
N ALA B 96 35.30 -11.33 11.03
CA ALA B 96 36.04 -12.28 11.87
C ALA B 96 35.64 -12.23 13.35
N GLY B 97 35.08 -11.11 13.78
CA GLY B 97 34.70 -10.92 15.18
C GLY B 97 33.41 -11.58 15.63
N LEU B 98 32.64 -12.11 14.67
CA LEU B 98 31.33 -12.68 14.97
C LEU B 98 31.41 -13.79 16.01
N MSE B 99 30.62 -13.65 17.08
CA MSE B 99 30.51 -14.67 18.10
C MSE B 99 29.36 -15.58 17.75
O MSE B 99 28.40 -15.15 17.14
CB MSE B 99 30.30 -14.03 19.47
CG MSE B 99 31.59 -13.44 20.03
SE MSE B 99 32.82 -14.87 20.59
CE MSE B 99 34.24 -13.66 21.21
N PRO B 100 29.45 -16.86 18.14
CA PRO B 100 28.38 -17.80 17.81
C PRO B 100 27.08 -17.56 18.58
N ALA B 101 25.98 -18.02 17.99
CA ALA B 101 24.70 -18.08 18.68
C ALA B 101 24.80 -19.04 19.85
N SER B 102 25.41 -20.19 19.57
CA SER B 102 25.47 -21.28 20.53
C SER B 102 26.57 -22.29 20.16
N PHE B 103 26.82 -23.20 21.08
CA PHE B 103 27.79 -24.28 20.87
C PHE B 103 27.44 -25.51 21.68
N LYS B 104 28.01 -26.64 21.28
CA LYS B 104 27.95 -27.85 22.09
C LYS B 104 29.20 -28.71 21.90
N VAL B 105 29.31 -29.71 22.76
CA VAL B 105 30.42 -30.62 22.75
C VAL B 105 30.07 -31.89 22.00
N GLU B 106 30.97 -32.30 21.13
CA GLU B 106 30.81 -33.54 20.40
C GLU B 106 32.10 -34.33 20.50
N SER B 107 32.01 -35.62 20.25
CA SER B 107 33.19 -36.46 20.34
C SER B 107 33.32 -37.43 19.17
N ASP B 108 34.56 -37.64 18.78
CA ASP B 108 34.92 -38.65 17.80
C ASP B 108 35.68 -39.69 18.59
N GLY B 109 35.03 -40.80 18.89
CA GLY B 109 35.64 -41.81 19.74
C GLY B 109 35.96 -41.15 21.08
N SER B 110 37.22 -41.27 21.50
CA SER B 110 37.68 -40.65 22.74
C SER B 110 37.74 -39.12 22.65
N LYS B 111 38.19 -38.59 21.52
CA LYS B 111 38.41 -37.15 21.35
C LYS B 111 37.14 -36.31 21.40
N GLU B 112 37.22 -35.19 22.12
CA GLU B 112 36.13 -34.22 22.26
C GLU B 112 36.47 -32.94 21.51
N TYR B 113 35.45 -32.26 21.01
CA TYR B 113 35.64 -30.98 20.33
C TYR B 113 34.35 -30.16 20.35
N LEU B 114 34.50 -28.85 20.20
CA LEU B 114 33.35 -27.94 20.24
C LEU B 114 32.82 -27.70 18.84
N VAL B 115 31.49 -27.70 18.73
CA VAL B 115 30.80 -27.37 17.49
C VAL B 115 29.87 -26.17 17.77
N ALA B 116 29.91 -25.18 16.88
CA ALA B 116 29.22 -23.93 17.09
C ALA B 116 28.29 -23.57 15.93
N ASP B 117 27.22 -22.85 16.26
CA ASP B 117 26.32 -22.29 15.26
C ASP B 117 26.51 -20.77 15.23
N PHE B 118 27.07 -20.29 14.11
CA PHE B 118 27.29 -18.86 13.88
C PHE B 118 26.19 -18.22 13.03
N GLY B 119 25.10 -18.95 12.82
CA GLY B 119 24.08 -18.54 11.86
C GLY B 119 24.01 -19.47 10.65
N GLU B 120 25.08 -20.24 10.41
CA GLU B 120 25.11 -21.18 9.27
C GLU B 120 24.29 -22.46 9.51
N LYS B 121 24.00 -22.77 10.77
CA LYS B 121 23.08 -23.87 11.11
C LYS B 121 21.71 -23.36 11.55
N ALA B 122 21.67 -22.12 12.02
CA ALA B 122 20.47 -21.53 12.61
C ALA B 122 19.24 -21.64 11.72
N ILE B 123 18.09 -21.82 12.37
CA ILE B 123 16.81 -21.76 11.69
C ILE B 123 16.70 -20.36 11.07
N ALA B 124 16.34 -20.32 9.80
CA ALA B 124 16.20 -19.07 9.04
C ALA B 124 17.51 -18.31 8.83
N ARG B 125 18.64 -18.93 9.16
CA ARG B 125 19.96 -18.30 9.03
C ARG B 125 20.06 -16.91 9.69
N VAL B 126 19.40 -16.76 10.84
CA VAL B 126 19.41 -15.50 11.57
C VAL B 126 20.80 -15.24 12.17
N PRO B 127 21.26 -13.97 12.14
CA PRO B 127 22.57 -13.68 12.68
C PRO B 127 22.49 -13.36 14.18
N PRO B 128 23.37 -13.95 15.00
CA PRO B 128 23.37 -13.70 16.43
C PRO B 128 24.10 -12.40 16.76
N VAL B 129 23.54 -11.27 16.35
CA VAL B 129 24.21 -9.99 16.52
C VAL B 129 24.40 -9.67 18.01
N ASP B 130 23.42 -10.03 18.84
CA ASP B 130 23.48 -9.75 20.28
C ASP B 130 24.56 -10.53 21.02
N SER B 131 24.96 -11.69 20.48
CA SER B 131 25.90 -12.59 21.15
C SER B 131 27.26 -11.95 21.41
N CYS B 132 27.78 -11.19 20.44
CA CYS B 132 29.07 -10.56 20.60
C CYS B 132 29.02 -9.42 21.63
N MSE B 133 27.88 -8.75 21.72
CA MSE B 133 27.70 -7.71 22.73
C MSE B 133 27.55 -8.31 24.09
O MSE B 133 28.14 -7.82 25.06
CB MSE B 133 26.52 -6.82 22.35
CG MSE B 133 26.91 -5.95 21.14
SE MSE B 133 25.25 -5.41 20.24
CE MSE B 133 26.00 -5.42 18.43
N TRP B 134 26.79 -9.40 24.20
CA TRP B 134 26.67 -10.11 25.47
C TRP B 134 28.02 -10.65 25.98
N TRP B 135 28.87 -11.07 25.05
CA TRP B 135 30.20 -11.59 25.41
C TRP B 135 31.05 -10.50 26.10
N ILE B 136 31.07 -9.31 25.49
CA ILE B 136 31.80 -8.17 26.05
C ILE B 136 31.24 -7.78 27.41
N LEU B 137 29.92 -7.75 27.54
CA LEU B 137 29.27 -7.42 28.81
C LEU B 137 29.57 -8.45 29.90
N LEU B 138 29.64 -9.72 29.52
CA LEU B 138 29.94 -10.78 30.47
C LEU B 138 31.40 -10.74 30.91
N LEU B 139 32.29 -10.42 29.98
CA LEU B 139 33.71 -10.26 30.30
C LEU B 139 33.92 -9.13 31.32
N ARG B 140 33.22 -8.00 31.13
CA ARG B 140 33.23 -6.90 32.10
C ARG B 140 32.61 -7.32 33.44
N ALA B 141 31.48 -8.03 33.39
CA ALA B 141 30.83 -8.51 34.61
C ALA B 141 31.75 -9.46 35.39
N TYR B 142 32.46 -10.30 34.64
CA TYR B 142 33.41 -11.24 35.22
C TYR B 142 34.51 -10.49 35.99
N GLU B 143 35.09 -9.50 35.33
CA GLU B 143 36.19 -8.74 35.93
C GLU B 143 35.74 -7.97 37.18
N LYS B 144 34.65 -7.24 37.08
CA LYS B 144 34.10 -6.49 38.23
C LYS B 144 33.76 -7.40 39.41
N ALA B 145 33.21 -8.57 39.13
CA ALA B 145 32.71 -9.48 40.17
C ALA B 145 33.82 -10.30 40.85
N THR B 146 34.87 -10.62 40.09
CA THR B 146 35.94 -11.49 40.60
C THR B 146 37.18 -10.68 41.00
N GLY B 147 37.49 -9.65 40.25
CA GLY B 147 38.69 -8.87 40.46
C GLY B 147 39.87 -9.45 39.71
N ASP B 148 39.60 -10.44 38.87
CA ASP B 148 40.63 -11.03 38.04
C ASP B 148 40.80 -10.18 36.80
N LEU B 149 41.82 -9.32 36.84
CA LEU B 149 42.11 -8.41 35.74
C LEU B 149 43.04 -9.05 34.72
N THR B 150 43.57 -10.24 35.03
CA THR B 150 44.55 -10.87 34.15
C THR B 150 43.91 -11.33 32.84
N LEU B 151 42.65 -11.75 32.91
CA LEU B 151 41.99 -12.36 31.74
C LEU B 151 41.84 -11.41 30.55
N ALA B 152 41.17 -10.29 30.78
CA ALA B 152 40.87 -9.32 29.71
C ALA B 152 42.13 -8.66 29.14
N ARG B 153 43.16 -8.59 29.96
CA ARG B 153 44.45 -8.02 29.56
C ARG B 153 45.19 -8.87 28.53
N GLU B 154 44.97 -10.18 28.55
CA GLU B 154 45.68 -11.08 27.62
C GLU B 154 45.56 -10.59 26.18
N PRO B 155 46.65 -10.65 25.40
CA PRO B 155 46.61 -10.20 24.01
C PRO B 155 45.47 -10.81 23.20
N LYS B 156 45.22 -12.10 23.37
CA LYS B 156 44.12 -12.78 22.65
C LYS B 156 42.76 -12.14 22.93
N PHE B 157 42.50 -11.80 24.18
CA PHE B 157 41.25 -11.15 24.55
C PHE B 157 41.14 -9.72 24.00
N GLN B 158 42.24 -8.97 24.06
CA GLN B 158 42.30 -7.64 23.44
C GLN B 158 41.99 -7.71 21.94
N ALA B 159 42.62 -8.67 21.26
CA ALA B 159 42.38 -8.88 19.82
C ALA B 159 40.91 -9.24 19.55
N GLY B 160 40.34 -10.06 20.42
CA GLY B 160 38.96 -10.50 20.29
C GLY B 160 37.95 -9.38 20.45
N ILE B 161 38.17 -8.52 21.45
CA ILE B 161 37.32 -7.34 21.65
C ILE B 161 37.37 -6.45 20.41
N LYS B 162 38.56 -6.25 19.88
CA LYS B 162 38.74 -5.35 18.74
C LYS B 162 38.06 -5.85 17.47
N LEU B 163 38.10 -7.16 17.24
CA LEU B 163 37.43 -7.74 16.08
C LEU B 163 35.92 -7.47 16.16
N ILE B 164 35.34 -7.57 17.35
CA ILE B 164 33.93 -7.25 17.56
C ILE B 164 33.64 -5.78 17.27
N LEU B 165 34.55 -4.89 17.70
CA LEU B 165 34.40 -3.46 17.46
C LEU B 165 34.54 -3.14 15.96
N ASP B 166 35.48 -3.81 15.28
CA ASP B 166 35.61 -3.70 13.82
C ASP B 166 34.28 -3.97 13.14
N LEU B 167 33.54 -4.95 13.64
CA LEU B 167 32.27 -5.34 13.04
C LEU B 167 31.16 -4.36 13.42
N CYS B 168 31.08 -4.01 14.70
CA CYS B 168 30.08 -3.06 15.17
C CYS B 168 30.25 -1.65 14.61
N LEU B 169 31.50 -1.21 14.45
CA LEU B 169 31.80 0.17 14.04
C LEU B 169 32.16 0.31 12.57
N ALA B 170 31.96 -0.75 11.78
CA ALA B 170 32.24 -0.69 10.35
C ALA B 170 31.36 0.35 9.68
N HIS B 171 31.94 1.11 8.76
CA HIS B 171 31.22 2.20 8.09
C HIS B 171 29.94 1.72 7.40
N ARG B 172 28.89 2.54 7.49
CA ARG B 172 27.63 2.25 6.82
C ARG B 172 27.15 3.44 5.98
N PHE B 173 26.07 3.22 5.23
CA PHE B 173 25.54 4.22 4.30
C PHE B 173 24.66 5.30 4.95
N SER B 174 24.05 4.97 6.10
CA SER B 174 23.08 5.86 6.74
C SER B 174 23.73 6.98 7.56
N MSE B 175 22.97 8.07 7.70
CA MSE B 175 23.42 9.24 8.43
C MSE B 175 23.46 9.04 9.92
O MSE B 175 24.26 9.68 10.60
CB MSE B 175 22.52 10.44 8.11
CG MSE B 175 22.66 10.90 6.68
SE MSE B 175 24.48 11.58 6.32
CE MSE B 175 24.35 11.72 4.38
N TYR B 176 22.59 8.18 10.46
CA TYR B 176 22.51 7.96 11.93
C TYR B 176 23.51 6.90 12.46
N PRO B 177 23.84 6.94 13.78
CA PRO B 177 24.86 6.01 14.25
C PRO B 177 24.35 4.66 14.76
N THR B 178 23.06 4.39 14.63
CA THR B 178 22.52 3.09 15.05
C THR B 178 23.04 1.97 14.16
N MSE B 179 22.87 0.73 14.62
CA MSE B 179 23.32 -0.44 13.88
C MSE B 179 22.20 -1.07 13.09
O MSE B 179 21.14 -1.36 13.63
CB MSE B 179 23.82 -1.49 14.86
CG MSE B 179 25.32 -1.43 15.01
SE MSE B 179 25.78 -2.77 16.37
CE MSE B 179 25.28 -4.30 15.24
N LEU B 180 22.47 -1.30 11.82
CA LEU B 180 21.53 -1.92 10.88
C LEU B 180 21.62 -3.44 10.93
N VAL B 181 20.48 -4.11 11.09
CA VAL B 181 20.45 -5.56 11.16
C VAL B 181 19.29 -6.13 10.34
N PRO B 182 19.41 -7.40 9.92
CA PRO B 182 18.22 -8.06 9.40
C PRO B 182 17.25 -8.37 10.52
N ASP B 183 16.10 -8.91 10.16
CA ASP B 183 15.11 -9.34 11.15
C ASP B 183 15.67 -10.51 11.95
N GLY B 184 15.19 -10.68 13.18
CA GLY B 184 15.55 -11.80 14.03
C GLY B 184 16.99 -11.84 14.50
N ALA B 185 17.57 -10.67 14.77
CA ALA B 185 19.00 -10.54 15.09
C ALA B 185 19.36 -10.52 16.59
N PHE B 186 18.41 -10.80 17.48
CA PHE B 186 18.69 -10.77 18.93
C PHE B 186 17.90 -11.84 19.67
N MSE B 187 17.51 -11.57 20.91
CA MSE B 187 16.74 -12.54 21.69
C MSE B 187 15.57 -12.97 20.85
O MSE B 187 15.23 -14.15 20.80
CB MSE B 187 16.26 -11.93 22.99
CG MSE B 187 15.33 -12.89 23.70
SE MSE B 187 14.99 -12.18 25.50
CE MSE B 187 13.56 -13.41 26.03
N ILE B 188 14.95 -12.00 20.18
CA ILE B 188 13.94 -12.30 19.20
C ILE B 188 14.73 -12.75 17.98
N ASP B 189 14.79 -14.07 17.79
CA ASP B 189 15.63 -14.68 16.75
C ASP B 189 14.80 -15.30 15.62
N ARG B 190 13.62 -14.76 15.39
CA ARG B 190 12.74 -15.14 14.30
C ARG B 190 12.13 -13.87 13.70
N ARG B 191 11.48 -14.01 12.56
CA ARG B 191 10.99 -12.86 11.81
C ARG B 191 9.80 -12.20 12.50
N MSE B 192 10.03 -11.02 13.08
CA MSE B 192 9.05 -10.35 13.93
C MSE B 192 8.92 -8.87 13.68
O MSE B 192 8.37 -8.13 14.51
CB MSE B 192 9.55 -10.58 15.36
CG MSE B 192 9.00 -11.88 15.97
SE MSE B 192 7.05 -11.77 16.24
CE MSE B 192 7.02 -10.22 17.44
N GLY B 193 9.41 -8.40 12.53
CA GLY B 193 9.42 -6.97 12.23
C GLY B 193 10.39 -6.18 13.10
N VAL B 194 11.47 -6.83 13.53
CA VAL B 194 12.50 -6.18 14.34
C VAL B 194 13.78 -6.00 13.52
N TYR B 195 13.63 -5.98 12.21
CA TYR B 195 14.69 -5.60 11.28
C TYR B 195 15.01 -4.11 11.39
N GLU B 196 16.06 -3.69 10.69
CA GLU B 196 16.51 -2.29 10.62
C GLU B 196 17.23 -1.84 11.92
N HIS B 197 16.54 -1.14 12.82
CA HIS B 197 17.21 -0.53 13.99
C HIS B 197 16.49 -0.82 15.30
N PRO B 198 16.37 -2.12 15.64
CA PRO B 198 15.64 -2.50 16.83
C PRO B 198 16.32 -2.00 18.11
N LEU B 199 15.50 -1.57 19.08
CA LEU B 199 15.98 -1.00 20.33
C LEU B 199 16.99 -1.91 21.05
N GLU B 200 16.64 -3.18 21.20
CA GLU B 200 17.51 -4.12 21.92
C GLU B 200 18.95 -4.08 21.42
N ILE B 201 19.14 -4.11 20.10
CA ILE B 201 20.47 -4.06 19.50
C ILE B 201 21.19 -2.76 19.83
N GLN B 202 20.48 -1.65 19.74
CA GLN B 202 21.06 -0.34 20.00
C GLN B 202 21.48 -0.20 21.46
N VAL B 203 20.62 -0.67 22.38
CA VAL B 203 20.92 -0.60 23.82
C VAL B 203 22.09 -1.53 24.19
N LEU B 204 22.06 -2.75 23.68
CA LEU B 204 23.17 -3.68 23.91
C LEU B 204 24.48 -3.17 23.32
N PHE B 205 24.38 -2.51 22.17
CA PHE B 205 25.51 -1.88 21.49
C PHE B 205 26.11 -0.78 22.35
N TYR B 206 25.24 0.08 22.86
CA TYR B 206 25.64 1.14 23.77
C TYR B 206 26.33 0.56 25.01
N ALA B 207 25.71 -0.45 25.62
CA ALA B 207 26.26 -1.07 26.84
C ALA B 207 27.60 -1.74 26.57
N ALA B 208 27.70 -2.44 25.43
CA ALA B 208 28.93 -3.11 25.03
C ALA B 208 30.05 -2.10 24.81
N LEU B 209 29.71 -0.96 24.21
CA LEU B 209 30.67 0.13 24.01
C LEU B 209 31.19 0.68 25.34
N ARG B 210 30.29 0.84 26.31
CA ARG B 210 30.67 1.32 27.64
C ARG B 210 31.62 0.35 28.34
N ALA B 211 31.35 -0.94 28.20
CA ALA B 211 32.22 -1.98 28.74
C ALA B 211 33.57 -2.01 28.03
N ALA B 212 33.55 -1.89 26.70
CA ALA B 212 34.78 -1.90 25.90
C ALA B 212 35.70 -0.76 26.29
N ARG B 213 35.10 0.38 26.63
CA ARG B 213 35.82 1.54 27.14
C ARG B 213 36.67 1.21 28.38
N GLU B 214 36.17 0.32 29.24
CA GLU B 214 36.90 -0.11 30.44
C GLU B 214 37.88 -1.24 30.17
N LEU B 215 37.58 -2.07 29.16
CA LEU B 215 38.34 -3.30 28.93
C LEU B 215 39.55 -3.13 28.00
N LEU B 216 39.50 -2.17 27.09
CA LEU B 216 40.60 -1.96 26.13
C LEU B 216 41.85 -1.37 26.78
N LEU B 217 42.99 -2.01 26.54
CA LEU B 217 44.29 -1.43 26.87
C LEU B 217 44.61 -0.36 25.82
N PRO B 218 45.27 0.73 26.24
CA PRO B 218 45.72 1.77 25.28
C PRO B 218 46.85 1.35 24.35
N ASP B 219 47.61 0.33 24.76
CA ASP B 219 48.78 -0.14 24.00
C ASP B 219 48.50 -0.26 22.51
N GLY B 220 49.48 0.16 21.71
CA GLY B 220 49.39 0.08 20.25
C GLY B 220 48.24 0.88 19.69
N ASP B 221 47.34 0.21 18.99
CA ASP B 221 46.17 0.85 18.41
C ASP B 221 44.97 0.95 19.37
N GLY B 222 45.15 0.50 20.60
CA GLY B 222 44.11 0.57 21.63
C GLY B 222 43.54 1.97 21.79
N GLU B 223 44.42 2.96 21.78
CA GLU B 223 44.01 4.36 21.85
C GLU B 223 43.05 4.73 20.72
N GLN B 224 43.35 4.28 19.50
CA GLN B 224 42.49 4.56 18.34
C GLN B 224 41.10 3.98 18.56
N TYR B 225 41.05 2.74 19.02
CA TYR B 225 39.78 2.08 19.32
C TYR B 225 39.00 2.83 20.40
N LEU B 226 39.68 3.21 21.49
CA LEU B 226 39.05 3.96 22.58
C LEU B 226 38.44 5.29 22.08
N ASN B 227 39.15 5.96 21.18
CA ASN B 227 38.64 7.21 20.59
C ASN B 227 37.36 6.99 19.79
N LYS B 228 37.36 5.99 18.91
CA LYS B 228 36.17 5.66 18.13
C LYS B 228 35.00 5.28 19.05
N VAL B 229 35.29 4.45 20.06
CA VAL B 229 34.27 4.06 21.06
C VAL B 229 33.64 5.28 21.74
N HIS B 230 34.49 6.15 22.28
CA HIS B 230 34.02 7.39 22.92
C HIS B 230 33.10 8.19 22.00
N GLY B 231 33.55 8.40 20.78
CA GLY B 231 32.77 9.12 19.77
C GLY B 231 31.41 8.51 19.50
N ARG B 232 31.37 7.20 19.28
CA ARG B 232 30.11 6.52 18.99
C ARG B 232 29.16 6.54 20.19
N LEU B 233 29.69 6.37 21.39
CA LEU B 233 28.87 6.40 22.61
C LEU B 233 28.05 7.68 22.71
N GLY B 234 28.69 8.81 22.38
CA GLY B 234 28.03 10.11 22.46
C GLY B 234 26.91 10.23 21.45
N ALA B 235 27.24 10.04 20.17
CA ALA B 235 26.26 10.07 19.10
C ALA B 235 25.10 9.10 19.35
N LEU B 236 25.42 7.90 19.80
CA LEU B 236 24.41 6.86 20.00
C LEU B 236 23.42 7.23 21.11
N GLN B 237 23.93 7.70 22.25
CA GLN B 237 23.06 8.12 23.36
C GLN B 237 22.13 9.26 22.96
N TYR B 238 22.69 10.26 22.27
CA TYR B 238 21.90 11.37 21.77
C TYR B 238 20.80 10.88 20.83
N HIS B 239 21.18 10.14 19.80
CA HIS B 239 20.21 9.63 18.82
C HIS B 239 19.06 8.88 19.48
N ILE B 240 19.41 7.91 20.34
CA ILE B 240 18.40 7.07 20.96
C ILE B 240 17.45 7.90 21.85
N ARG B 241 18.02 8.70 22.74
CA ARG B 241 17.22 9.48 23.68
C ARG B 241 16.30 10.46 22.97
N ASN B 242 16.81 11.10 21.92
CA ASN B 242 16.07 12.16 21.25
C ASN B 242 15.06 11.69 20.20
N TYR B 243 15.27 10.50 19.63
CA TYR B 243 14.38 9.98 18.60
C TYR B 243 13.55 8.77 18.99
N TYR B 244 14.01 7.96 19.93
CA TYR B 244 13.27 6.77 20.34
C TYR B 244 12.33 7.04 21.50
N TRP B 245 12.59 8.11 22.27
CA TRP B 245 11.81 8.36 23.48
C TRP B 245 10.36 8.70 23.15
N VAL B 246 9.45 7.97 23.80
CA VAL B 246 8.02 8.17 23.64
C VAL B 246 7.43 8.54 24.99
N ASP B 247 6.78 9.70 25.04
CA ASP B 247 5.86 10.06 26.12
C ASP B 247 4.73 10.91 25.52
N LEU B 248 3.76 11.28 26.36
CA LEU B 248 2.59 12.04 25.91
C LEU B 248 3.00 13.32 25.19
N LYS B 249 3.94 14.05 25.78
CA LYS B 249 4.38 15.31 25.20
C LYS B 249 5.00 15.07 23.82
N ARG B 250 5.86 14.07 23.72
CA ARG B 250 6.49 13.72 22.45
C ARG B 250 5.44 13.25 21.43
N LEU B 251 4.48 12.45 21.87
CA LEU B 251 3.42 11.96 20.99
C LEU B 251 2.59 13.11 20.41
N ARG B 252 2.30 14.13 21.23
CA ARG B 252 1.61 15.32 20.75
C ARG B 252 2.39 16.02 19.65
N GLU B 253 3.72 16.08 19.80
CA GLU B 253 4.58 16.67 18.77
C GLU B 253 4.50 15.87 17.48
N ILE B 254 4.79 14.58 17.58
CA ILE B 254 4.83 13.68 16.42
C ILE B 254 3.47 13.66 15.70
N TYR B 255 2.39 13.57 16.47
CA TYR B 255 1.04 13.57 15.91
C TYR B 255 0.76 14.79 15.05
N ARG B 256 1.35 15.93 15.39
CA ARG B 256 1.17 17.18 14.65
C ARG B 256 2.20 17.41 13.52
N TYR B 257 3.12 16.47 13.33
CA TYR B 257 4.11 16.56 12.25
C TYR B 257 3.45 16.64 10.89
N LYS B 258 4.03 17.46 10.02
CA LYS B 258 3.62 17.54 8.62
C LYS B 258 4.40 16.49 7.81
N GLY B 259 3.72 15.91 6.83
CA GLY B 259 4.33 14.89 5.98
C GLY B 259 5.14 15.48 4.84
N ASN B 260 6.06 14.67 4.31
CA ASN B 260 6.85 15.02 3.12
C ASN B 260 7.68 16.29 3.24
N GLU B 261 8.30 16.47 4.40
CA GLU B 261 9.25 17.56 4.61
C GLU B 261 10.61 17.21 4.02
N PHE B 262 11.12 18.09 3.15
CA PHE B 262 12.46 17.95 2.58
C PHE B 262 13.38 19.06 3.09
N GLY B 263 14.58 18.68 3.52
CA GLY B 263 15.58 19.64 3.99
C GLY B 263 16.28 19.18 5.26
N LYS B 264 17.41 19.79 5.56
CA LYS B 264 18.17 19.49 6.78
C LYS B 264 17.41 19.89 8.03
N GLU B 265 16.85 21.09 8.02
CA GLU B 265 16.17 21.67 9.18
C GLU B 265 14.67 21.41 9.16
N ILE B 266 14.27 20.17 9.39
CA ILE B 266 12.86 19.80 9.42
C ILE B 266 12.56 19.05 10.70
N ALA B 267 11.30 19.12 11.13
CA ALA B 267 10.88 18.46 12.36
C ALA B 267 10.69 16.96 12.15
N ASN B 268 9.99 16.60 11.08
CA ASN B 268 9.64 15.22 10.76
C ASN B 268 10.70 14.59 9.83
N LYS B 269 11.86 14.29 10.40
CA LYS B 269 13.01 13.84 9.62
C LYS B 269 12.78 12.48 8.95
N PHE B 270 12.12 11.56 9.66
CA PHE B 270 11.89 10.21 9.16
C PHE B 270 10.54 10.04 8.47
N ASN B 271 9.86 11.16 8.24
CA ASN B 271 8.60 11.21 7.48
C ASN B 271 7.57 10.23 8.02
N ILE B 272 7.30 10.33 9.31
CA ILE B 272 6.23 9.55 9.93
C ILE B 272 4.90 10.21 9.58
N PHE B 273 3.95 9.42 9.10
CA PHE B 273 2.59 9.90 8.85
C PHE B 273 1.72 9.62 10.07
N SER B 274 1.23 10.69 10.71
CA SER B 274 0.56 10.59 12.00
C SER B 274 -0.73 9.77 11.97
N GLN B 275 -1.39 9.74 10.80
CA GLN B 275 -2.56 8.90 10.61
C GLN B 275 -2.27 7.40 10.80
N SER B 276 -1.01 7.00 10.64
CA SER B 276 -0.59 5.60 10.86
C SER B 276 -0.27 5.27 12.32
N ILE B 277 -0.17 6.27 13.18
CA ILE B 277 0.10 6.03 14.60
C ILE B 277 -1.04 5.21 15.18
N PRO B 278 -0.75 4.02 15.74
CA PRO B 278 -1.83 3.15 16.22
C PRO B 278 -2.66 3.76 17.36
N ASP B 279 -3.94 3.41 17.39
CA ASP B 279 -4.88 3.95 18.39
C ASP B 279 -4.49 3.59 19.82
N TRP B 280 -3.96 2.38 20.00
CA TRP B 280 -3.68 1.85 21.34
C TRP B 280 -2.64 2.69 22.09
N VAL B 281 -1.70 3.32 21.37
CA VAL B 281 -0.57 4.02 22.01
C VAL B 281 -1.05 5.15 22.91
N ILE B 282 -1.93 5.99 22.37
CA ILE B 282 -2.38 7.21 23.04
C ILE B 282 -3.14 6.90 24.34
N GLU B 283 -3.94 5.85 24.32
CA GLU B 283 -4.71 5.44 25.51
C GLU B 283 -3.88 4.68 26.54
N TRP B 284 -2.81 4.02 26.08
CA TRP B 284 -2.04 3.11 26.92
C TRP B 284 -1.10 3.83 27.90
N LEU B 285 -0.47 4.89 27.44
CA LEU B 285 0.48 5.64 28.27
C LEU B 285 -0.19 6.42 29.40
N PRO B 286 0.28 6.22 30.64
CA PRO B 286 -0.16 7.14 31.71
C PRO B 286 0.53 8.49 31.60
N GLU B 287 -0.01 9.46 32.34
CA GLU B 287 0.52 10.83 32.39
C GLU B 287 2.02 10.86 32.64
N LYS B 288 2.46 10.15 33.67
CA LYS B 288 3.84 10.20 34.13
C LYS B 288 4.67 9.04 33.60
N GLY B 289 4.17 8.40 32.53
CA GLY B 289 4.82 7.23 31.95
C GLY B 289 5.56 7.56 30.67
N GLY B 290 6.39 6.63 30.22
CA GLY B 290 7.13 6.80 28.98
C GLY B 290 8.01 5.60 28.68
N TYR B 291 8.52 5.53 27.47
CA TYR B 291 9.39 4.43 27.07
C TYR B 291 10.16 4.74 25.80
N LEU B 292 11.17 3.91 25.55
CA LEU B 292 11.91 3.95 24.30
C LEU B 292 11.21 3.06 23.28
N ALA B 293 10.92 3.63 22.11
CA ALA B 293 10.25 2.91 21.02
C ALA B 293 11.08 1.71 20.53
N GLY B 294 10.40 0.76 19.91
CA GLY B 294 11.00 -0.50 19.52
C GLY B 294 11.91 -0.40 18.31
N ASN B 295 11.67 0.59 17.47
CA ASN B 295 12.40 0.72 16.21
C ASN B 295 12.21 2.10 15.60
N LEU B 296 13.13 2.45 14.72
CA LEU B 296 13.07 3.70 13.96
C LEU B 296 13.81 3.54 12.64
N GLY B 297 13.22 4.06 11.58
CA GLY B 297 13.85 4.04 10.26
C GLY B 297 13.05 4.86 9.27
N PRO B 298 13.45 4.83 7.99
CA PRO B 298 12.74 5.60 6.98
C PRO B 298 11.23 5.30 6.97
N GLY B 299 10.43 6.33 7.24
CA GLY B 299 8.98 6.21 7.22
C GLY B 299 8.43 5.32 8.31
N ARG B 300 9.23 5.08 9.35
CA ARG B 300 8.89 4.04 10.31
C ARG B 300 9.25 4.36 11.76
N MSE B 301 8.27 4.17 12.64
CA MSE B 301 8.48 4.18 14.07
C MSE B 301 7.66 3.05 14.62
O MSE B 301 6.45 3.01 14.45
CB MSE B 301 8.01 5.53 14.62
CG MSE B 301 8.81 5.92 15.85
SE MSE B 301 8.37 7.80 16.27
CE MSE B 301 8.69 7.46 18.18
N ASP B 302 8.33 2.09 15.26
CA ASP B 302 7.65 0.94 15.85
C ASP B 302 7.34 1.29 17.30
N PHE B 303 6.06 1.51 17.58
CA PHE B 303 5.63 1.94 18.90
C PHE B 303 5.46 0.81 19.91
N ARG B 304 5.69 -0.43 19.48
CA ARG B 304 5.67 -1.56 20.42
C ARG B 304 6.67 -1.31 21.55
N PHE B 305 6.26 -1.64 22.77
CA PHE B 305 7.13 -1.62 23.93
C PHE B 305 7.92 -2.92 24.00
N PHE B 306 9.24 -2.82 24.01
CA PHE B 306 10.14 -3.99 24.16
C PHE B 306 10.83 -3.96 25.52
N ALA B 307 10.56 -4.98 26.33
CA ALA B 307 10.99 -5.00 27.72
C ALA B 307 12.50 -5.04 27.91
N LEU B 308 13.19 -5.93 27.19
CA LEU B 308 14.64 -6.08 27.41
C LEU B 308 15.37 -4.80 27.07
N GLY B 309 15.08 -4.25 25.89
CA GLY B 309 15.63 -2.96 25.49
C GLY B 309 15.41 -1.87 26.54
N ASN B 310 14.17 -1.72 26.98
CA ASN B 310 13.86 -0.68 27.98
C ASN B 310 14.54 -0.91 29.34
N LEU B 311 14.56 -2.15 29.82
CA LEU B 311 15.19 -2.45 31.10
C LEU B 311 16.72 -2.29 31.04
N MSE B 312 17.34 -2.76 29.95
CA MSE B 312 18.79 -2.59 29.77
C MSE B 312 19.18 -1.14 29.59
O MSE B 312 20.29 -0.75 29.97
CB MSE B 312 19.33 -3.39 28.57
CG MSE B 312 19.70 -4.83 28.93
SE MSE B 312 21.24 -4.91 30.19
CE MSE B 312 22.61 -3.99 29.13
N ALA B 313 18.30 -0.32 29.00
CA ALA B 313 18.56 1.12 28.88
C ALA B 313 18.68 1.77 30.26
N ILE B 314 17.87 1.30 31.21
CA ILE B 314 17.94 1.78 32.59
C ILE B 314 19.27 1.34 33.21
N LEU B 315 19.58 0.04 33.09
CA LEU B 315 20.76 -0.52 33.71
C LEU B 315 22.09 0.00 33.15
N ALA B 316 22.16 0.24 31.85
CA ALA B 316 23.36 0.75 31.21
C ALA B 316 23.53 2.26 31.36
N GLY B 317 22.55 2.94 31.95
CA GLY B 317 22.60 4.39 32.09
C GLY B 317 22.33 5.13 30.79
N LEU B 318 21.73 4.46 29.82
CA LEU B 318 21.43 5.07 28.52
C LEU B 318 20.26 6.05 28.68
N ALA B 319 19.21 5.58 29.33
CA ALA B 319 18.10 6.47 29.70
C ALA B 319 18.53 7.32 30.89
N SER B 320 18.01 8.55 30.96
CA SER B 320 18.25 9.44 32.09
C SER B 320 17.54 8.91 33.34
N GLU B 321 17.83 9.55 34.47
CA GLU B 321 17.19 9.17 35.73
C GLU B 321 15.66 9.35 35.64
N GLU B 322 15.21 10.46 35.07
CA GLU B 322 13.78 10.72 34.89
C GLU B 322 13.14 9.71 33.94
N GLU B 323 13.81 9.47 32.81
CA GLU B 323 13.34 8.49 31.83
C GLU B 323 13.22 7.10 32.46
N SER B 324 14.20 6.75 33.29
CA SER B 324 14.18 5.48 34.02
C SER B 324 12.97 5.40 34.96
N GLN B 325 12.69 6.48 35.67
CA GLN B 325 11.52 6.54 36.56
C GLN B 325 10.22 6.43 35.77
N ARG B 326 10.17 7.05 34.61
CA ARG B 326 8.97 7.04 33.76
C ARG B 326 8.70 5.67 33.11
N ILE B 327 9.78 4.95 32.77
CA ILE B 327 9.65 3.54 32.35
C ILE B 327 9.06 2.71 33.48
N MSE B 328 9.59 2.88 34.69
CA MSE B 328 9.04 2.17 35.86
C MSE B 328 7.63 2.56 36.19
O MSE B 328 6.85 1.73 36.66
CB MSE B 328 9.89 2.38 37.11
CG MSE B 328 11.24 1.69 36.99
SE MSE B 328 11.06 -0.26 36.83
CE MSE B 328 12.23 -0.45 35.29
N ASN B 329 7.27 3.83 35.96
CA ASN B 329 5.88 4.28 36.12
C ASN B 329 4.95 3.57 35.14
N LEU B 330 5.46 3.33 33.93
CA LEU B 330 4.70 2.61 32.92
C LEU B 330 4.39 1.18 33.39
N PHE B 331 5.40 0.49 33.91
CA PHE B 331 5.24 -0.86 34.46
C PHE B 331 4.20 -0.91 35.59
N ALA B 332 4.23 0.09 36.48
CA ALA B 332 3.29 0.14 37.60
C ALA B 332 1.86 0.35 37.11
N HIS B 333 1.67 1.31 36.21
CA HIS B 333 0.37 1.64 35.65
C HIS B 333 -0.20 0.53 34.74
N ARG B 334 0.68 -0.12 33.97
CA ARG B 334 0.28 -1.18 33.03
C ARG B 334 0.82 -2.54 33.46
N TRP B 335 0.71 -2.82 34.76
CA TRP B 335 1.22 -4.04 35.36
C TRP B 335 0.58 -5.31 34.78
N GLU B 336 -0.74 -5.29 34.58
CA GLU B 336 -1.44 -6.45 34.04
C GLU B 336 -0.95 -6.79 32.61
N ASP B 337 -0.72 -5.76 31.82
CA ASP B 337 -0.18 -5.92 30.47
C ASP B 337 1.26 -6.44 30.44
N LEU B 338 2.13 -5.87 31.26
CA LEU B 338 3.57 -6.11 31.15
C LEU B 338 4.12 -7.18 32.11
N ILE B 339 3.39 -7.45 33.19
CA ILE B 339 3.77 -8.50 34.14
C ILE B 339 2.69 -9.56 34.20
N GLY B 340 1.47 -9.16 34.51
CA GLY B 340 0.34 -10.08 34.56
C GLY B 340 0.62 -11.24 35.49
N TYR B 341 0.37 -12.45 35.00
CA TYR B 341 0.61 -13.67 35.77
C TYR B 341 2.02 -14.25 35.64
N MSE B 342 2.87 -13.63 34.81
CA MSE B 342 4.27 -14.07 34.70
C MSE B 342 5.15 -12.96 34.19
O MSE B 342 5.07 -12.59 33.00
CB MSE B 342 4.35 -15.28 33.75
CG MSE B 342 5.77 -15.78 33.55
SE MSE B 342 6.76 -16.07 35.24
CE MSE B 342 5.82 -17.67 35.87
N PRO B 343 6.03 -12.40 35.06
CA PRO B 343 6.95 -11.45 34.44
C PRO B 343 7.95 -12.15 33.52
N VAL B 344 8.39 -11.54 32.43
CA VAL B 344 7.95 -10.21 31.95
C VAL B 344 7.49 -10.38 30.51
N LYS B 345 6.50 -9.58 30.09
CA LYS B 345 6.10 -9.59 28.68
C LYS B 345 7.23 -9.06 27.81
N ILE B 346 7.65 -9.87 26.84
CA ILE B 346 8.78 -9.54 25.97
C ILE B 346 8.53 -8.29 25.12
N CYS B 347 7.31 -8.15 24.62
CA CYS B 347 6.90 -6.93 23.94
C CYS B 347 5.38 -6.81 23.87
N TYR B 348 4.93 -5.57 23.71
CA TYR B 348 3.51 -5.24 23.78
C TYR B 348 3.16 -4.15 22.77
N PRO B 349 2.04 -4.31 22.04
CA PRO B 349 1.12 -5.45 22.01
C PRO B 349 1.54 -6.49 20.99
N ALA B 350 0.77 -7.59 20.94
CA ALA B 350 0.98 -8.66 19.96
C ALA B 350 0.54 -8.22 18.56
N LEU B 351 1.26 -8.69 17.55
CA LEU B 351 0.81 -8.58 16.17
C LEU B 351 -0.33 -9.58 16.00
N GLN B 352 -1.47 -9.12 15.47
CA GLN B 352 -2.65 -9.97 15.35
C GLN B 352 -3.18 -10.03 13.93
N GLY B 353 -3.98 -11.07 13.66
CA GLY B 353 -4.66 -11.24 12.39
C GLY B 353 -3.74 -11.11 11.18
N LEU B 354 -4.14 -10.28 10.23
CA LEU B 354 -3.39 -10.08 8.99
C LEU B 354 -2.02 -9.44 9.25
N GLU B 355 -1.90 -8.69 10.34
CA GLU B 355 -0.62 -8.12 10.72
C GLU B 355 0.38 -9.24 11.05
N TRP B 356 -0.08 -10.25 11.77
CA TRP B 356 0.72 -11.43 12.08
C TRP B 356 1.17 -12.12 10.78
N GLN B 357 0.24 -12.30 9.85
CA GLN B 357 0.53 -12.93 8.57
C GLN B 357 1.62 -12.19 7.79
N ILE B 358 1.43 -10.89 7.63
CA ILE B 358 2.31 -10.04 6.85
C ILE B 358 3.69 -9.88 7.47
N VAL B 359 3.74 -9.62 8.77
CA VAL B 359 5.00 -9.29 9.44
C VAL B 359 5.82 -10.55 9.75
N THR B 360 5.19 -11.63 10.17
CA THR B 360 5.92 -12.86 10.54
C THR B 360 6.01 -13.89 9.41
N GLY B 361 5.29 -13.65 8.31
CA GLY B 361 5.16 -14.63 7.25
C GLY B 361 4.39 -15.86 7.70
N CYS B 362 3.37 -15.63 8.53
CA CYS B 362 2.55 -16.69 9.11
C CYS B 362 3.37 -17.68 9.93
N ASP B 363 4.28 -17.16 10.75
CA ASP B 363 5.12 -18.01 11.58
C ASP B 363 4.30 -18.67 12.70
N PRO B 364 4.12 -20.01 12.64
CA PRO B 364 3.29 -20.70 13.63
C PRO B 364 3.82 -20.67 15.08
N LYS B 365 5.12 -20.46 15.26
CA LYS B 365 5.66 -20.34 16.61
C LYS B 365 5.36 -18.98 17.25
N ASN B 366 5.09 -17.98 16.41
CA ASN B 366 4.82 -16.63 16.89
C ASN B 366 3.38 -16.15 16.64
N ILE B 367 2.41 -17.03 16.85
CA ILE B 367 1.00 -16.63 16.82
C ILE B 367 0.75 -15.57 17.89
N PRO B 368 -0.38 -14.85 17.82
CA PRO B 368 -0.58 -13.74 18.75
C PRO B 368 -0.52 -14.14 20.24
N TRP B 369 0.18 -13.31 21.02
CA TRP B 369 0.41 -13.52 22.45
C TRP B 369 1.18 -14.80 22.75
N SER B 370 2.03 -15.22 21.81
CA SER B 370 2.87 -16.40 22.01
C SER B 370 4.33 -16.13 21.68
N TYR B 371 5.21 -16.68 22.53
CA TYR B 371 6.65 -16.68 22.29
C TYR B 371 7.17 -15.24 22.13
N HIS B 372 7.77 -14.90 21.00
CA HIS B 372 8.27 -13.55 20.77
C HIS B 372 7.16 -12.55 20.56
N ASN B 373 6.02 -13.02 20.05
CA ASN B 373 4.92 -12.14 19.68
C ASN B 373 4.00 -11.85 20.88
N GLY B 374 4.57 -11.19 21.88
CA GLY B 374 3.82 -10.83 23.09
C GLY B 374 3.65 -11.92 24.12
N GLY B 375 4.56 -12.90 24.12
CA GLY B 375 4.62 -13.90 25.20
C GLY B 375 5.27 -13.34 26.46
N ASN B 376 5.14 -14.06 27.57
CA ASN B 376 5.79 -13.68 28.83
C ASN B 376 6.99 -14.57 29.16
N TRP B 377 8.12 -13.94 29.45
CA TRP B 377 9.39 -14.65 29.59
C TRP B 377 9.98 -14.50 30.99
N PRO B 378 9.98 -15.60 31.77
CA PRO B 378 10.53 -15.60 33.14
C PRO B 378 11.98 -15.10 33.27
N VAL B 379 12.84 -15.41 32.30
CA VAL B 379 14.22 -14.94 32.35
C VAL B 379 14.32 -13.43 32.59
N LEU B 380 13.43 -12.66 31.97
CA LEU B 380 13.47 -11.19 32.06
C LEU B 380 13.28 -10.64 33.48
N LEU B 381 12.77 -11.48 34.38
CA LEU B 381 12.65 -11.12 35.79
C LEU B 381 13.96 -10.60 36.40
N TRP B 382 15.10 -11.11 35.96
CA TRP B 382 16.38 -10.69 36.54
C TRP B 382 16.73 -9.24 36.14
N LEU B 383 16.43 -8.87 34.91
CA LEU B 383 16.60 -7.49 34.46
C LEU B 383 15.59 -6.56 35.10
N PHE B 384 14.35 -7.02 35.22
CA PHE B 384 13.33 -6.21 35.87
C PHE B 384 13.68 -5.93 37.33
N THR B 385 14.16 -6.96 38.03
CA THR B 385 14.55 -6.82 39.44
C THR B 385 15.73 -5.86 39.58
N ALA B 386 16.74 -6.01 38.71
CA ALA B 386 17.89 -5.11 38.70
C ALA B 386 17.47 -3.65 38.45
N ALA B 387 16.64 -3.44 37.44
CA ALA B 387 16.18 -2.09 37.08
C ALA B 387 15.33 -1.48 38.20
N ALA B 388 14.52 -2.31 38.85
CA ALA B 388 13.67 -1.85 39.94
C ALA B 388 14.52 -1.40 41.13
N LEU B 389 15.50 -2.20 41.49
CA LEU B 389 16.43 -1.86 42.58
C LEU B 389 17.13 -0.53 42.29
N LYS B 390 17.66 -0.40 41.07
CA LYS B 390 18.39 0.79 40.65
C LYS B 390 17.54 2.07 40.71
N THR B 391 16.26 1.94 40.42
CA THR B 391 15.34 3.08 40.40
C THR B 391 14.63 3.30 41.73
N GLY B 392 14.86 2.40 42.68
CA GLY B 392 14.28 2.51 44.02
C GLY B 392 12.85 1.99 44.14
N LYS B 393 12.48 1.07 43.25
CA LYS B 393 11.14 0.49 43.22
C LYS B 393 11.20 -0.95 43.72
N VAL B 394 11.75 -1.09 44.93
CA VAL B 394 11.98 -2.40 45.54
C VAL B 394 10.68 -3.22 45.62
N GLU B 395 9.58 -2.55 45.92
CA GLU B 395 8.27 -3.22 46.07
C GLU B 395 7.76 -3.89 44.78
N LEU B 396 8.07 -3.31 43.62
CA LEU B 396 7.72 -3.93 42.34
C LEU B 396 8.52 -5.21 42.12
N ALA B 397 9.79 -5.18 42.53
CA ALA B 397 10.65 -6.37 42.46
C ALA B 397 10.09 -7.50 43.31
N HIS B 398 9.72 -7.17 44.56
CA HIS B 398 9.11 -8.15 45.47
C HIS B 398 7.88 -8.79 44.83
N GLU B 399 7.00 -7.95 44.30
CA GLU B 399 5.76 -8.43 43.71
C GLU B 399 6.02 -9.34 42.50
N ALA B 400 6.88 -8.90 41.58
CA ALA B 400 7.18 -9.69 40.38
C ALA B 400 7.78 -11.04 40.74
N ILE B 401 8.74 -11.03 41.66
CA ILE B 401 9.36 -12.25 42.16
C ILE B 401 8.32 -13.17 42.80
N ALA B 402 7.39 -12.61 43.57
CA ALA B 402 6.34 -13.42 44.19
C ALA B 402 5.44 -14.07 43.12
N ILE B 403 5.14 -13.32 42.05
CA ILE B 403 4.32 -13.89 40.97
C ILE B 403 5.04 -15.08 40.34
N ALA B 404 6.29 -14.89 39.94
CA ALA B 404 7.04 -15.96 39.28
C ALA B 404 7.24 -17.20 40.16
N GLU B 405 7.63 -16.97 41.41
CA GLU B 405 7.94 -18.07 42.33
C GLU B 405 6.71 -18.92 42.64
N GLY B 406 5.53 -18.31 42.59
CA GLY B 406 4.27 -19.02 42.76
C GLY B 406 3.91 -20.00 41.66
N ARG B 407 4.55 -19.90 40.50
CA ARG B 407 4.23 -20.76 39.35
C ARG B 407 5.40 -21.61 38.81
N LEU B 408 6.58 -21.01 38.68
CA LEU B 408 7.67 -21.65 37.92
C LEU B 408 8.02 -23.07 38.35
N SER B 409 8.15 -23.29 39.65
CA SER B 409 8.51 -24.61 40.16
C SER B 409 7.41 -25.64 39.86
N ASN B 410 6.17 -25.28 40.16
CA ASN B 410 5.02 -26.14 39.84
C ASN B 410 4.89 -26.48 38.36
N ASP B 411 5.26 -25.52 37.50
CA ASP B 411 5.17 -25.68 36.04
C ASP B 411 6.45 -26.27 35.42
N LYS B 412 7.44 -26.57 36.26
CA LYS B 412 8.73 -27.13 35.82
C LYS B 412 9.52 -26.17 34.93
N PHE B 413 9.49 -24.90 35.33
CA PHE B 413 10.31 -23.83 34.72
C PHE B 413 10.19 -23.78 33.20
N PRO B 414 9.01 -23.36 32.71
CA PRO B 414 8.83 -23.23 31.27
C PRO B 414 9.67 -22.12 30.68
N GLU B 415 10.06 -22.32 29.42
CA GLU B 415 10.81 -21.35 28.64
C GLU B 415 10.05 -20.03 28.53
N TYR B 416 8.74 -20.12 28.34
CA TYR B 416 7.90 -18.93 28.17
C TYR B 416 6.44 -19.22 28.46
N TYR B 417 5.68 -18.15 28.63
CA TYR B 417 4.24 -18.22 28.89
C TYR B 417 3.49 -17.42 27.82
N ASP B 418 2.23 -17.79 27.59
CA ASP B 418 1.41 -17.18 26.54
C ASP B 418 0.13 -16.53 27.05
N GLY B 419 -0.50 -15.74 26.17
CA GLY B 419 -1.74 -15.03 26.47
C GLY B 419 -1.50 -13.56 26.74
N ASN B 420 -2.57 -12.76 26.63
CA ASN B 420 -2.50 -11.33 26.96
C ASN B 420 -1.84 -11.09 28.33
N ASN B 421 -2.19 -11.91 29.31
CA ASN B 421 -1.64 -11.74 30.67
C ASN B 421 -0.84 -12.93 31.17
N GLY B 422 -0.27 -13.69 30.24
CA GLY B 422 0.65 -14.78 30.57
C GLY B 422 0.07 -15.96 31.34
N ARG B 423 -1.23 -16.20 31.18
CA ARG B 423 -1.93 -17.27 31.90
C ARG B 423 -1.59 -18.67 31.43
N LEU B 424 -1.27 -18.80 30.14
CA LEU B 424 -0.96 -20.10 29.55
C LEU B 424 0.53 -20.42 29.66
N ILE B 425 0.84 -21.69 29.85
CA ILE B 425 2.20 -22.16 29.63
C ILE B 425 2.44 -22.09 28.12
N GLY B 426 3.64 -21.68 27.72
CA GLY B 426 3.96 -21.46 26.32
C GLY B 426 3.57 -22.63 25.41
N LYS B 427 2.93 -22.30 24.29
CA LYS B 427 2.43 -23.31 23.33
C LYS B 427 3.46 -24.40 23.03
N GLU B 428 4.68 -24.00 22.70
CA GLU B 428 5.79 -24.95 22.42
C GLU B 428 6.94 -24.80 23.42
N ALA B 429 6.65 -24.28 24.60
CA ALA B 429 7.69 -24.06 25.61
C ALA B 429 8.37 -25.36 26.01
N ARG B 430 9.69 -25.37 25.96
CA ARG B 430 10.47 -26.43 26.61
C ARG B 430 10.26 -26.29 28.12
N ILE B 431 10.32 -27.40 28.84
CA ILE B 431 10.37 -27.33 30.31
C ILE B 431 11.82 -27.44 30.78
N TYR B 432 12.07 -27.06 32.02
CA TYR B 432 13.41 -26.98 32.58
C TYR B 432 14.30 -26.13 31.67
N GLN B 433 13.80 -24.96 31.29
CA GLN B 433 14.57 -23.99 30.53
C GLN B 433 15.54 -23.34 31.51
N THR B 434 16.83 -23.44 31.22
CA THR B 434 17.87 -23.02 32.17
C THR B 434 17.76 -21.54 32.58
N TRP B 435 17.60 -20.63 31.62
CA TRP B 435 17.56 -19.19 31.99
C TRP B 435 16.28 -18.77 32.72
N SER B 436 15.25 -19.60 32.68
CA SER B 436 14.08 -19.39 33.54
C SER B 436 14.45 -19.70 35.00
N ILE B 437 15.24 -20.75 35.21
CA ILE B 437 15.71 -21.13 36.55
C ILE B 437 16.73 -20.10 37.05
N ALA B 438 17.69 -19.77 36.19
CA ALA B 438 18.75 -18.82 36.53
C ALA B 438 18.18 -17.42 36.73
N GLY B 439 17.16 -17.06 35.96
CA GLY B 439 16.51 -15.76 36.08
C GLY B 439 15.92 -15.51 37.46
N LEU B 440 15.19 -16.49 37.98
CA LEU B 440 14.60 -16.40 39.30
C LEU B 440 15.68 -16.33 40.38
N LEU B 441 16.65 -17.24 40.31
CA LEU B 441 17.76 -17.24 41.27
C LEU B 441 18.51 -15.91 41.30
N VAL B 442 18.82 -15.38 40.12
CA VAL B 442 19.53 -14.11 40.01
C VAL B 442 18.73 -12.98 40.65
N ALA B 443 17.43 -12.96 40.38
CA ALA B 443 16.56 -11.92 40.92
C ALA B 443 16.56 -11.92 42.45
N LYS B 444 16.48 -13.11 43.03
CA LYS B 444 16.49 -13.25 44.49
C LYS B 444 17.85 -12.91 45.09
N GLN B 445 18.93 -13.29 44.39
CA GLN B 445 20.29 -12.91 44.79
C GLN B 445 20.48 -11.39 44.80
N PHE B 446 20.03 -10.71 43.74
CA PHE B 446 20.05 -9.24 43.68
C PHE B 446 19.25 -8.63 44.82
N LEU B 447 18.08 -9.18 45.08
CA LEU B 447 17.21 -8.70 46.14
C LEU B 447 17.92 -8.77 47.49
N ALA B 448 18.58 -9.90 47.75
CA ALA B 448 19.33 -10.08 48.99
C ALA B 448 20.54 -9.15 49.09
N ASN B 449 21.23 -8.91 47.97
CA ASN B 449 22.38 -8.00 47.95
C ASN B 449 22.41 -7.10 46.71
N PRO B 450 21.66 -5.98 46.74
CA PRO B 450 21.52 -5.03 45.62
C PRO B 450 22.84 -4.50 45.05
N ASP B 451 23.92 -4.58 45.82
CA ASP B 451 25.23 -4.13 45.35
C ASP B 451 25.73 -4.94 44.16
N HIS B 452 25.31 -6.20 44.06
CA HIS B 452 25.66 -7.05 42.92
C HIS B 452 25.07 -6.56 41.59
N VAL B 453 24.08 -5.65 41.64
CA VAL B 453 23.54 -5.05 40.41
C VAL B 453 24.64 -4.33 39.63
N GLU B 454 25.68 -3.90 40.34
CA GLU B 454 26.84 -3.22 39.73
C GLU B 454 27.46 -4.00 38.57
N PHE B 455 27.46 -5.33 38.64
CA PHE B 455 28.10 -6.16 37.62
C PHE B 455 27.49 -6.00 36.23
N ILE B 456 26.23 -5.59 36.16
CA ILE B 456 25.56 -5.32 34.88
C ILE B 456 25.17 -3.85 34.75
N SER B 457 25.80 -3.00 35.56
CA SER B 457 25.56 -1.56 35.53
C SER B 457 26.81 -0.79 35.96
N ARG C 13 18.63 15.17 -33.07
CA ARG C 13 19.02 16.57 -32.73
C ARG C 13 17.92 17.60 -33.01
N GLU C 14 17.20 17.43 -34.11
CA GLU C 14 16.10 18.32 -34.49
C GLU C 14 14.75 17.94 -33.85
N THR C 15 14.74 16.89 -33.04
CA THR C 15 13.52 16.40 -32.40
C THR C 15 13.07 17.32 -31.26
N GLU C 16 11.80 17.20 -30.89
CA GLU C 16 11.24 17.89 -29.71
C GLU C 16 11.96 17.44 -28.43
N SER C 17 12.14 16.13 -28.29
CA SER C 17 12.73 15.54 -27.09
C SER C 17 14.15 16.02 -26.83
N TRP C 18 14.96 16.05 -27.88
CA TRP C 18 16.34 16.51 -27.76
C TRP C 18 16.39 17.94 -27.20
N LYS C 19 15.52 18.80 -27.70
CA LYS C 19 15.46 20.20 -27.23
C LYS C 19 15.01 20.32 -25.79
N LEU C 20 14.11 19.43 -25.36
CA LEU C 20 13.71 19.38 -23.96
C LEU C 20 14.88 18.95 -23.08
N LEU C 21 15.65 17.97 -23.56
CA LEU C 21 16.84 17.50 -22.84
C LEU C 21 17.90 18.60 -22.70
N GLU C 22 18.09 19.37 -23.76
CA GLU C 22 19.06 20.48 -23.75
C GLU C 22 18.73 21.55 -22.70
N SER C 23 17.44 21.86 -22.58
CA SER C 23 17.00 22.86 -21.60
C SER C 23 17.14 22.37 -20.16
N SER C 24 17.16 21.05 -19.98
CA SER C 24 17.30 20.45 -18.65
C SER C 24 18.73 20.53 -18.10
N ILE C 25 19.70 20.87 -18.96
CA ILE C 25 21.11 20.87 -18.57
C ILE C 25 21.43 21.92 -17.52
N ILE C 26 22.17 21.51 -16.49
CA ILE C 26 22.66 22.41 -15.45
C ILE C 26 24.09 22.86 -15.78
N TYR C 27 24.35 24.15 -15.62
CA TYR C 27 25.67 24.73 -15.88
C TYR C 27 26.35 25.18 -14.60
N TYR C 28 27.67 25.10 -14.61
CA TYR C 28 28.49 25.44 -13.44
C TYR C 28 29.80 26.01 -13.93
N GLU C 29 30.02 27.30 -13.65
CA GLU C 29 31.19 28.04 -14.13
C GLU C 29 31.35 27.89 -15.65
N GLY C 30 30.22 27.96 -16.35
CA GLY C 30 30.19 27.88 -17.82
C GLY C 30 30.27 26.49 -18.43
N ASN C 31 30.25 25.45 -17.60
CA ASN C 31 30.39 24.06 -18.06
C ASN C 31 29.17 23.20 -17.72
N PRO C 32 28.73 22.35 -18.66
CA PRO C 32 27.59 21.47 -18.38
C PRO C 32 27.99 20.31 -17.47
N ILE C 33 27.28 20.12 -16.36
CA ILE C 33 27.66 19.10 -15.37
C ILE C 33 26.54 18.12 -14.97
N GLY C 34 25.36 18.28 -15.54
CA GLY C 34 24.23 17.40 -15.23
C GLY C 34 22.92 17.90 -15.79
N THR C 35 21.83 17.26 -15.36
CA THR C 35 20.49 17.62 -15.78
C THR C 35 19.53 17.64 -14.58
N VAL C 36 18.61 18.60 -14.57
CA VAL C 36 17.55 18.64 -13.55
C VAL C 36 16.64 17.42 -13.70
N ALA C 37 15.98 17.04 -12.62
CA ALA C 37 15.06 15.89 -12.64
C ALA C 37 13.81 16.15 -13.47
N ALA C 38 13.27 17.37 -13.36
CA ALA C 38 12.04 17.72 -14.06
C ALA C 38 11.96 19.23 -14.29
N GLN C 39 11.15 19.62 -15.25
CA GLN C 39 10.88 21.04 -15.52
C GLN C 39 9.38 21.28 -15.47
N ASP C 40 8.78 20.92 -14.35
CA ASP C 40 7.37 21.11 -14.12
C ASP C 40 7.15 22.57 -13.74
N PRO C 41 6.33 23.30 -14.51
CA PRO C 41 6.18 24.73 -14.28
C PRO C 41 5.35 25.11 -13.05
N GLU C 42 4.54 24.18 -12.53
CA GLU C 42 3.53 24.51 -11.53
C GLU C 42 3.79 23.91 -10.15
N LEU C 43 4.12 22.62 -10.09
CA LEU C 43 4.31 21.93 -8.82
C LEU C 43 5.47 22.52 -8.02
N ALA C 44 5.46 22.25 -6.71
CA ALA C 44 6.54 22.68 -5.83
C ALA C 44 7.85 22.09 -6.29
N ALA C 45 8.91 22.89 -6.28
CA ALA C 45 10.23 22.45 -6.72
C ALA C 45 10.69 21.22 -5.93
N LEU C 46 10.47 21.26 -4.62
CA LEU C 46 10.85 20.18 -3.69
C LEU C 46 12.33 19.83 -3.95
N ASN C 47 12.63 18.59 -4.34
CA ASN C 47 13.99 18.23 -4.76
C ASN C 47 14.10 17.91 -6.25
N TYR C 48 13.03 18.21 -7.00
CA TYR C 48 12.99 17.95 -8.45
C TYR C 48 13.78 18.96 -9.30
N ASP C 49 14.31 20.01 -8.70
CA ASP C 49 15.20 20.93 -9.41
C ASP C 49 16.67 20.52 -9.27
N GLN C 50 16.90 19.33 -8.70
CA GLN C 50 18.26 18.82 -8.50
C GLN C 50 18.59 17.74 -9.52
N CYS C 51 19.89 17.58 -9.79
CA CYS C 51 20.38 16.49 -10.59
C CYS C 51 20.59 15.28 -9.69
N PHE C 52 19.76 14.26 -9.86
CA PHE C 52 19.92 13.01 -9.16
C PHE C 52 20.92 12.17 -9.92
N LEU C 53 21.82 11.50 -9.20
CA LEU C 53 22.81 10.64 -9.83
C LEU C 53 22.15 9.51 -10.61
N ARG C 54 21.08 8.93 -10.08
CA ARG C 54 20.36 7.86 -10.79
C ARG C 54 19.67 8.37 -12.05
N ASP C 55 19.04 9.54 -11.96
CA ASP C 55 18.36 10.14 -13.11
C ASP C 55 19.31 10.50 -14.25
N PHE C 56 20.54 10.90 -13.93
CA PHE C 56 21.47 11.34 -14.97
C PHE C 56 21.89 10.23 -15.93
N VAL C 57 21.85 8.98 -15.48
CA VAL C 57 22.37 7.85 -16.25
C VAL C 57 21.81 7.79 -17.69
N PRO C 58 20.46 7.76 -17.85
CA PRO C 58 19.92 7.80 -19.22
C PRO C 58 20.26 9.09 -19.98
N SER C 59 20.34 10.22 -19.29
CA SER C 59 20.78 11.47 -19.93
C SER C 59 22.19 11.29 -20.49
N ALA C 60 23.07 10.75 -19.66
CA ALA C 60 24.45 10.50 -20.05
C ALA C 60 24.55 9.61 -21.29
N PHE C 61 23.73 8.56 -21.34
CA PHE C 61 23.74 7.64 -22.48
C PHE C 61 23.34 8.33 -23.78
N VAL C 62 22.37 9.24 -23.71
CA VAL C 62 21.99 10.04 -24.88
C VAL C 62 23.17 10.90 -25.34
N PHE C 63 23.83 11.56 -24.38
CA PHE C 63 24.95 12.44 -24.70
C PHE C 63 26.15 11.68 -25.25
N LEU C 64 26.46 10.53 -24.69
CA LEU C 64 27.59 9.71 -25.15
C LEU C 64 27.35 9.19 -26.57
N MSE C 65 26.16 8.68 -26.83
CA MSE C 65 25.82 8.15 -28.16
C MSE C 65 25.79 9.24 -29.19
O MSE C 65 26.18 9.03 -30.35
CB MSE C 65 24.49 7.42 -28.12
CG MSE C 65 24.67 6.04 -27.51
SE MSE C 65 23.03 4.96 -27.64
CE MSE C 65 21.96 5.94 -26.32
N ASP C 66 25.34 10.42 -28.79
CA ASP C 66 25.33 11.59 -29.69
C ASP C 66 26.75 12.02 -30.05
N GLY C 67 27.64 12.01 -29.05
CA GLY C 67 29.05 12.36 -29.27
C GLY C 67 29.57 13.50 -28.41
N GLN C 68 28.69 14.16 -27.67
CA GLN C 68 29.11 15.24 -26.75
C GLN C 68 29.32 14.71 -25.33
N THR C 69 30.57 14.34 -25.04
CA THR C 69 30.89 13.59 -23.84
C THR C 69 31.40 14.45 -22.68
N ASP C 70 31.60 15.74 -22.93
CA ASP C 70 32.13 16.66 -21.92
C ASP C 70 31.24 16.69 -20.68
N ILE C 71 29.92 16.79 -20.90
CA ILE C 71 28.95 16.82 -19.79
C ILE C 71 29.10 15.61 -18.85
N VAL C 72 29.33 14.43 -19.44
CA VAL C 72 29.46 13.20 -18.65
C VAL C 72 30.78 13.19 -17.91
N ARG C 73 31.86 13.56 -18.59
CA ARG C 73 33.17 13.70 -17.95
C ARG C 73 33.10 14.70 -16.79
N ASN C 74 32.45 15.82 -17.03
CA ASN C 74 32.25 16.87 -16.01
C ASN C 74 31.41 16.39 -14.81
N PHE C 75 30.32 15.71 -15.12
CA PHE C 75 29.46 15.09 -14.09
C PHE C 75 30.27 14.17 -13.19
N LEU C 76 31.06 13.30 -13.79
CA LEU C 76 31.88 12.34 -13.04
C LEU C 76 32.90 13.03 -12.14
N ILE C 77 33.52 14.09 -12.65
CA ILE C 77 34.52 14.84 -11.87
C ILE C 77 33.89 15.54 -10.67
N GLU C 78 32.78 16.24 -10.90
CA GLU C 78 32.15 17.04 -9.83
C GLU C 78 31.53 16.16 -8.75
N THR C 79 30.92 15.04 -9.15
CA THR C 79 30.36 14.10 -8.17
C THR C 79 31.46 13.43 -7.35
N LEU C 80 32.61 13.18 -7.97
CA LEU C 80 33.78 12.69 -7.23
C LEU C 80 34.23 13.71 -6.17
N THR C 81 34.20 14.99 -6.53
CA THR C 81 34.53 16.06 -5.56
C THR C 81 33.51 16.11 -4.42
N LEU C 82 32.22 15.96 -4.75
CA LEU C 82 31.17 15.92 -3.73
C LEU C 82 31.38 14.78 -2.73
N GLN C 83 31.95 13.67 -3.18
CA GLN C 83 32.24 12.54 -2.29
C GLN C 83 33.10 12.95 -1.10
N SER C 84 34.07 13.84 -1.33
CA SER C 84 34.97 14.31 -0.27
C SER C 84 34.35 15.39 0.63
N HIS C 85 33.26 16.01 0.18
CA HIS C 85 32.51 16.97 1.01
C HIS C 85 32.04 16.29 2.29
N GLU C 86 31.63 17.09 3.27
CA GLU C 86 31.23 16.55 4.57
C GLU C 86 29.71 16.42 4.69
N LYS C 87 29.30 15.35 5.35
CA LYS C 87 27.90 15.03 5.56
C LYS C 87 27.69 14.83 7.04
N GLU C 88 26.66 15.48 7.58
CA GLU C 88 26.34 15.35 8.99
C GLU C 88 24.84 15.43 9.25
N MSE C 89 24.40 14.61 10.20
CA MSE C 89 23.04 14.66 10.72
C MSE C 89 23.23 14.50 12.19
O MSE C 89 23.83 13.50 12.63
CB MSE C 89 22.15 13.54 10.23
CG MSE C 89 20.80 13.65 10.94
SE MSE C 89 19.56 12.26 10.31
CE MSE C 89 18.48 12.10 11.95
N ASP C 90 22.76 15.47 12.97
CA ASP C 90 22.93 15.44 14.41
C ASP C 90 24.42 15.35 14.74
N CYS C 91 25.20 15.82 13.78
CA CYS C 91 26.64 15.92 13.89
C CYS C 91 27.37 14.57 13.96
N PHE C 92 26.85 13.58 13.23
CA PHE C 92 27.51 12.27 13.11
C PHE C 92 27.92 12.04 11.66
N GLN C 93 29.06 11.38 11.46
CA GLN C 93 29.63 11.14 10.13
C GLN C 93 29.42 9.70 9.67
N PRO C 94 28.79 9.51 8.49
CA PRO C 94 28.83 8.20 7.86
C PRO C 94 30.17 8.00 7.14
N GLY C 95 30.27 6.93 6.36
CA GLY C 95 31.48 6.66 5.58
C GLY C 95 31.77 7.74 4.55
N ALA C 96 33.07 7.97 4.32
CA ALA C 96 33.53 9.02 3.41
C ALA C 96 33.17 8.72 1.94
N GLY C 97 32.91 7.45 1.63
CA GLY C 97 32.69 7.03 0.25
C GLY C 97 31.28 7.22 -0.29
N LEU C 98 30.36 7.66 0.55
CA LEU C 98 28.96 7.85 0.16
C LEU C 98 28.83 8.89 -0.96
N MSE C 99 28.17 8.50 -2.05
CA MSE C 99 27.82 9.43 -3.12
C MSE C 99 26.47 10.03 -2.79
O MSE C 99 25.66 9.41 -2.12
CB MSE C 99 27.75 8.72 -4.47
CG MSE C 99 29.13 8.46 -5.08
SE MSE C 99 30.04 10.13 -5.56
CE MSE C 99 31.67 9.23 -6.22
N PRO C 100 26.21 11.26 -3.28
CA PRO C 100 24.94 11.90 -2.95
C PRO C 100 23.77 11.41 -3.80
N ALA C 101 22.57 11.55 -3.26
CA ALA C 101 21.34 11.27 -4.00
C ALA C 101 21.24 12.26 -5.15
N SER C 102 21.51 13.51 -4.85
CA SER C 102 21.33 14.60 -5.80
C SER C 102 22.16 15.81 -5.43
N PHE C 103 22.32 16.71 -6.41
CA PHE C 103 23.00 17.99 -6.18
C PHE C 103 22.37 19.08 -7.05
N LYS C 104 22.63 20.32 -6.69
CA LYS C 104 22.27 21.47 -7.51
C LYS C 104 23.26 22.62 -7.32
N VAL C 105 23.17 23.60 -8.22
CA VAL C 105 24.05 24.78 -8.17
C VAL C 105 23.36 25.92 -7.45
N GLU C 106 24.03 26.49 -6.44
CA GLU C 106 23.58 27.72 -5.79
C GLU C 106 24.65 28.78 -5.97
N SER C 107 24.33 30.01 -5.58
CA SER C 107 25.31 31.10 -5.68
C SER C 107 25.14 32.07 -4.53
N ASP C 108 26.24 32.34 -3.83
CA ASP C 108 26.25 33.35 -2.79
C ASP C 108 26.90 34.55 -3.43
N GLY C 109 26.09 35.54 -3.75
CA GLY C 109 26.58 36.71 -4.46
C GLY C 109 27.20 36.29 -5.78
N SER C 110 28.46 36.65 -5.95
CA SER C 110 29.20 36.41 -7.19
C SER C 110 29.53 34.95 -7.52
N LYS C 111 29.87 34.15 -6.51
CA LYS C 111 30.37 32.79 -6.74
C LYS C 111 29.33 31.66 -6.68
N GLU C 112 29.42 30.77 -7.67
CA GLU C 112 28.63 29.55 -7.76
C GLU C 112 29.29 28.42 -6.96
N TYR C 113 28.46 27.61 -6.32
CA TYR C 113 28.92 26.42 -5.60
C TYR C 113 27.85 25.32 -5.64
N LEU C 114 28.29 24.07 -5.53
CA LEU C 114 27.39 22.92 -5.58
C LEU C 114 26.93 22.53 -4.17
N VAL C 115 25.63 22.30 -4.03
CA VAL C 115 25.03 21.81 -2.79
C VAL C 115 24.43 20.44 -3.06
N ALA C 116 24.63 19.51 -2.12
CA ALA C 116 24.25 18.11 -2.32
C ALA C 116 23.39 17.55 -1.20
N ASP C 117 22.62 16.51 -1.53
CA ASP C 117 21.86 15.73 -0.55
C ASP C 117 22.42 14.32 -0.49
N PHE C 118 23.01 13.97 0.66
CA PHE C 118 23.56 12.63 0.87
C PHE C 118 22.63 11.75 1.70
N GLY C 119 21.40 12.22 1.92
CA GLY C 119 20.45 11.54 2.80
C GLY C 119 20.13 12.32 4.06
N GLU C 120 20.91 13.37 4.33
CA GLU C 120 20.69 14.19 5.53
C GLU C 120 19.65 15.30 5.27
N LYS C 121 19.38 15.59 4.00
CA LYS C 121 18.25 16.47 3.61
C LYS C 121 17.06 15.65 3.14
N ALA C 122 17.34 14.44 2.66
CA ALA C 122 16.32 13.58 2.03
C ALA C 122 15.07 13.38 2.87
N ILE C 123 13.94 13.24 2.19
CA ILE C 123 12.68 12.92 2.86
C ILE C 123 12.85 11.53 3.45
N ALA C 124 12.48 11.38 4.73
CA ALA C 124 12.63 10.13 5.49
C ALA C 124 14.09 9.74 5.78
N ARG C 125 15.03 10.60 5.43
CA ARG C 125 16.47 10.33 5.58
C ARG C 125 16.91 9.02 4.94
N VAL C 126 16.33 8.71 3.78
CA VAL C 126 16.71 7.49 3.05
C VAL C 126 18.14 7.60 2.51
N PRO C 127 18.91 6.50 2.60
CA PRO C 127 20.28 6.51 2.09
C PRO C 127 20.31 6.21 0.59
N PRO C 128 21.03 7.04 -0.19
CA PRO C 128 21.10 6.82 -1.63
C PRO C 128 22.13 5.74 -2.00
N VAL C 129 21.82 4.50 -1.64
CA VAL C 129 22.78 3.40 -1.79
C VAL C 129 23.08 3.12 -3.26
N ASP C 130 22.06 3.12 -4.10
CA ASP C 130 22.25 2.87 -5.54
C ASP C 130 23.11 3.92 -6.26
N SER C 131 23.21 5.12 -5.72
CA SER C 131 23.90 6.22 -6.38
C SER C 131 25.38 5.96 -6.60
N CYS C 132 26.06 5.44 -5.58
CA CYS C 132 27.49 5.16 -5.71
C CYS C 132 27.73 4.04 -6.71
N MSE C 133 26.81 3.09 -6.79
CA MSE C 133 26.92 1.99 -7.76
C MSE C 133 26.71 2.49 -9.17
O MSE C 133 27.44 2.11 -10.08
CB MSE C 133 25.96 0.87 -7.41
CG MSE C 133 26.58 0.05 -6.28
SE MSE C 133 25.15 -0.73 -5.21
CE MSE C 133 26.28 -1.59 -3.86
N TRP C 134 25.71 3.36 -9.35
CA TRP C 134 25.45 3.94 -10.67
C TRP C 134 26.65 4.77 -11.15
N TRP C 135 27.30 5.45 -10.20
CA TRP C 135 28.50 6.25 -10.50
C TRP C 135 29.61 5.37 -11.11
N ILE C 136 29.89 4.23 -10.48
CA ILE C 136 30.86 3.28 -11.01
C ILE C 136 30.45 2.82 -12.41
N LEU C 137 29.16 2.48 -12.57
CA LEU C 137 28.66 1.98 -13.84
C LEU C 137 28.75 3.03 -14.94
N LEU C 138 28.52 4.29 -14.58
CA LEU C 138 28.60 5.37 -15.55
C LEU C 138 30.04 5.64 -15.97
N LEU C 139 30.96 5.57 -15.01
CA LEU C 139 32.38 5.68 -15.28
C LEU C 139 32.83 4.63 -16.31
N ARG C 140 32.37 3.38 -16.11
CA ARG C 140 32.65 2.29 -17.05
C ARG C 140 32.00 2.55 -18.40
N ALA C 141 30.75 3.00 -18.40
CA ALA C 141 30.04 3.35 -19.63
C ALA C 141 30.78 4.44 -20.40
N TYR C 142 31.26 5.43 -19.66
CA TYR C 142 32.06 6.52 -20.24
C TYR C 142 33.30 5.98 -20.96
N GLU C 143 34.10 5.17 -20.24
CA GLU C 143 35.31 4.56 -20.81
C GLU C 143 35.03 3.86 -22.12
N LYS C 144 34.04 2.98 -22.11
CA LYS C 144 33.71 2.15 -23.28
C LYS C 144 33.17 2.97 -24.44
N ALA C 145 32.40 4.01 -24.14
CA ALA C 145 31.80 4.86 -25.17
C ALA C 145 32.84 5.75 -25.84
N THR C 146 33.71 6.37 -25.05
CA THR C 146 34.71 7.33 -25.57
C THR C 146 36.04 6.68 -25.93
N GLY C 147 36.46 5.69 -25.16
CA GLY C 147 37.79 5.10 -25.28
C GLY C 147 38.80 5.77 -24.35
N ASP C 148 38.34 6.78 -23.61
CA ASP C 148 39.20 7.53 -22.68
C ASP C 148 39.39 6.74 -21.39
N LEU C 149 40.54 6.06 -21.28
CA LEU C 149 40.85 5.22 -20.13
C LEU C 149 41.57 5.99 -19.03
N THR C 150 42.04 7.20 -19.33
CA THR C 150 42.90 7.95 -18.42
C THR C 150 42.16 8.49 -17.21
N LEU C 151 40.90 8.86 -17.39
CA LEU C 151 40.11 9.48 -16.32
C LEU C 151 40.03 8.57 -15.09
N ALA C 152 39.60 7.33 -15.30
CA ALA C 152 39.43 6.38 -14.20
C ALA C 152 40.75 6.02 -13.51
N ARG C 153 41.85 6.10 -14.24
CA ARG C 153 43.17 5.71 -13.73
C ARG C 153 43.87 6.83 -12.94
N GLU C 154 43.31 8.03 -12.97
CA GLU C 154 43.82 9.12 -12.15
C GLU C 154 43.68 8.76 -10.66
N PRO C 155 44.68 9.14 -9.85
CA PRO C 155 44.67 8.84 -8.41
C PRO C 155 43.37 9.21 -7.69
N LYS C 156 42.77 10.35 -8.06
CA LYS C 156 41.51 10.82 -7.47
C LYS C 156 40.42 9.77 -7.63
N PHE C 157 40.26 9.31 -8.86
CA PHE C 157 39.20 8.37 -9.23
C PHE C 157 39.43 7.00 -8.58
N GLN C 158 40.66 6.52 -8.64
CA GLN C 158 41.04 5.27 -7.97
C GLN C 158 40.65 5.29 -6.50
N ALA C 159 40.98 6.38 -5.82
CA ALA C 159 40.62 6.55 -4.42
C ALA C 159 39.10 6.55 -4.21
N GLY C 160 38.38 7.21 -5.10
CA GLY C 160 36.92 7.29 -5.01
C GLY C 160 36.22 5.95 -5.15
N ILE C 161 36.68 5.17 -6.13
CA ILE C 161 36.21 3.80 -6.33
C ILE C 161 36.42 2.98 -5.05
N LYS C 162 37.61 3.10 -4.48
CA LYS C 162 37.97 2.32 -3.30
C LYS C 162 37.12 2.66 -2.08
N LEU C 163 36.78 3.94 -1.94
CA LEU C 163 35.91 4.37 -0.85
C LEU C 163 34.50 3.80 -1.00
N ILE C 164 34.00 3.75 -2.23
CA ILE C 164 32.73 3.09 -2.51
C ILE C 164 32.79 1.61 -2.11
N LEU C 165 33.85 0.93 -2.53
CA LEU C 165 34.04 -0.49 -2.22
C LEU C 165 34.13 -0.75 -0.72
N ASP C 166 34.76 0.16 0.02
CA ASP C 166 34.84 0.04 1.49
C ASP C 166 33.45 -0.09 2.13
N LEU C 167 32.50 0.71 1.66
CA LEU C 167 31.14 0.67 2.19
C LEU C 167 30.39 -0.56 1.71
N CYS C 168 30.46 -0.80 0.41
CA CYS C 168 29.79 -1.93 -0.23
C CYS C 168 30.23 -3.26 0.37
N LEU C 169 31.55 -3.41 0.55
CA LEU C 169 32.14 -4.66 1.02
C LEU C 169 32.38 -4.68 2.53
N ALA C 170 31.70 -3.79 3.25
CA ALA C 170 31.84 -3.72 4.70
C ALA C 170 31.45 -5.05 5.32
N HIS C 171 32.14 -5.43 6.38
CA HIS C 171 31.90 -6.73 7.00
C HIS C 171 30.51 -6.87 7.59
N ARG C 172 29.95 -8.06 7.44
CA ARG C 172 28.60 -8.34 7.89
C ARG C 172 28.58 -9.32 9.05
N PHE C 173 27.53 -9.24 9.86
CA PHE C 173 27.26 -10.24 10.91
C PHE C 173 26.67 -11.54 10.34
N SER C 174 26.00 -11.42 9.20
CA SER C 174 25.24 -12.55 8.68
C SER C 174 26.05 -13.34 7.66
N MSE C 175 25.53 -14.51 7.32
CA MSE C 175 26.15 -15.41 6.36
C MSE C 175 25.76 -15.09 4.94
O MSE C 175 26.20 -15.77 4.02
CB MSE C 175 25.71 -16.84 6.69
CG MSE C 175 26.08 -17.26 8.11
SE MSE C 175 28.01 -17.65 8.22
CE MSE C 175 28.17 -17.60 10.17
N TYR C 176 24.94 -14.05 4.75
CA TYR C 176 24.45 -13.67 3.43
C TYR C 176 25.48 -12.77 2.74
N PRO C 177 25.91 -13.10 1.50
CA PRO C 177 26.84 -12.24 0.77
C PRO C 177 26.17 -11.04 0.10
N THR C 178 24.85 -10.90 0.30
CA THR C 178 24.09 -9.77 -0.19
C THR C 178 24.43 -8.52 0.62
N MSE C 179 24.03 -7.36 0.10
CA MSE C 179 24.22 -6.09 0.80
C MSE C 179 22.99 -5.76 1.60
O MSE C 179 21.89 -5.80 1.08
CB MSE C 179 24.46 -5.01 -0.25
CG MSE C 179 24.93 -3.71 0.40
SE MSE C 179 25.38 -2.40 -1.00
CE MSE C 179 25.25 -0.87 0.20
N LEU C 180 23.18 -5.42 2.88
CA LEU C 180 22.09 -5.08 3.80
C LEU C 180 21.77 -3.58 3.73
N VAL C 181 20.50 -3.24 3.58
CA VAL C 181 20.05 -1.83 3.54
C VAL C 181 18.77 -1.62 4.35
N PRO C 182 18.52 -0.37 4.78
CA PRO C 182 17.20 -0.03 5.29
C PRO C 182 16.21 0.12 4.15
N ASP C 183 14.95 0.37 4.48
CA ASP C 183 13.92 0.54 3.45
C ASP C 183 14.23 1.79 2.61
N GLY C 184 13.70 1.81 1.39
CA GLY C 184 13.82 2.94 0.49
C GLY C 184 15.24 3.37 0.10
N ALA C 185 16.10 2.39 -0.20
CA ALA C 185 17.53 2.69 -0.44
C ALA C 185 17.95 2.73 -1.91
N PHE C 186 17.00 2.72 -2.84
CA PHE C 186 17.32 2.79 -4.26
C PHE C 186 16.34 3.69 -5.02
N MSE C 187 16.03 3.33 -6.26
CA MSE C 187 15.08 4.09 -7.08
C MSE C 187 13.81 4.21 -6.30
O MSE C 187 13.18 5.26 -6.27
CB MSE C 187 14.82 3.36 -8.39
CG MSE C 187 13.72 4.04 -9.19
SE MSE C 187 13.54 3.16 -10.93
CE MSE C 187 11.97 4.16 -11.59
N ILE C 188 13.41 3.11 -5.65
CA ILE C 188 12.33 3.18 -4.69
C ILE C 188 12.97 3.78 -3.46
N ASP C 189 12.72 5.07 -3.25
CA ASP C 189 13.34 5.81 -2.16
C ASP C 189 12.35 6.15 -1.04
N ARG C 190 11.28 5.36 -0.93
CA ARG C 190 10.32 5.50 0.16
C ARG C 190 10.04 4.13 0.80
N ARG C 191 9.33 4.13 1.91
CA ARG C 191 9.07 2.90 2.65
C ARG C 191 8.14 1.99 1.86
N MSE C 192 8.68 0.91 1.31
CA MSE C 192 7.92 0.07 0.40
C MSE C 192 8.10 -1.40 0.67
O MSE C 192 7.81 -2.23 -0.19
CB MSE C 192 8.40 0.44 -1.01
CG MSE C 192 7.54 1.52 -1.64
SE MSE C 192 5.68 0.90 -1.90
CE MSE C 192 6.05 -0.62 -3.08
N GLY C 193 8.56 -1.75 1.87
CA GLY C 193 8.95 -3.11 2.19
C GLY C 193 10.10 -3.63 1.34
N VAL C 194 11.01 -2.75 0.93
CA VAL C 194 12.21 -3.13 0.18
C VAL C 194 13.48 -3.01 1.02
N TYR C 195 13.29 -3.10 2.34
CA TYR C 195 14.38 -3.19 3.30
C TYR C 195 15.07 -4.57 3.23
N GLU C 196 16.23 -4.66 3.86
CA GLU C 196 16.99 -5.91 4.03
C GLU C 196 17.86 -6.20 2.78
N HIS C 197 17.40 -7.06 1.87
CA HIS C 197 18.22 -7.50 0.73
C HIS C 197 17.49 -7.39 -0.60
N PRO C 198 17.04 -6.17 -0.96
CA PRO C 198 16.27 -5.98 -2.17
C PRO C 198 17.08 -6.31 -3.43
N LEU C 199 16.43 -6.96 -4.37
CA LEU C 199 17.06 -7.41 -5.61
C LEU C 199 17.86 -6.30 -6.31
N GLU C 200 17.24 -5.13 -6.45
CA GLU C 200 17.86 -4.03 -7.20
C GLU C 200 19.24 -3.68 -6.66
N ILE C 201 19.35 -3.60 -5.33
CA ILE C 201 20.63 -3.35 -4.68
C ILE C 201 21.64 -4.45 -4.98
N GLN C 202 21.20 -5.71 -4.99
CA GLN C 202 22.10 -6.83 -5.20
C GLN C 202 22.60 -6.91 -6.65
N VAL C 203 21.70 -6.63 -7.59
CA VAL C 203 22.04 -6.63 -9.01
C VAL C 203 22.98 -5.47 -9.36
N LEU C 204 22.72 -4.29 -8.80
CA LEU C 204 23.60 -3.13 -9.01
C LEU C 204 24.95 -3.32 -8.31
N PHE C 205 24.92 -3.98 -7.17
CA PHE C 205 26.13 -4.37 -6.43
C PHE C 205 26.98 -5.31 -7.29
N TYR C 206 26.35 -6.31 -7.88
CA TYR C 206 27.03 -7.26 -8.76
C TYR C 206 27.63 -6.55 -9.98
N ALA C 207 26.83 -5.72 -10.64
CA ALA C 207 27.28 -4.97 -11.81
C ALA C 207 28.44 -4.02 -11.50
N ALA C 208 28.37 -3.34 -10.35
CA ALA C 208 29.43 -2.41 -9.94
C ALA C 208 30.74 -3.15 -9.63
N LEU C 209 30.64 -4.31 -8.99
CA LEU C 209 31.82 -5.14 -8.73
C LEU C 209 32.47 -5.60 -10.04
N ARG C 210 31.65 -6.05 -10.99
CA ARG C 210 32.13 -6.39 -12.33
C ARG C 210 32.87 -5.21 -12.96
N ALA C 211 32.30 -4.02 -12.78
CA ALA C 211 32.89 -2.81 -13.36
C ALA C 211 34.19 -2.41 -12.65
N ALA C 212 34.18 -2.45 -11.32
CA ALA C 212 35.36 -2.12 -10.52
C ALA C 212 36.56 -3.00 -10.88
N ARG C 213 36.27 -4.26 -11.17
CA ARG C 213 37.27 -5.23 -11.61
C ARG C 213 37.99 -4.76 -12.90
N GLU C 214 37.25 -4.06 -13.77
CA GLU C 214 37.79 -3.44 -14.98
C GLU C 214 38.52 -2.13 -14.69
N LEU C 215 37.98 -1.36 -13.74
CA LEU C 215 38.46 0.00 -13.47
C LEU C 215 39.65 0.11 -12.53
N LEU C 216 39.80 -0.86 -11.63
CA LEU C 216 40.86 -0.78 -10.60
C LEU C 216 42.24 -1.09 -11.17
N LEU C 217 43.23 -0.31 -10.74
CA LEU C 217 44.63 -0.63 -10.97
C LEU C 217 45.12 -1.52 -9.82
N PRO C 218 46.03 -2.48 -10.11
CA PRO C 218 46.58 -3.32 -9.03
C PRO C 218 47.60 -2.60 -8.13
N ASP C 219 48.02 -1.41 -8.54
CA ASP C 219 49.01 -0.60 -7.80
C ASP C 219 48.62 -0.37 -6.34
N GLY C 220 49.64 -0.33 -5.47
CA GLY C 220 49.45 -0.10 -4.05
C GLY C 220 48.58 -1.17 -3.41
N ASP C 221 47.51 -0.74 -2.74
CA ASP C 221 46.54 -1.66 -2.15
C ASP C 221 45.45 -2.08 -3.16
N GLY C 222 45.60 -1.70 -4.42
CA GLY C 222 44.66 -2.07 -5.48
C GLY C 222 44.45 -3.56 -5.61
N GLU C 223 45.55 -4.31 -5.54
CA GLU C 223 45.52 -5.77 -5.55
C GLU C 223 44.66 -6.29 -4.40
N GLN C 224 44.73 -5.62 -3.25
CA GLN C 224 43.91 -5.98 -2.08
C GLN C 224 42.43 -5.80 -2.38
N TYR C 225 42.09 -4.69 -3.05
CA TYR C 225 40.70 -4.42 -3.42
C TYR C 225 40.16 -5.43 -4.42
N LEU C 226 40.98 -5.79 -5.41
CA LEU C 226 40.57 -6.76 -6.42
C LEU C 226 40.27 -8.12 -5.80
N ASN C 227 41.11 -8.55 -4.84
CA ASN C 227 40.87 -9.77 -4.07
C ASN C 227 39.50 -9.74 -3.40
N LYS C 228 39.20 -8.65 -2.72
CA LYS C 228 37.93 -8.49 -2.02
C LYS C 228 36.78 -8.52 -3.04
N VAL C 229 36.96 -7.85 -4.17
CA VAL C 229 35.95 -7.83 -5.23
C VAL C 229 35.61 -9.23 -5.75
N HIS C 230 36.62 -10.01 -6.10
CA HIS C 230 36.42 -11.32 -6.76
C HIS C 230 35.77 -12.37 -5.87
N GLY C 231 36.14 -12.36 -4.59
CA GLY C 231 35.53 -13.25 -3.62
C GLY C 231 34.04 -13.01 -3.47
N ARG C 232 33.67 -11.75 -3.25
CA ARG C 232 32.24 -11.38 -3.14
C ARG C 232 31.48 -11.65 -4.42
N LEU C 233 32.10 -11.34 -5.56
CA LEU C 233 31.49 -11.48 -6.87
C LEU C 233 30.89 -12.88 -7.10
N GLY C 234 31.70 -13.91 -6.89
CA GLY C 234 31.26 -15.29 -7.07
C GLY C 234 30.18 -15.70 -6.08
N ALA C 235 30.42 -15.41 -4.80
CA ALA C 235 29.46 -15.74 -3.74
C ALA C 235 28.11 -15.08 -3.99
N LEU C 236 28.14 -13.80 -4.38
CA LEU C 236 26.92 -13.03 -4.63
C LEU C 236 26.11 -13.61 -5.80
N GLN C 237 26.78 -13.87 -6.91
CA GLN C 237 26.11 -14.46 -8.07
C GLN C 237 25.48 -15.82 -7.74
N TYR C 238 26.21 -16.65 -7.02
CA TYR C 238 25.69 -17.96 -6.59
C TYR C 238 24.44 -17.78 -5.74
N HIS C 239 24.52 -16.89 -4.76
CA HIS C 239 23.44 -16.67 -3.81
C HIS C 239 22.18 -16.21 -4.53
N ILE C 240 22.32 -15.20 -5.38
CA ILE C 240 21.19 -14.65 -6.14
C ILE C 240 20.60 -15.70 -7.07
N ARG C 241 21.45 -16.34 -7.88
CA ARG C 241 20.97 -17.31 -8.86
C ARG C 241 20.29 -18.51 -8.19
N ASN C 242 20.86 -18.98 -7.09
CA ASN C 242 20.31 -20.18 -6.45
C ASN C 242 19.10 -19.94 -5.54
N TYR C 243 19.05 -18.79 -4.85
CA TYR C 243 17.98 -18.56 -3.85
C TYR C 243 16.90 -17.55 -4.26
N TYR C 244 17.22 -16.63 -5.16
CA TYR C 244 16.25 -15.63 -5.62
C TYR C 244 15.46 -16.10 -6.84
N TRP C 245 15.96 -17.09 -7.56
CA TRP C 245 15.32 -17.52 -8.81
C TRP C 245 13.96 -18.18 -8.56
N VAL C 246 12.94 -17.67 -9.24
CA VAL C 246 11.59 -18.19 -9.12
C VAL C 246 11.09 -18.69 -10.48
N ASP C 247 10.73 -19.97 -10.55
CA ASP C 247 9.95 -20.52 -11.65
C ASP C 247 9.07 -21.64 -11.08
N LEU C 248 8.24 -22.24 -11.92
CA LEU C 248 7.30 -23.26 -11.45
C LEU C 248 8.02 -24.43 -10.78
N LYS C 249 9.13 -24.87 -11.37
CA LYS C 249 9.90 -25.97 -10.81
C LYS C 249 10.35 -25.66 -9.39
N ARG C 250 10.93 -24.48 -9.22
CA ARG C 250 11.40 -24.03 -7.91
C ARG C 250 10.24 -23.77 -6.93
N LEU C 251 9.14 -23.23 -7.44
CA LEU C 251 7.97 -22.99 -6.58
C LEU C 251 7.42 -24.28 -6.00
N ARG C 252 7.33 -25.31 -6.85
CA ARG C 252 6.93 -26.65 -6.42
C ARG C 252 7.81 -27.17 -5.28
N GLU C 253 9.12 -26.93 -5.39
CA GLU C 253 10.07 -27.31 -4.35
C GLU C 253 9.82 -26.53 -3.06
N ILE C 254 9.75 -25.21 -3.18
CA ILE C 254 9.58 -24.35 -1.99
C ILE C 254 8.25 -24.63 -1.28
N TYR C 255 7.20 -24.83 -2.06
CA TYR C 255 5.87 -25.08 -1.50
C TYR C 255 5.84 -26.34 -0.63
N ARG C 256 6.70 -27.31 -0.96
CA ARG C 256 6.80 -28.54 -0.18
C ARG C 256 7.87 -28.52 0.91
N TYR C 257 8.53 -27.39 1.15
CA TYR C 257 9.52 -27.31 2.24
C TYR C 257 8.88 -27.57 3.61
N LYS C 258 9.59 -28.28 4.47
CA LYS C 258 9.20 -28.39 5.88
C LYS C 258 9.69 -27.14 6.59
N GLY C 259 8.96 -26.72 7.61
CA GLY C 259 9.38 -25.59 8.44
C GLY C 259 10.28 -25.99 9.59
N ASN C 260 10.97 -25.01 10.17
CA ASN C 260 11.81 -25.17 11.36
C ASN C 260 12.94 -26.20 11.25
N GLU C 261 13.57 -26.21 10.08
CA GLU C 261 14.74 -27.04 9.87
C GLU C 261 15.98 -26.39 10.47
N PHE C 262 16.73 -27.15 11.28
CA PHE C 262 17.96 -26.67 11.88
C PHE C 262 19.14 -27.50 11.38
N GLY C 263 20.22 -26.83 10.98
CA GLY C 263 21.46 -27.51 10.54
C GLY C 263 21.98 -26.96 9.22
N LYS C 264 23.21 -27.30 8.87
CA LYS C 264 23.84 -26.85 7.62
C LYS C 264 23.18 -27.43 6.37
N GLU C 265 22.95 -28.74 6.39
CA GLU C 265 22.49 -29.49 5.23
C GLU C 265 20.97 -29.61 5.21
N ILE C 266 20.29 -28.48 5.17
CA ILE C 266 18.82 -28.47 5.11
C ILE C 266 18.36 -27.78 3.83
N ALA C 267 17.17 -28.12 3.39
CA ALA C 267 16.58 -27.55 2.17
C ALA C 267 16.04 -26.14 2.43
N ASN C 268 15.27 -25.98 3.52
CA ASN C 268 14.58 -24.72 3.82
C ASN C 268 15.43 -23.81 4.71
N LYS C 269 16.50 -23.29 4.13
CA LYS C 269 17.51 -22.53 4.87
C LYS C 269 16.98 -21.26 5.53
N PHE C 270 16.07 -20.57 4.83
CA PHE C 270 15.53 -19.29 5.30
C PHE C 270 14.20 -19.41 6.04
N ASN C 271 13.75 -20.64 6.25
CA ASN C 271 12.52 -20.95 7.00
C ASN C 271 11.28 -20.26 6.44
N ILE C 272 11.05 -20.47 5.15
CA ILE C 272 9.85 -20.00 4.51
C ILE C 272 8.73 -20.95 4.89
N PHE C 273 7.58 -20.41 5.26
CA PHE C 273 6.40 -21.23 5.53
C PHE C 273 5.48 -21.19 4.31
N SER C 274 5.32 -22.33 3.65
CA SER C 274 4.69 -22.36 2.32
C SER C 274 3.24 -21.88 2.32
N GLN C 275 2.56 -22.02 3.45
CA GLN C 275 1.19 -21.53 3.59
C GLN C 275 1.10 -20.00 3.43
N SER C 276 2.23 -19.31 3.54
CA SER C 276 2.30 -17.87 3.31
C SER C 276 2.64 -17.46 1.88
N ILE C 277 2.88 -18.41 0.99
CA ILE C 277 3.20 -18.06 -0.41
C ILE C 277 1.92 -17.49 -1.02
N PRO C 278 1.99 -16.28 -1.59
CA PRO C 278 0.75 -15.67 -2.07
C PRO C 278 0.03 -16.47 -3.17
N ASP C 279 -1.29 -16.37 -3.16
CA ASP C 279 -2.17 -16.98 -4.17
C ASP C 279 -1.76 -16.65 -5.61
N TRP C 280 -1.44 -15.38 -5.83
CA TRP C 280 -1.26 -14.86 -7.19
C TRP C 280 -0.06 -15.47 -7.90
N VAL C 281 0.97 -15.86 -7.15
CA VAL C 281 2.25 -16.27 -7.75
C VAL C 281 2.08 -17.50 -8.64
N ILE C 282 1.37 -18.49 -8.11
CA ILE C 282 1.18 -19.79 -8.77
C ILE C 282 0.47 -19.66 -10.11
N GLU C 283 -0.57 -18.83 -10.14
CA GLU C 283 -1.36 -18.61 -11.36
C GLU C 283 -0.69 -17.65 -12.34
N TRP C 284 0.20 -16.80 -11.85
CA TRP C 284 0.80 -15.75 -12.67
C TRP C 284 1.89 -16.26 -13.62
N LEU C 285 2.73 -17.17 -13.15
CA LEU C 285 3.84 -17.69 -13.94
C LEU C 285 3.38 -18.53 -15.13
N PRO C 286 3.97 -18.31 -16.31
CA PRO C 286 3.79 -19.26 -17.39
C PRO C 286 4.78 -20.41 -17.26
N GLU C 287 4.48 -21.50 -17.96
CA GLU C 287 5.34 -22.69 -17.96
C GLU C 287 6.80 -22.36 -18.26
N LYS C 288 7.02 -21.51 -19.26
CA LYS C 288 8.37 -21.17 -19.73
C LYS C 288 8.91 -19.84 -19.19
N GLY C 289 8.31 -19.33 -18.12
CA GLY C 289 8.71 -18.06 -17.54
C GLY C 289 9.41 -18.20 -16.21
N GLY C 290 10.06 -17.13 -15.78
CA GLY C 290 10.75 -17.11 -14.51
C GLY C 290 11.25 -15.73 -14.18
N TYR C 291 11.64 -15.52 -12.92
CA TYR C 291 12.16 -14.23 -12.49
C TYR C 291 12.94 -14.33 -11.19
N LEU C 292 13.76 -13.32 -10.93
CA LEU C 292 14.46 -13.19 -9.67
C LEU C 292 13.55 -12.49 -8.67
N ALA C 293 13.38 -13.10 -7.50
CA ALA C 293 12.48 -12.58 -6.46
C ALA C 293 12.95 -11.22 -5.95
N GLY C 294 12.03 -10.49 -5.34
CA GLY C 294 12.30 -9.12 -4.89
C GLY C 294 13.21 -8.99 -3.67
N ASN C 295 13.22 -10.01 -2.82
CA ASN C 295 13.93 -9.93 -1.55
C ASN C 295 14.03 -11.33 -0.93
N LEU C 296 15.04 -11.51 -0.10
CA LEU C 296 15.21 -12.75 0.64
C LEU C 296 15.90 -12.42 1.94
N GLY C 297 15.41 -13.00 3.02
CA GLY C 297 16.04 -12.89 4.32
C GLY C 297 15.43 -13.86 5.31
N PRO C 298 15.78 -13.70 6.58
CA PRO C 298 15.25 -14.61 7.59
C PRO C 298 13.72 -14.69 7.61
N GLY C 299 13.20 -15.87 7.30
CA GLY C 299 11.75 -16.11 7.31
C GLY C 299 10.98 -15.39 6.22
N ARG C 300 11.69 -14.94 5.18
CA ARG C 300 11.08 -14.05 4.19
C ARG C 300 11.56 -14.24 2.77
N MSE C 301 10.59 -14.38 1.88
CA MSE C 301 10.81 -14.30 0.44
C MSE C 301 9.76 -13.37 -0.10
O MSE C 301 8.58 -13.61 0.05
CB MSE C 301 10.67 -15.72 -0.10
CG MSE C 301 11.22 -15.88 -1.50
SE MSE C 301 11.64 -17.78 -1.81
CE MSE C 301 12.22 -17.41 -3.66
N ASP C 302 10.21 -12.27 -0.71
CA ASP C 302 9.30 -11.31 -1.34
C ASP C 302 9.11 -11.73 -2.80
N PHE C 303 7.91 -12.21 -3.11
CA PHE C 303 7.62 -12.75 -4.44
C PHE C 303 7.25 -11.69 -5.47
N ARG C 304 7.14 -10.42 -5.06
CA ARG C 304 6.87 -9.35 -6.02
C ARG C 304 7.93 -9.33 -7.13
N PHE C 305 7.47 -9.06 -8.34
CA PHE C 305 8.38 -8.91 -9.48
C PHE C 305 8.84 -7.46 -9.55
N PHE C 306 10.15 -7.26 -9.48
CA PHE C 306 10.73 -5.92 -9.60
C PHE C 306 11.43 -5.80 -10.96
N ALA C 307 10.96 -4.87 -11.79
CA ALA C 307 11.42 -4.77 -13.17
C ALA C 307 12.88 -4.34 -13.34
N LEU C 308 13.32 -3.35 -12.57
CA LEU C 308 14.67 -2.83 -12.75
C LEU C 308 15.72 -3.89 -12.37
N GLY C 309 15.52 -4.53 -11.22
CA GLY C 309 16.42 -5.60 -10.78
C GLY C 309 16.53 -6.74 -11.79
N ASN C 310 15.39 -7.16 -12.33
CA ASN C 310 15.38 -8.25 -13.30
C ASN C 310 16.04 -7.88 -14.63
N LEU C 311 15.73 -6.69 -15.14
CA LEU C 311 16.29 -6.23 -16.40
C LEU C 311 17.81 -6.03 -16.32
N MSE C 312 18.28 -5.43 -15.23
CA MSE C 312 19.72 -5.24 -15.01
C MSE C 312 20.42 -6.55 -14.78
O MSE C 312 21.60 -6.68 -15.06
CB MSE C 312 20.00 -4.33 -13.80
CG MSE C 312 20.00 -2.84 -14.16
SE MSE C 312 21.41 -2.33 -15.45
CE MSE C 312 22.99 -3.09 -14.55
N ALA C 313 19.70 -7.54 -14.26
CA ALA C 313 20.27 -8.88 -14.07
C ALA C 313 20.61 -9.52 -15.43
N ILE C 314 19.78 -9.22 -16.44
CA ILE C 314 20.04 -9.66 -17.81
C ILE C 314 21.21 -8.89 -18.41
N LEU C 315 21.21 -7.56 -18.26
CA LEU C 315 22.24 -6.72 -18.88
C LEU C 315 23.64 -6.90 -18.28
N ALA C 316 23.71 -7.06 -16.96
CA ALA C 316 24.98 -7.24 -16.28
C ALA C 316 25.51 -8.69 -16.35
N GLY C 317 24.75 -9.59 -16.96
CA GLY C 317 25.15 -10.98 -17.09
C GLY C 317 25.06 -11.79 -15.80
N LEU C 318 24.32 -11.27 -14.81
CA LEU C 318 24.12 -11.97 -13.55
C LEU C 318 23.24 -13.18 -13.79
N ALA C 319 22.10 -12.96 -14.44
CA ALA C 319 21.27 -14.05 -14.94
C ALA C 319 22.02 -14.81 -16.03
N SER C 320 21.78 -16.12 -16.09
CA SER C 320 22.30 -16.95 -17.19
C SER C 320 21.51 -16.64 -18.46
N GLU C 321 21.97 -17.21 -19.57
CA GLU C 321 21.27 -17.07 -20.86
C GLU C 321 19.84 -17.59 -20.76
N GLU C 322 19.66 -18.79 -20.22
CA GLU C 322 18.32 -19.38 -20.10
C GLU C 322 17.44 -18.54 -19.17
N GLU C 323 18.00 -18.11 -18.05
CA GLU C 323 17.26 -17.27 -17.10
C GLU C 323 16.80 -15.97 -17.75
N SER C 324 17.65 -15.41 -18.59
CA SER C 324 17.34 -14.19 -19.33
C SER C 324 16.19 -14.40 -20.30
N GLN C 325 16.20 -15.53 -21.00
CA GLN C 325 15.08 -15.89 -21.88
C GLN C 325 13.78 -16.05 -21.11
N ARG C 326 13.84 -16.69 -19.95
CA ARG C 326 12.65 -16.93 -19.14
C ARG C 326 12.03 -15.66 -18.54
N ILE C 327 12.88 -14.69 -18.17
CA ILE C 327 12.40 -13.37 -17.76
C ILE C 327 11.63 -12.68 -18.90
N MSE C 328 12.18 -12.70 -20.10
CA MSE C 328 11.52 -12.09 -21.27
C MSE C 328 10.26 -12.81 -21.65
O MSE C 328 9.28 -12.19 -22.09
CB MSE C 328 12.46 -12.06 -22.47
CG MSE C 328 13.63 -11.11 -22.23
SE MSE C 328 12.98 -9.25 -22.05
CE MSE C 328 14.19 -8.69 -20.64
N ASN C 329 10.26 -14.13 -21.51
CA ASN C 329 9.04 -14.93 -21.70
C ASN C 329 7.93 -14.49 -20.74
N LEU C 330 8.32 -14.12 -19.53
CA LEU C 330 7.36 -13.65 -18.53
C LEU C 330 6.76 -12.32 -18.99
N PHE C 331 7.61 -11.41 -19.44
CA PHE C 331 7.14 -10.13 -20.01
C PHE C 331 6.16 -10.33 -21.16
N ALA C 332 6.45 -11.29 -22.05
CA ALA C 332 5.55 -11.60 -23.17
C ALA C 332 4.20 -12.15 -22.71
N HIS C 333 4.24 -13.10 -21.79
CA HIS C 333 3.04 -13.75 -21.28
C HIS C 333 2.20 -12.84 -20.38
N ARG C 334 2.86 -11.99 -19.59
CA ARG C 334 2.17 -11.05 -18.71
C ARG C 334 2.35 -9.60 -19.15
N TRP C 335 2.25 -9.39 -20.46
CA TRP C 335 2.42 -8.07 -21.07
C TRP C 335 1.48 -7.01 -20.51
N GLU C 336 0.22 -7.37 -20.31
CA GLU C 336 -0.76 -6.42 -19.77
C GLU C 336 -0.38 -5.95 -18.37
N ASP C 337 0.11 -6.86 -17.54
CA ASP C 337 0.52 -6.55 -16.17
C ASP C 337 1.81 -5.73 -16.11
N LEU C 338 2.77 -6.07 -16.96
CA LEU C 338 4.11 -5.48 -16.83
C LEU C 338 4.39 -4.32 -17.78
N ILE C 339 3.63 -4.22 -18.87
CA ILE C 339 3.76 -3.10 -19.81
C ILE C 339 2.46 -2.32 -19.89
N GLY C 340 1.36 -3.01 -20.20
CA GLY C 340 0.05 -2.39 -20.27
C GLY C 340 0.08 -1.20 -21.22
N TYR C 341 -0.42 -0.06 -20.74
CA TYR C 341 -0.47 1.14 -21.56
C TYR C 341 0.78 2.03 -21.48
N MSE C 342 1.72 1.70 -20.58
CA MSE C 342 2.99 2.46 -20.50
C MSE C 342 4.10 1.60 -19.94
O MSE C 342 4.05 1.20 -18.77
CB MSE C 342 2.78 3.69 -19.63
CG MSE C 342 4.08 4.48 -19.37
SE MSE C 342 5.00 5.01 -21.04
CE MSE C 342 3.76 6.42 -21.60
N PRO C 343 5.13 1.29 -20.78
CA PRO C 343 6.23 0.58 -20.12
C PRO C 343 6.98 1.50 -19.16
N VAL C 344 7.51 0.99 -18.06
CA VAL C 344 7.37 -0.40 -17.61
C VAL C 344 6.90 -0.37 -16.16
N LYS C 345 6.07 -1.32 -15.76
CA LYS C 345 5.64 -1.39 -14.35
C LYS C 345 6.84 -1.67 -13.44
N ILE C 346 6.99 -0.83 -12.43
CA ILE C 346 8.16 -0.86 -11.55
C ILE C 346 8.20 -2.11 -10.67
N CYS C 347 7.05 -2.53 -10.18
CA CYS C 347 6.93 -3.79 -9.47
C CYS C 347 5.49 -4.27 -9.50
N TYR C 348 5.32 -5.59 -9.40
CA TYR C 348 4.01 -6.21 -9.49
C TYR C 348 3.91 -7.36 -8.48
N PRO C 349 2.78 -7.49 -7.77
CA PRO C 349 1.62 -6.61 -7.74
C PRO C 349 1.75 -5.49 -6.71
N ALA C 350 0.79 -4.57 -6.73
CA ALA C 350 0.72 -3.50 -5.75
C ALA C 350 0.37 -4.04 -4.37
N LEU C 351 0.86 -3.36 -3.34
CA LEU C 351 0.37 -3.55 -1.98
C LEU C 351 -0.97 -2.84 -1.85
N GLN C 352 -1.97 -3.55 -1.31
CA GLN C 352 -3.33 -3.01 -1.21
C GLN C 352 -3.92 -3.14 0.20
N GLY C 353 -4.93 -2.31 0.47
CA GLY C 353 -5.68 -2.38 1.72
C GLY C 353 -4.80 -2.33 2.95
N LEU C 354 -5.01 -3.26 3.87
CA LEU C 354 -4.28 -3.27 5.13
C LEU C 354 -2.78 -3.53 4.92
N GLU C 355 -2.43 -4.25 3.85
CA GLU C 355 -1.02 -4.48 3.54
C GLU C 355 -0.30 -3.17 3.16
N TRP C 356 -0.96 -2.31 2.39
CA TRP C 356 -0.43 -0.98 2.09
C TRP C 356 -0.20 -0.20 3.38
N GLN C 357 -1.22 -0.18 4.24
CA GLN C 357 -1.13 0.49 5.54
C GLN C 357 0.11 0.03 6.33
N ILE C 358 0.20 -1.28 6.54
CA ILE C 358 1.25 -1.87 7.36
C ILE C 358 2.64 -1.71 6.75
N VAL C 359 2.76 -1.99 5.45
CA VAL C 359 4.07 -2.02 4.81
C VAL C 359 4.62 -0.63 4.53
N THR C 360 3.77 0.32 4.15
CA THR C 360 4.24 1.68 3.79
C THR C 360 4.04 2.72 4.89
N GLY C 361 3.35 2.34 5.97
CA GLY C 361 2.98 3.29 7.02
C GLY C 361 1.97 4.31 6.52
N CYS C 362 1.00 3.82 5.73
CA CYS C 362 -0.04 4.67 5.13
C CYS C 362 0.51 5.84 4.32
N ASP C 363 1.51 5.56 3.49
CA ASP C 363 2.15 6.59 2.67
C ASP C 363 1.23 7.02 1.52
N PRO C 364 0.75 8.28 1.54
CA PRO C 364 -0.20 8.72 0.50
C PRO C 364 0.39 8.83 -0.91
N LYS C 365 1.70 8.96 -1.04
CA LYS C 365 2.28 8.99 -2.38
C LYS C 365 2.37 7.57 -3.01
N ASN C 366 2.27 6.53 -2.18
CA ASN C 366 2.38 5.15 -2.65
C ASN C 366 1.11 4.31 -2.43
N ILE C 367 -0.04 4.93 -2.67
CA ILE C 367 -1.32 4.19 -2.70
C ILE C 367 -1.27 3.12 -3.80
N PRO C 368 -2.19 2.14 -3.75
CA PRO C 368 -2.18 1.02 -4.69
C PRO C 368 -2.14 1.43 -6.17
N TRP C 369 -1.18 0.88 -6.90
CA TRP C 369 -0.95 1.10 -8.32
C TRP C 369 -0.48 2.52 -8.63
N SER C 370 0.18 3.16 -7.66
CA SER C 370 0.71 4.50 -7.86
C SER C 370 2.18 4.58 -7.47
N TYR C 371 2.95 5.29 -8.29
CA TYR C 371 4.33 5.62 -7.98
C TYR C 371 5.17 4.34 -7.81
N HIS C 372 5.84 4.17 -6.67
CA HIS C 372 6.64 2.97 -6.43
C HIS C 372 5.78 1.71 -6.26
N ASN C 373 4.54 1.90 -5.80
CA ASN C 373 3.64 0.80 -5.45
C ASN C 373 2.83 0.31 -6.65
N GLY C 374 3.55 -0.17 -7.67
CA GLY C 374 2.90 -0.72 -8.87
C GLY C 374 2.56 0.31 -9.94
N GLY C 375 3.22 1.46 -9.91
CA GLY C 375 3.10 2.42 -11.01
C GLY C 375 3.96 2.01 -12.18
N ASN C 376 3.72 2.65 -13.33
CA ASN C 376 4.47 2.40 -14.57
C ASN C 376 5.40 3.57 -14.87
N TRP C 377 6.68 3.27 -15.10
CA TRP C 377 7.72 4.29 -15.20
C TRP C 377 8.39 4.31 -16.57
N PRO C 378 8.11 5.35 -17.37
CA PRO C 378 8.65 5.45 -18.74
C PRO C 378 10.17 5.25 -18.84
N VAL C 379 10.93 5.77 -17.88
CA VAL C 379 12.39 5.63 -17.90
C VAL C 379 12.84 4.18 -18.10
N LEU C 380 12.14 3.23 -17.48
CA LEU C 380 12.51 1.81 -17.53
C LEU C 380 12.51 1.22 -18.95
N LEU C 381 11.87 1.92 -19.88
CA LEU C 381 11.87 1.55 -21.29
C LEU C 381 13.28 1.34 -21.85
N TRP C 382 14.25 2.14 -21.42
CA TRP C 382 15.62 1.99 -21.94
C TRP C 382 16.25 0.67 -21.48
N LEU C 383 15.99 0.28 -20.24
CA LEU C 383 16.46 -1.02 -19.72
C LEU C 383 15.80 -2.17 -20.46
N PHE C 384 14.49 -2.05 -20.65
CA PHE C 384 13.72 -3.10 -21.31
C PHE C 384 14.17 -3.30 -22.75
N THR C 385 14.42 -2.19 -23.44
CA THR C 385 14.85 -2.24 -24.83
C THR C 385 16.21 -2.91 -24.94
N ALA C 386 17.13 -2.49 -24.09
CA ALA C 386 18.46 -3.09 -24.01
C ALA C 386 18.37 -4.60 -23.78
N ALA C 387 17.53 -4.99 -22.83
CA ALA C 387 17.40 -6.38 -22.45
C ALA C 387 16.77 -7.20 -23.56
N ALA C 388 15.75 -6.63 -24.20
CA ALA C 388 15.08 -7.26 -25.32
C ALA C 388 16.03 -7.49 -26.50
N LEU C 389 16.88 -6.50 -26.78
CA LEU C 389 17.88 -6.61 -27.85
C LEU C 389 18.91 -7.69 -27.51
N LYS C 390 19.35 -7.70 -26.26
CA LYS C 390 20.35 -8.65 -25.80
C LYS C 390 19.86 -10.10 -25.86
N THR C 391 18.58 -10.32 -25.56
CA THR C 391 17.98 -11.65 -25.60
C THR C 391 17.39 -12.01 -26.97
N GLY C 392 17.56 -11.13 -27.94
CA GLY C 392 17.04 -11.35 -29.29
C GLY C 392 15.53 -11.38 -29.39
N LYS C 393 14.86 -10.53 -28.60
CA LYS C 393 13.41 -10.41 -28.64
C LYS C 393 13.08 -8.98 -29.03
N VAL C 394 13.47 -8.62 -30.26
CA VAL C 394 13.38 -7.23 -30.73
C VAL C 394 11.93 -6.75 -30.84
N GLU C 395 11.04 -7.66 -31.18
CA GLU C 395 9.62 -7.33 -31.36
C GLU C 395 9.01 -6.76 -30.08
N LEU C 396 9.46 -7.24 -28.92
CA LEU C 396 8.97 -6.74 -27.64
C LEU C 396 9.43 -5.30 -27.46
N ALA C 397 10.70 -5.04 -27.77
CA ALA C 397 11.25 -3.68 -27.68
C ALA C 397 10.44 -2.72 -28.56
N HIS C 398 10.16 -3.14 -29.78
CA HIS C 398 9.43 -2.32 -30.73
C HIS C 398 8.00 -1.97 -30.26
N GLU C 399 7.29 -2.96 -29.74
CA GLU C 399 5.93 -2.76 -29.25
C GLU C 399 5.95 -1.81 -28.04
N ALA C 400 6.89 -2.03 -27.14
CA ALA C 400 7.02 -1.19 -25.94
C ALA C 400 7.27 0.29 -26.31
N ILE C 401 8.20 0.51 -27.23
CA ILE C 401 8.53 1.87 -27.70
C ILE C 401 7.33 2.50 -28.40
N ALA C 402 6.64 1.72 -29.23
CA ALA C 402 5.43 2.19 -29.90
C ALA C 402 4.37 2.66 -28.90
N ILE C 403 4.17 1.87 -27.84
CA ILE C 403 3.20 2.24 -26.80
C ILE C 403 3.57 3.56 -26.15
N ALA C 404 4.81 3.67 -25.67
CA ALA C 404 5.27 4.88 -25.00
C ALA C 404 5.22 6.09 -25.91
N GLU C 405 5.73 5.93 -27.12
CA GLU C 405 5.80 7.00 -28.12
C GLU C 405 4.44 7.63 -28.41
N GLY C 406 3.39 6.81 -28.38
CA GLY C 406 2.04 7.27 -28.65
C GLY C 406 1.39 8.12 -27.55
N ARG C 407 2.04 8.24 -26.39
CA ARG C 407 1.47 8.97 -25.26
C ARG C 407 2.38 10.05 -24.67
N LEU C 408 3.68 9.77 -24.58
CA LEU C 408 4.57 10.61 -23.78
C LEU C 408 4.57 12.09 -24.17
N SER C 409 4.82 12.36 -25.45
CA SER C 409 4.85 13.73 -25.96
C SER C 409 3.54 14.45 -25.68
N ASN C 410 2.42 13.80 -25.99
CA ASN C 410 1.10 14.38 -25.73
C ASN C 410 0.84 14.68 -24.25
N ASP C 411 1.30 13.79 -23.39
CA ASP C 411 1.16 13.94 -21.93
C ASP C 411 2.26 14.80 -21.30
N LYS C 412 3.15 15.34 -22.14
CA LYS C 412 4.27 16.18 -21.71
C LYS C 412 5.28 15.43 -20.82
N PHE C 413 5.56 14.19 -21.21
CA PHE C 413 6.58 13.34 -20.57
C PHE C 413 6.48 13.26 -19.04
N PRO C 414 5.36 12.69 -18.54
CA PRO C 414 5.22 12.53 -17.09
C PRO C 414 6.28 11.63 -16.45
N GLU C 415 6.52 11.87 -15.17
CA GLU C 415 7.44 11.11 -14.35
C GLU C 415 7.02 9.64 -14.21
N TYR C 416 5.73 9.43 -14.00
CA TYR C 416 5.18 8.07 -13.89
C TYR C 416 3.71 8.04 -14.23
N TYR C 417 3.21 6.82 -14.44
CA TYR C 417 1.81 6.54 -14.72
C TYR C 417 1.28 5.57 -13.66
N ASP C 418 -0.03 5.62 -13.42
CA ASP C 418 -0.71 4.83 -12.37
C ASP C 418 -1.78 3.90 -12.91
N GLY C 419 -2.24 2.98 -12.06
CA GLY C 419 -3.28 2.00 -12.40
C GLY C 419 -2.70 0.62 -12.65
N ASN C 420 -3.54 -0.41 -12.59
CA ASN C 420 -3.10 -1.78 -12.89
C ASN C 420 -2.36 -1.85 -14.23
N ASN C 421 -2.87 -1.13 -15.21
CA ASN C 421 -2.34 -1.19 -16.57
C ASN C 421 -1.73 0.13 -17.05
N GLY C 422 -1.43 1.03 -16.12
CA GLY C 422 -0.75 2.30 -16.45
C GLY C 422 -1.57 3.30 -17.25
N ARG C 423 -2.89 3.21 -17.16
CA ARG C 423 -3.80 4.10 -17.89
C ARG C 423 -3.81 5.54 -17.44
N LEU C 424 -3.59 5.76 -16.15
CA LEU C 424 -3.63 7.10 -15.57
C LEU C 424 -2.25 7.74 -15.61
N ILE C 425 -2.23 9.05 -15.85
CA ILE C 425 -1.02 9.82 -15.61
C ILE C 425 -0.82 9.82 -14.09
N GLY C 426 0.43 9.71 -13.67
CA GLY C 426 0.78 9.61 -12.26
C GLY C 426 0.12 10.66 -11.39
N LYS C 427 -0.41 10.21 -10.25
CA LYS C 427 -1.19 11.03 -9.32
C LYS C 427 -0.52 12.36 -9.00
N GLU C 428 0.76 12.31 -8.62
CA GLU C 428 1.55 13.51 -8.36
C GLU C 428 2.75 13.62 -9.30
N ALA C 429 2.64 13.02 -10.48
CA ALA C 429 3.76 12.99 -11.43
C ALA C 429 4.16 14.39 -11.87
N ARG C 430 5.45 14.70 -11.81
CA ARG C 430 5.97 15.91 -12.46
C ARG C 430 5.87 15.73 -13.98
N ILE C 431 5.61 16.82 -14.70
CA ILE C 431 5.69 16.81 -16.16
C ILE C 431 7.09 17.25 -16.59
N TYR C 432 7.42 16.94 -17.84
CA TYR C 432 8.77 17.13 -18.38
C TYR C 432 9.83 16.52 -17.46
N GLN C 433 9.58 15.27 -17.05
CA GLN C 433 10.56 14.51 -16.26
C GLN C 433 11.69 14.08 -17.21
N THR C 434 12.89 14.50 -16.88
CA THR C 434 14.04 14.33 -17.77
C THR C 434 14.30 12.87 -18.16
N TRP C 435 14.30 11.95 -17.19
CA TRP C 435 14.61 10.55 -17.52
C TRP C 435 13.48 9.83 -18.26
N SER C 436 12.29 10.42 -18.28
CA SER C 436 11.22 9.92 -19.14
C SER C 436 11.52 10.32 -20.60
N ILE C 437 12.04 11.52 -20.79
CA ILE C 437 12.46 11.99 -22.12
C ILE C 437 13.68 11.21 -22.58
N ALA C 438 14.69 11.14 -21.71
CA ALA C 438 15.95 10.44 -22.03
C ALA C 438 15.76 8.95 -22.26
N GLY C 439 14.92 8.32 -21.43
CA GLY C 439 14.63 6.89 -21.56
C GLY C 439 14.13 6.51 -22.95
N LEU C 440 13.18 7.29 -23.46
CA LEU C 440 12.65 7.07 -24.81
C LEU C 440 13.73 7.26 -25.87
N LEU C 441 14.50 8.34 -25.75
CA LEU C 441 15.60 8.61 -26.70
C LEU C 441 16.63 7.48 -26.70
N VAL C 442 17.05 7.04 -25.51
CA VAL C 442 18.01 5.94 -25.39
C VAL C 442 17.46 4.66 -26.05
N ALA C 443 16.19 4.35 -25.80
CA ALA C 443 15.56 3.15 -26.35
C ALA C 443 15.61 3.17 -27.88
N LYS C 444 15.24 4.31 -28.45
CA LYS C 444 15.24 4.50 -29.91
C LYS C 444 16.65 4.40 -30.49
N GLN C 445 17.63 5.01 -29.82
CA GLN C 445 19.02 4.94 -30.27
C GLN C 445 19.58 3.52 -30.21
N PHE C 446 19.28 2.79 -29.13
CA PHE C 446 19.64 1.37 -29.04
C PHE C 446 19.03 0.58 -30.19
N LEU C 447 17.77 0.82 -30.48
CA LEU C 447 17.08 0.12 -31.56
C LEU C 447 17.73 0.41 -32.92
N ALA C 448 18.07 1.67 -33.15
CA ALA C 448 18.73 2.11 -34.38
C ALA C 448 20.14 1.51 -34.54
N ASN C 449 20.87 1.40 -33.44
CA ASN C 449 22.20 0.77 -33.44
C ASN C 449 22.42 -0.12 -32.19
N PRO C 450 21.99 -1.39 -32.26
CA PRO C 450 22.07 -2.35 -31.14
C PRO C 450 23.46 -2.54 -30.51
N ASP C 451 24.53 -2.17 -31.22
CA ASP C 451 25.90 -2.25 -30.70
C ASP C 451 26.14 -1.34 -29.49
N HIS C 452 25.41 -0.23 -29.43
CA HIS C 452 25.48 0.71 -28.30
C HIS C 452 25.05 0.10 -26.97
N VAL C 453 24.32 -1.02 -27.01
CA VAL C 453 23.90 -1.74 -25.80
C VAL C 453 25.12 -2.20 -24.97
N GLU C 454 26.26 -2.38 -25.63
CA GLU C 454 27.50 -2.78 -24.97
C GLU C 454 27.99 -1.78 -23.91
N PHE C 455 27.54 -0.53 -23.98
CA PHE C 455 27.89 0.49 -22.98
C PHE C 455 27.43 0.11 -21.58
N ILE C 456 26.27 -0.54 -21.50
CA ILE C 456 25.66 -0.94 -20.21
C ILE C 456 25.77 -2.45 -19.95
N SER C 457 26.32 -3.20 -20.90
CA SER C 457 26.48 -4.65 -20.77
C SER C 457 27.90 -5.08 -21.13
C1 FRU D . -42.72 -0.99 -3.83
C2 FRU D . -41.86 0.27 -3.67
C3 FRU D . -40.59 0.02 -2.84
C4 FRU D . -40.52 1.19 -1.86
C5 FRU D . -41.96 1.64 -1.74
C6 FRU D . -42.10 3.12 -1.45
O1 FRU D . -43.19 -1.47 -2.56
O2 FRU D . -41.56 0.73 -5.00
O3 FRU D . -39.39 -0.05 -3.62
O4 FRU D . -39.95 0.81 -0.61
O5 FRU D . -42.61 1.28 -2.98
O6 FRU D . -43.43 3.44 -1.02
C1 GOL E . -42.56 1.56 -8.18
O1 GOL E . -42.43 2.34 -9.36
C2 GOL E . -41.67 0.34 -8.28
O2 GOL E . -40.30 0.76 -8.21
C3 GOL E . -41.94 -0.33 -9.63
O3 GOL E . -43.36 -0.47 -9.78
C1 FRU F . 15.04 -22.16 19.16
C2 FRU F . 15.40 -20.89 18.41
C3 FRU F . 14.24 -20.37 17.55
C4 FRU F . 14.90 -19.93 16.25
C5 FRU F . 16.14 -20.80 16.17
C6 FRU F . 17.31 -20.12 15.46
O1 FRU F . 14.88 -23.25 18.24
O2 FRU F . 15.79 -19.90 19.37
O3 FRU F . 13.56 -19.30 18.18
O4 FRU F . 14.04 -20.10 15.12
O5 FRU F . 16.50 -21.12 17.52
O6 FRU F . 18.34 -21.06 15.14
C1 GOL G . 16.39 -19.67 24.26
O1 GOL G . 17.10 -20.89 24.38
C2 GOL G . 16.13 -19.34 22.79
O2 GOL G . 15.20 -18.26 22.72
C3 GOL G . 17.43 -18.91 22.16
O3 GOL G . 18.08 -17.98 23.01
C1 FRU H . 11.10 12.86 -4.75
C2 FRU H . 11.70 11.68 -3.98
C3 FRU H . 10.65 10.95 -3.13
C4 FRU H . 11.34 10.70 -1.81
C5 FRU H . 12.36 11.83 -1.71
C6 FRU H . 13.57 11.46 -0.88
O1 FRU H . 10.75 13.90 -3.84
O2 FRU H . 12.30 10.78 -4.93
O3 FRU H . 10.16 9.76 -3.76
O4 FRU H . 10.42 10.69 -0.71
O5 FRU H . 12.72 12.13 -3.06
O6 FRU H . 14.42 12.60 -0.64
C1 GOL I . 14.52 10.43 -7.77
O1 GOL I . 15.22 9.53 -8.63
C2 GOL I . 13.09 10.58 -8.25
O2 GOL I . 12.46 9.32 -8.05
C3 GOL I . 13.11 10.92 -9.74
O3 GOL I . 13.80 12.15 -9.97
#